data_2EAM
#
_entry.id   2EAM
#
_cell.length_a   1.000
_cell.length_b   1.000
_cell.length_c   1.000
_cell.angle_alpha   90.00
_cell.angle_beta   90.00
_cell.angle_gamma   90.00
#
_symmetry.space_group_name_H-M   'P 1'
#
_entity_poly.entity_id   1
_entity_poly.type   'polypeptide(L)'
_entity_poly.pdbx_seq_one_letter_code
;GSSGSSGPRCPVQTVGQWLESIGLPQYENHLMANGFDNVQFMGSNVMEDQDLLEIGILNSGHRQRILQAIQLLPSGPSSG
;
_entity_poly.pdbx_strand_id   A
#
# COMPACT_ATOMS: atom_id res chain seq x y z
N GLY A 1 -5.26 -1.25 29.53
CA GLY A 1 -6.09 -1.53 28.37
C GLY A 1 -6.30 -3.02 28.16
N SER A 2 -5.49 -3.61 27.30
CA SER A 2 -5.59 -5.03 27.00
C SER A 2 -6.95 -5.37 26.41
N SER A 3 -7.04 -5.35 25.08
CA SER A 3 -8.29 -5.65 24.39
C SER A 3 -8.08 -6.70 23.32
N GLY A 4 -8.54 -7.92 23.59
CA GLY A 4 -8.40 -9.00 22.63
C GLY A 4 -9.69 -9.30 21.89
N SER A 5 -9.81 -8.78 20.67
CA SER A 5 -11.00 -8.99 19.86
C SER A 5 -10.65 -8.96 18.37
N SER A 6 -11.69 -9.01 17.54
CA SER A 6 -11.50 -8.99 16.09
C SER A 6 -12.45 -8.00 15.42
N GLY A 7 -12.64 -6.85 16.08
CA GLY A 7 -13.53 -5.84 15.53
C GLY A 7 -13.02 -4.43 15.78
N PRO A 8 -11.92 -4.07 15.09
CA PRO A 8 -11.32 -2.74 15.21
C PRO A 8 -12.18 -1.65 14.61
N ARG A 9 -12.77 -1.93 13.45
CA ARG A 9 -13.62 -0.97 12.76
C ARG A 9 -12.88 0.36 12.57
N CYS A 10 -11.99 0.40 11.58
CA CYS A 10 -11.22 1.61 11.29
C CYS A 10 -11.50 2.10 9.87
N PRO A 11 -11.20 3.37 9.62
CA PRO A 11 -11.41 3.99 8.31
C PRO A 11 -10.45 3.46 7.26
N VAL A 12 -11.01 2.79 6.25
CA VAL A 12 -10.20 2.22 5.17
C VAL A 12 -9.67 3.32 4.25
N GLN A 13 -8.36 3.30 4.03
CA GLN A 13 -7.73 4.29 3.17
C GLN A 13 -7.49 3.72 1.76
N THR A 14 -7.20 4.61 0.82
CA THR A 14 -6.96 4.20 -0.57
C THR A 14 -5.52 4.48 -0.97
N VAL A 15 -5.07 3.81 -2.03
CA VAL A 15 -3.70 3.99 -2.53
C VAL A 15 -3.40 5.47 -2.76
N GLY A 16 -4.36 6.19 -3.32
CA GLY A 16 -4.19 7.60 -3.59
C GLY A 16 -3.81 8.39 -2.35
N GLN A 17 -4.73 8.46 -1.40
CA GLN A 17 -4.50 9.20 -0.16
C GLN A 17 -3.31 8.61 0.59
N TRP A 18 -3.09 7.31 0.43
CA TRP A 18 -1.99 6.63 1.10
C TRP A 18 -0.64 7.20 0.65
N LEU A 19 -0.47 7.32 -0.66
CA LEU A 19 0.77 7.85 -1.22
C LEU A 19 0.98 9.30 -0.80
N GLU A 20 -0.12 10.06 -0.71
CA GLU A 20 -0.06 11.45 -0.32
C GLU A 20 0.54 11.60 1.08
N SER A 21 0.41 10.56 1.89
CA SER A 21 0.94 10.57 3.25
C SER A 21 2.46 10.50 3.24
N ILE A 22 2.99 9.39 2.73
CA ILE A 22 4.44 9.20 2.66
C ILE A 22 5.11 10.39 1.99
N GLY A 23 4.41 11.05 1.08
CA GLY A 23 4.96 12.20 0.39
C GLY A 23 5.48 11.85 -1.00
N LEU A 24 4.71 11.05 -1.73
CA LEU A 24 5.10 10.64 -3.08
C LEU A 24 3.86 10.39 -3.94
N PRO A 25 3.14 11.47 -4.26
CA PRO A 25 1.93 11.39 -5.09
C PRO A 25 2.25 11.05 -6.54
N GLN A 26 3.47 11.34 -6.96
CA GLN A 26 3.90 11.07 -8.32
C GLN A 26 3.69 9.60 -8.67
N TYR A 27 3.70 8.74 -7.66
CA TYR A 27 3.52 7.31 -7.86
C TYR A 27 2.05 6.92 -7.67
N GLU A 28 1.16 7.78 -8.12
CA GLU A 28 -0.27 7.52 -7.99
C GLU A 28 -0.79 6.70 -9.18
N ASN A 29 -0.23 6.95 -10.35
CA ASN A 29 -0.62 6.22 -11.55
C ASN A 29 0.19 4.95 -11.72
N HIS A 30 1.40 4.95 -11.16
CA HIS A 30 2.28 3.79 -11.25
C HIS A 30 1.58 2.53 -10.76
N LEU A 31 1.32 2.47 -9.47
CA LEU A 31 0.65 1.31 -8.87
C LEU A 31 -0.66 1.02 -9.59
N MET A 32 -1.47 2.05 -9.78
CA MET A 32 -2.76 1.92 -10.46
C MET A 32 -2.57 1.29 -11.83
N ALA A 33 -1.38 1.48 -12.41
CA ALA A 33 -1.08 0.94 -13.73
C ALA A 33 -0.63 -0.52 -13.64
N ASN A 34 -0.08 -0.88 -12.48
CA ASN A 34 0.40 -2.25 -12.25
C ASN A 34 -0.66 -3.09 -11.56
N GLY A 35 -1.93 -2.73 -11.76
CA GLY A 35 -3.02 -3.46 -11.14
C GLY A 35 -2.88 -3.54 -9.63
N PHE A 36 -2.63 -2.40 -9.00
CA PHE A 36 -2.47 -2.34 -7.55
C PHE A 36 -3.51 -1.41 -6.93
N ASP A 37 -4.79 -1.76 -7.10
CA ASP A 37 -5.87 -0.96 -6.56
C ASP A 37 -6.35 -1.53 -5.22
N ASN A 38 -5.45 -2.22 -4.53
CA ASN A 38 -5.78 -2.82 -3.24
C ASN A 38 -4.82 -2.34 -2.15
N VAL A 39 -5.36 -1.68 -1.13
CA VAL A 39 -4.55 -1.18 -0.03
C VAL A 39 -4.43 -2.21 1.09
N GLN A 40 -5.46 -3.03 1.24
CA GLN A 40 -5.46 -4.06 2.27
C GLN A 40 -4.48 -5.18 1.92
N PHE A 41 -4.37 -5.48 0.63
CA PHE A 41 -3.46 -6.53 0.17
C PHE A 41 -2.01 -6.15 0.43
N MET A 42 -1.68 -4.88 0.23
CA MET A 42 -0.32 -4.39 0.45
C MET A 42 0.09 -4.59 1.91
N GLY A 43 1.21 -5.27 2.10
CA GLY A 43 1.69 -5.52 3.45
C GLY A 43 1.58 -6.97 3.85
N SER A 44 2.38 -7.83 3.22
CA SER A 44 2.35 -9.26 3.51
C SER A 44 3.37 -10.00 2.66
N ASN A 45 3.05 -10.17 1.38
CA ASN A 45 3.94 -10.86 0.45
C ASN A 45 3.84 -10.27 -0.95
N VAL A 46 3.51 -8.98 -1.01
CA VAL A 46 3.38 -8.29 -2.30
C VAL A 46 3.87 -6.85 -2.20
N MET A 47 4.35 -6.31 -3.31
CA MET A 47 4.85 -4.94 -3.35
C MET A 47 6.06 -4.77 -2.44
N GLU A 48 7.07 -5.60 -2.65
CA GLU A 48 8.29 -5.54 -1.83
C GLU A 48 9.33 -4.66 -2.49
N ASP A 49 10.51 -4.59 -1.87
CA ASP A 49 11.60 -3.76 -2.40
C ASP A 49 11.87 -4.09 -3.87
N GLN A 50 11.63 -5.34 -4.24
CA GLN A 50 11.84 -5.78 -5.62
C GLN A 50 10.67 -5.37 -6.51
N ASP A 51 9.46 -5.60 -6.03
CA ASP A 51 8.26 -5.27 -6.77
C ASP A 51 8.24 -3.77 -7.12
N LEU A 52 8.77 -2.97 -6.21
CA LEU A 52 8.80 -1.52 -6.42
C LEU A 52 9.77 -1.15 -7.54
N LEU A 53 10.76 -2.01 -7.76
CA LEU A 53 11.75 -1.77 -8.81
C LEU A 53 11.25 -2.28 -10.16
N GLU A 54 10.35 -3.27 -10.12
CA GLU A 54 9.79 -3.82 -11.34
C GLU A 54 8.69 -2.93 -11.89
N ILE A 55 7.87 -2.37 -11.00
CA ILE A 55 6.78 -1.50 -11.40
C ILE A 55 7.31 -0.28 -12.17
N GLY A 56 8.56 0.07 -11.92
CA GLY A 56 9.15 1.21 -12.59
C GLY A 56 9.97 2.08 -11.66
N ILE A 57 9.44 2.32 -10.46
CA ILE A 57 10.12 3.14 -9.47
C ILE A 57 11.55 2.66 -9.25
N LEU A 58 12.51 3.45 -9.69
CA LEU A 58 13.92 3.10 -9.54
C LEU A 58 14.54 3.83 -8.34
N ASN A 59 13.97 4.98 -8.00
CA ASN A 59 14.45 5.77 -6.87
C ASN A 59 14.56 4.93 -5.62
N SER A 60 15.80 4.63 -5.20
CA SER A 60 16.04 3.83 -4.02
C SER A 60 15.56 4.55 -2.76
N GLY A 61 15.94 5.83 -2.64
CA GLY A 61 15.54 6.61 -1.49
C GLY A 61 14.04 6.58 -1.24
N HIS A 62 13.27 6.46 -2.33
CA HIS A 62 11.82 6.42 -2.23
C HIS A 62 11.33 4.98 -2.07
N ARG A 63 12.01 4.06 -2.73
CA ARG A 63 11.64 2.65 -2.68
C ARG A 63 11.54 2.17 -1.22
N GLN A 64 12.55 2.49 -0.43
CA GLN A 64 12.59 2.10 0.98
C GLN A 64 11.47 2.80 1.75
N ARG A 65 11.30 4.10 1.49
CA ARG A 65 10.27 4.88 2.17
C ARG A 65 8.91 4.21 2.04
N ILE A 66 8.64 3.64 0.88
CA ILE A 66 7.37 2.97 0.62
C ILE A 66 7.30 1.64 1.36
N LEU A 67 8.42 0.92 1.39
CA LEU A 67 8.48 -0.37 2.05
C LEU A 67 7.96 -0.27 3.48
N GLN A 68 8.40 0.76 4.20
CA GLN A 68 7.98 0.97 5.58
C GLN A 68 6.47 1.23 5.65
N ALA A 69 5.99 2.12 4.80
CA ALA A 69 4.57 2.46 4.77
C ALA A 69 3.72 1.21 4.56
N ILE A 70 4.15 0.34 3.65
CA ILE A 70 3.42 -0.89 3.37
C ILE A 70 3.48 -1.85 4.55
N GLN A 71 4.57 -1.79 5.30
CA GLN A 71 4.74 -2.67 6.46
C GLN A 71 3.83 -2.22 7.60
N LEU A 72 3.49 -0.94 7.62
CA LEU A 72 2.63 -0.39 8.66
C LEU A 72 1.16 -0.68 8.36
N LEU A 73 0.85 -0.80 7.06
CA LEU A 73 -0.52 -1.09 6.64
C LEU A 73 -1.09 -2.29 7.38
N PRO A 74 -2.43 -2.39 7.40
CA PRO A 74 -3.12 -3.50 8.07
C PRO A 74 -2.95 -4.82 7.33
N SER A 75 -2.60 -5.87 8.07
CA SER A 75 -2.39 -7.18 7.49
C SER A 75 -3.42 -8.17 8.02
N GLY A 76 -3.87 -9.06 7.14
CA GLY A 76 -4.87 -10.05 7.52
C GLY A 76 -5.06 -11.12 6.47
N PRO A 77 -5.91 -12.11 6.77
CA PRO A 77 -6.20 -13.21 5.85
C PRO A 77 -7.02 -12.76 4.65
N SER A 78 -6.77 -13.39 3.50
CA SER A 78 -7.48 -13.04 2.28
C SER A 78 -8.12 -14.28 1.65
N SER A 79 -9.41 -14.47 1.92
CA SER A 79 -10.14 -15.61 1.38
C SER A 79 -11.47 -15.18 0.77
N GLY A 80 -11.69 -15.57 -0.48
CA GLY A 80 -12.93 -15.22 -1.15
C GLY A 80 -13.50 -16.37 -1.96
N GLY A 1 -1.05 -3.73 29.08
CA GLY A 1 -0.58 -3.55 27.71
C GLY A 1 -1.54 -2.72 26.88
N SER A 2 -1.97 -3.27 25.75
CA SER A 2 -2.88 -2.58 24.85
C SER A 2 -3.78 -3.56 24.12
N SER A 3 -3.17 -4.51 23.42
CA SER A 3 -3.91 -5.51 22.68
C SER A 3 -4.78 -4.86 21.61
N GLY A 4 -5.41 -5.68 20.77
CA GLY A 4 -6.26 -5.16 19.72
C GLY A 4 -7.73 -5.20 20.09
N SER A 5 -8.57 -4.60 19.25
CA SER A 5 -10.00 -4.55 19.50
C SER A 5 -10.79 -4.92 18.24
N SER A 6 -11.52 -6.01 18.30
CA SER A 6 -12.32 -6.47 17.16
C SER A 6 -13.58 -5.62 17.02
N GLY A 7 -13.44 -4.47 16.38
CA GLY A 7 -14.59 -3.59 16.19
C GLY A 7 -15.25 -3.81 14.84
N PRO A 8 -16.21 -2.92 14.51
CA PRO A 8 -16.96 -3.00 13.25
C PRO A 8 -16.09 -2.66 12.04
N ARG A 9 -16.71 -2.55 10.88
CA ARG A 9 -15.99 -2.21 9.65
C ARG A 9 -15.42 -0.81 9.73
N CYS A 10 -14.10 -0.71 9.71
CA CYS A 10 -13.42 0.58 9.77
C CYS A 10 -13.14 1.12 8.36
N PRO A 11 -12.91 2.44 8.28
CA PRO A 11 -12.63 3.11 7.00
C PRO A 11 -11.27 2.72 6.43
N VAL A 12 -11.29 2.04 5.29
CA VAL A 12 -10.05 1.62 4.63
C VAL A 12 -9.53 2.70 3.69
N GLN A 13 -8.26 3.05 3.84
CA GLN A 13 -7.64 4.06 3.00
C GLN A 13 -7.44 3.54 1.59
N THR A 14 -7.04 4.44 0.69
CA THR A 14 -6.80 4.07 -0.71
C THR A 14 -5.36 4.35 -1.12
N VAL A 15 -4.91 3.69 -2.18
CA VAL A 15 -3.55 3.86 -2.68
C VAL A 15 -3.24 5.33 -2.88
N GLY A 16 -4.21 6.08 -3.38
CA GLY A 16 -4.02 7.50 -3.62
C GLY A 16 -3.68 8.27 -2.35
N GLN A 17 -4.66 8.37 -1.46
CA GLN A 17 -4.46 9.08 -0.20
C GLN A 17 -3.30 8.49 0.60
N TRP A 18 -3.03 7.20 0.37
CA TRP A 18 -1.95 6.51 1.06
C TRP A 18 -0.59 7.09 0.65
N LEU A 19 -0.40 7.26 -0.66
CA LEU A 19 0.86 7.79 -1.17
C LEU A 19 1.03 9.25 -0.76
N GLU A 20 -0.08 9.97 -0.64
CA GLU A 20 -0.04 11.37 -0.26
C GLU A 20 0.53 11.53 1.15
N SER A 21 0.39 10.49 1.97
CA SER A 21 0.88 10.53 3.33
C SER A 21 2.41 10.46 3.36
N ILE A 22 2.96 9.37 2.85
CA ILE A 22 4.40 9.18 2.80
C ILE A 22 5.09 10.39 2.17
N GLY A 23 4.41 11.03 1.21
CA GLY A 23 4.97 12.18 0.54
C GLY A 23 5.50 11.85 -0.84
N LEU A 24 4.75 11.06 -1.59
CA LEU A 24 5.15 10.65 -2.94
C LEU A 24 3.93 10.39 -3.81
N PRO A 25 3.18 11.45 -4.12
CA PRO A 25 1.97 11.35 -4.96
C PRO A 25 2.30 11.03 -6.41
N GLN A 26 3.54 11.30 -6.81
CA GLN A 26 3.98 11.04 -8.17
C GLN A 26 3.76 9.58 -8.54
N TYR A 27 3.75 8.72 -7.54
CA TYR A 27 3.55 7.29 -7.77
C TYR A 27 2.08 6.91 -7.58
N GLU A 28 1.18 7.79 -8.02
CA GLU A 28 -0.25 7.55 -7.90
C GLU A 28 -0.76 6.74 -9.10
N ASN A 29 -0.15 6.96 -10.26
CA ASN A 29 -0.55 6.27 -11.47
C ASN A 29 0.25 4.98 -11.65
N HIS A 30 1.46 4.96 -11.09
CA HIS A 30 2.33 3.79 -11.19
C HIS A 30 1.60 2.54 -10.72
N LEU A 31 1.27 2.50 -9.42
CA LEU A 31 0.57 1.36 -8.85
C LEU A 31 -0.73 1.08 -9.60
N MET A 32 -1.52 2.12 -9.80
CA MET A 32 -2.79 1.99 -10.50
C MET A 32 -2.59 1.36 -11.87
N ALA A 33 -1.40 1.55 -12.44
CA ALA A 33 -1.08 1.01 -13.75
C ALA A 33 -0.62 -0.44 -13.64
N ASN A 34 -0.09 -0.81 -12.48
CA ASN A 34 0.41 -2.16 -12.25
C ASN A 34 -0.67 -3.01 -11.56
N GLY A 35 -1.93 -2.72 -11.86
CA GLY A 35 -3.02 -3.47 -11.26
C GLY A 35 -2.93 -3.51 -9.75
N PHE A 36 -2.51 -2.40 -9.15
CA PHE A 36 -2.38 -2.31 -7.70
C PHE A 36 -3.37 -1.31 -7.13
N ASP A 37 -4.64 -1.71 -7.04
CA ASP A 37 -5.68 -0.85 -6.51
C ASP A 37 -6.33 -1.47 -5.28
N ASN A 38 -5.58 -2.32 -4.59
CA ASN A 38 -6.08 -2.98 -3.39
C ASN A 38 -5.16 -2.75 -2.21
N VAL A 39 -5.40 -1.67 -1.47
CA VAL A 39 -4.58 -1.34 -0.31
C VAL A 39 -4.58 -2.47 0.71
N GLN A 40 -5.64 -3.27 0.69
CA GLN A 40 -5.77 -4.39 1.61
C GLN A 40 -4.76 -5.48 1.28
N PHE A 41 -4.37 -5.55 0.01
CA PHE A 41 -3.41 -6.55 -0.44
C PHE A 41 -2.00 -6.22 0.06
N MET A 42 -1.58 -4.97 -0.14
CA MET A 42 -0.26 -4.54 0.29
C MET A 42 -0.14 -4.57 1.80
N GLY A 43 0.61 -5.55 2.31
CA GLY A 43 0.78 -5.68 3.74
C GLY A 43 1.13 -7.10 4.16
N SER A 44 0.69 -8.07 3.36
CA SER A 44 0.96 -9.47 3.66
C SER A 44 2.17 -9.97 2.88
N ASN A 45 2.00 -10.17 1.58
CA ASN A 45 3.09 -10.64 0.73
C ASN A 45 2.94 -10.10 -0.69
N VAL A 46 3.23 -8.81 -0.86
CA VAL A 46 3.13 -8.16 -2.16
C VAL A 46 3.69 -6.74 -2.12
N MET A 47 4.19 -6.28 -3.25
CA MET A 47 4.75 -4.93 -3.34
C MET A 47 5.96 -4.78 -2.43
N GLU A 48 6.91 -5.71 -2.55
CA GLU A 48 8.11 -5.67 -1.73
C GLU A 48 9.16 -4.76 -2.35
N ASP A 49 10.34 -4.72 -1.74
CA ASP A 49 11.44 -3.88 -2.22
C ASP A 49 11.71 -4.16 -3.70
N GLN A 50 11.57 -5.42 -4.09
CA GLN A 50 11.81 -5.81 -5.48
C GLN A 50 10.64 -5.42 -6.37
N ASP A 51 9.42 -5.69 -5.91
CA ASP A 51 8.23 -5.36 -6.67
C ASP A 51 8.19 -3.86 -6.98
N LEU A 52 8.72 -3.06 -6.08
CA LEU A 52 8.74 -1.61 -6.26
C LEU A 52 9.70 -1.22 -7.38
N LEU A 53 10.70 -2.06 -7.62
CA LEU A 53 11.68 -1.80 -8.67
C LEU A 53 11.18 -2.31 -10.02
N GLU A 54 10.30 -3.31 -9.99
CA GLU A 54 9.75 -3.88 -11.20
C GLU A 54 8.63 -3.00 -11.75
N ILE A 55 7.81 -2.47 -10.85
CA ILE A 55 6.70 -1.62 -11.25
C ILE A 55 7.18 -0.41 -12.03
N GLY A 56 8.44 -0.02 -11.81
CA GLY A 56 8.99 1.11 -12.52
C GLY A 56 9.83 2.00 -11.60
N ILE A 57 9.33 2.26 -10.40
CA ILE A 57 10.02 3.10 -9.44
C ILE A 57 11.46 2.62 -9.24
N LEU A 58 12.42 3.38 -9.76
CA LEU A 58 13.82 3.04 -9.63
C LEU A 58 14.47 3.78 -8.47
N ASN A 59 13.90 4.93 -8.11
CA ASN A 59 14.42 5.73 -7.02
C ASN A 59 14.55 4.90 -5.75
N SER A 60 15.79 4.55 -5.41
CA SER A 60 16.05 3.74 -4.21
C SER A 60 15.62 4.48 -2.96
N GLY A 61 15.99 5.75 -2.86
CA GLY A 61 15.63 6.55 -1.71
C GLY A 61 14.14 6.54 -1.43
N HIS A 62 13.34 6.53 -2.49
CA HIS A 62 11.89 6.51 -2.35
C HIS A 62 11.37 5.09 -2.16
N ARG A 63 12.04 4.13 -2.80
CA ARG A 63 11.65 2.73 -2.69
C ARG A 63 11.56 2.30 -1.23
N GLN A 64 12.49 2.78 -0.42
CA GLN A 64 12.51 2.45 1.00
C GLN A 64 11.35 3.11 1.74
N ARG A 65 11.15 4.40 1.49
CA ARG A 65 10.08 5.15 2.12
C ARG A 65 8.74 4.43 1.95
N ILE A 66 8.54 3.84 0.78
CA ILE A 66 7.30 3.13 0.48
C ILE A 66 7.26 1.78 1.20
N LEU A 67 8.41 1.11 1.26
CA LEU A 67 8.52 -0.18 1.93
C LEU A 67 7.96 -0.11 3.34
N GLN A 68 8.44 0.86 4.11
CA GLN A 68 7.99 1.03 5.49
C GLN A 68 6.48 1.23 5.55
N ALA A 69 5.96 2.10 4.70
CA ALA A 69 4.53 2.38 4.65
C ALA A 69 3.73 1.09 4.46
N ILE A 70 4.15 0.29 3.48
CA ILE A 70 3.47 -0.97 3.19
C ILE A 70 3.53 -1.91 4.38
N GLN A 71 4.60 -1.79 5.18
CA GLN A 71 4.76 -2.63 6.36
C GLN A 71 3.80 -2.23 7.47
N LEU A 72 3.44 -0.95 7.49
CA LEU A 72 2.52 -0.44 8.50
C LEU A 72 1.07 -0.72 8.12
N LEU A 73 0.82 -0.85 6.81
CA LEU A 73 -0.51 -1.12 6.32
C LEU A 73 -1.09 -2.38 6.97
N PRO A 74 -2.43 -2.50 6.94
CA PRO A 74 -3.13 -3.65 7.51
C PRO A 74 -2.90 -4.93 6.73
N SER A 75 -3.61 -5.99 7.11
CA SER A 75 -3.47 -7.28 6.45
C SER A 75 -2.04 -7.80 6.54
N GLY A 76 -1.66 -8.24 7.75
CA GLY A 76 -0.32 -8.76 7.96
C GLY A 76 -0.25 -9.71 9.13
N PRO A 77 0.90 -10.40 9.27
CA PRO A 77 1.12 -11.36 10.36
C PRO A 77 1.25 -10.67 11.72
N SER A 78 0.25 -10.87 12.57
CA SER A 78 0.26 -10.27 13.90
C SER A 78 0.00 -11.32 14.97
N SER A 79 0.06 -10.91 16.23
CA SER A 79 -0.16 -11.81 17.35
C SER A 79 0.76 -13.03 17.26
N GLY A 80 2.05 -12.80 17.45
CA GLY A 80 3.01 -13.88 17.39
C GLY A 80 4.30 -13.55 18.14
N GLY A 1 -15.15 -20.44 3.45
CA GLY A 1 -15.94 -19.23 3.67
C GLY A 1 -15.50 -18.47 4.91
N SER A 2 -15.90 -17.21 5.00
CA SER A 2 -15.54 -16.37 6.14
C SER A 2 -16.22 -15.01 6.05
N SER A 3 -17.25 -14.82 6.87
CA SER A 3 -17.99 -13.57 6.88
C SER A 3 -17.56 -12.69 8.06
N GLY A 4 -17.76 -11.39 7.93
CA GLY A 4 -17.39 -10.46 8.99
C GLY A 4 -18.55 -10.16 9.93
N SER A 5 -18.77 -8.88 10.18
CA SER A 5 -19.85 -8.45 11.07
C SER A 5 -19.67 -9.03 12.46
N SER A 6 -18.56 -8.66 13.12
CA SER A 6 -18.27 -9.15 14.45
C SER A 6 -18.35 -8.02 15.47
N GLY A 7 -17.52 -7.00 15.29
CA GLY A 7 -17.52 -5.87 16.20
C GLY A 7 -16.78 -4.67 15.64
N PRO A 8 -15.45 -4.75 15.61
CA PRO A 8 -14.59 -3.68 15.10
C PRO A 8 -14.71 -3.52 13.59
N ARG A 9 -15.16 -2.34 13.16
CA ARG A 9 -15.32 -2.06 11.73
C ARG A 9 -14.63 -0.74 11.36
N CYS A 10 -13.32 -0.68 11.58
CA CYS A 10 -12.56 0.52 11.27
C CYS A 10 -12.63 0.84 9.78
N PRO A 11 -12.32 2.09 9.44
CA PRO A 11 -12.35 2.56 8.05
C PRO A 11 -11.23 1.96 7.21
N VAL A 12 -11.14 2.38 5.95
CA VAL A 12 -10.11 1.87 5.05
C VAL A 12 -9.61 2.98 4.12
N GLN A 13 -8.30 2.98 3.88
CA GLN A 13 -7.69 3.98 3.02
C GLN A 13 -7.44 3.42 1.62
N THR A 14 -7.07 4.29 0.69
CA THR A 14 -6.81 3.88 -0.68
C THR A 14 -5.37 4.19 -1.08
N VAL A 15 -4.92 3.57 -2.17
CA VAL A 15 -3.56 3.78 -2.66
C VAL A 15 -3.27 5.27 -2.85
N GLY A 16 -4.25 5.99 -3.38
CA GLY A 16 -4.09 7.42 -3.61
C GLY A 16 -3.77 8.17 -2.33
N GLN A 17 -4.72 8.20 -1.41
CA GLN A 17 -4.53 8.89 -0.14
C GLN A 17 -3.34 8.34 0.62
N TRP A 18 -3.06 7.06 0.41
CA TRP A 18 -1.92 6.41 1.07
C TRP A 18 -0.61 7.04 0.64
N LEU A 19 -0.44 7.21 -0.66
CA LEU A 19 0.78 7.82 -1.20
C LEU A 19 0.89 9.28 -0.80
N GLU A 20 -0.24 9.97 -0.75
CA GLU A 20 -0.27 11.38 -0.38
C GLU A 20 0.25 11.57 1.04
N SER A 21 0.12 10.54 1.87
CA SER A 21 0.58 10.60 3.25
C SER A 21 2.11 10.59 3.32
N ILE A 22 2.70 9.51 2.83
CA ILE A 22 4.15 9.37 2.82
C ILE A 22 4.82 10.58 2.18
N GLY A 23 4.15 11.16 1.19
CA GLY A 23 4.70 12.32 0.50
C GLY A 23 5.27 11.97 -0.86
N LEU A 24 4.56 11.13 -1.59
CA LEU A 24 5.01 10.71 -2.92
C LEU A 24 3.82 10.41 -3.83
N PRO A 25 3.08 11.46 -4.19
CA PRO A 25 1.90 11.33 -5.06
C PRO A 25 2.28 10.98 -6.49
N GLN A 26 3.53 11.25 -6.85
CA GLN A 26 4.01 10.95 -8.19
C GLN A 26 3.81 9.49 -8.55
N TYR A 27 3.78 8.64 -7.52
CA TYR A 27 3.59 7.21 -7.72
C TYR A 27 2.12 6.82 -7.57
N GLU A 28 1.24 7.71 -8.00
CA GLU A 28 -0.20 7.46 -7.91
C GLU A 28 -0.70 6.69 -9.13
N ASN A 29 -0.09 6.95 -10.28
CA ASN A 29 -0.48 6.27 -11.52
C ASN A 29 0.37 5.02 -11.73
N HIS A 30 1.57 5.01 -11.17
CA HIS A 30 2.47 3.88 -11.29
C HIS A 30 1.81 2.60 -10.76
N LEU A 31 1.42 2.63 -9.49
CA LEU A 31 0.79 1.48 -8.86
C LEU A 31 -0.54 1.15 -9.54
N MET A 32 -1.37 2.17 -9.72
CA MET A 32 -2.67 2.00 -10.35
C MET A 32 -2.53 1.29 -11.71
N ALA A 33 -1.72 1.88 -12.58
CA ALA A 33 -1.50 1.32 -13.91
C ALA A 33 -1.03 -0.13 -13.81
N ASN A 34 -0.03 -0.36 -12.96
CA ASN A 34 0.51 -1.71 -12.77
C ASN A 34 -0.59 -2.69 -12.40
N GLY A 35 -1.65 -2.18 -11.79
CA GLY A 35 -2.75 -3.03 -11.38
C GLY A 35 -2.83 -3.20 -9.88
N PHE A 36 -2.26 -2.26 -9.14
CA PHE A 36 -2.26 -2.32 -7.68
C PHE A 36 -3.35 -1.40 -7.11
N ASP A 37 -4.58 -1.89 -7.11
CA ASP A 37 -5.71 -1.13 -6.60
C ASP A 37 -6.29 -1.79 -5.35
N ASN A 38 -5.42 -2.47 -4.59
CA ASN A 38 -5.86 -3.15 -3.38
C ASN A 38 -4.89 -2.86 -2.22
N VAL A 39 -5.23 -1.86 -1.43
CA VAL A 39 -4.40 -1.48 -0.29
C VAL A 39 -4.34 -2.59 0.75
N GLN A 40 -5.41 -3.38 0.83
CA GLN A 40 -5.48 -4.48 1.78
C GLN A 40 -4.35 -5.47 1.53
N PHE A 41 -4.26 -5.96 0.31
CA PHE A 41 -3.22 -6.93 -0.06
C PHE A 41 -1.83 -6.37 0.24
N MET A 42 -1.58 -5.15 -0.20
CA MET A 42 -0.29 -4.51 0.04
C MET A 42 0.05 -4.50 1.52
N GLY A 43 0.97 -5.38 1.91
CA GLY A 43 1.37 -5.45 3.31
C GLY A 43 1.32 -6.87 3.84
N SER A 44 2.09 -7.77 3.23
CA SER A 44 2.12 -9.16 3.66
C SER A 44 3.11 -9.96 2.81
N ASN A 45 2.81 -10.09 1.53
CA ASN A 45 3.66 -10.83 0.61
C ASN A 45 3.57 -10.27 -0.80
N VAL A 46 3.32 -8.96 -0.90
CA VAL A 46 3.21 -8.29 -2.18
C VAL A 46 3.72 -6.86 -2.11
N MET A 47 4.21 -6.34 -3.23
CA MET A 47 4.73 -4.98 -3.28
C MET A 47 5.94 -4.83 -2.36
N GLU A 48 6.92 -5.70 -2.53
CA GLU A 48 8.13 -5.66 -1.72
C GLU A 48 9.20 -4.78 -2.37
N ASP A 49 10.37 -4.73 -1.76
CA ASP A 49 11.47 -3.93 -2.27
C ASP A 49 11.73 -4.25 -3.75
N GLN A 50 11.52 -5.50 -4.11
CA GLN A 50 11.73 -5.94 -5.48
C GLN A 50 10.58 -5.51 -6.38
N ASP A 51 9.35 -5.78 -5.93
CA ASP A 51 8.17 -5.41 -6.69
C ASP A 51 8.17 -3.93 -7.03
N LEU A 52 8.66 -3.11 -6.10
CA LEU A 52 8.72 -1.67 -6.31
C LEU A 52 9.68 -1.32 -7.45
N LEU A 53 10.65 -2.19 -7.68
CA LEU A 53 11.63 -1.97 -8.75
C LEU A 53 11.09 -2.46 -10.09
N GLU A 54 10.20 -3.45 -10.04
CA GLU A 54 9.61 -4.01 -11.25
C GLU A 54 8.52 -3.10 -11.80
N ILE A 55 7.69 -2.57 -10.89
CA ILE A 55 6.61 -1.67 -11.29
C ILE A 55 7.14 -0.49 -12.08
N GLY A 56 8.40 -0.15 -11.87
CA GLY A 56 9.00 0.96 -12.58
C GLY A 56 9.84 1.84 -11.67
N ILE A 57 9.33 2.12 -10.48
CA ILE A 57 10.04 2.95 -9.51
C ILE A 57 11.46 2.45 -9.30
N LEU A 58 12.43 3.20 -9.82
CA LEU A 58 13.84 2.84 -9.68
C LEU A 58 14.48 3.58 -8.51
N ASN A 59 13.93 4.76 -8.18
CA ASN A 59 14.46 5.56 -7.08
C ASN A 59 14.57 4.73 -5.81
N SER A 60 15.80 4.45 -5.39
CA SER A 60 16.04 3.67 -4.18
C SER A 60 15.63 4.45 -2.95
N GLY A 61 15.98 5.74 -2.92
CA GLY A 61 15.64 6.57 -1.78
C GLY A 61 14.15 6.58 -1.49
N HIS A 62 13.34 6.46 -2.53
CA HIS A 62 11.89 6.46 -2.38
C HIS A 62 11.37 5.04 -2.15
N ARG A 63 12.05 4.06 -2.74
CA ARG A 63 11.66 2.66 -2.61
C ARG A 63 11.62 2.25 -1.14
N GLN A 64 12.64 2.63 -0.40
CA GLN A 64 12.72 2.30 1.03
C GLN A 64 11.59 2.98 1.80
N ARG A 65 11.37 4.25 1.51
CA ARG A 65 10.32 5.01 2.18
C ARG A 65 8.97 4.30 2.07
N ILE A 66 8.64 3.87 0.86
CA ILE A 66 7.38 3.18 0.60
C ILE A 66 7.34 1.84 1.34
N LEU A 67 8.46 1.15 1.35
CA LEU A 67 8.56 -0.15 2.02
C LEU A 67 8.08 -0.06 3.46
N GLN A 68 8.47 1.02 4.14
CA GLN A 68 8.07 1.23 5.53
C GLN A 68 6.56 1.39 5.65
N ALA A 69 5.99 2.23 4.80
CA ALA A 69 4.55 2.46 4.81
C ALA A 69 3.78 1.17 4.63
N ILE A 70 4.23 0.32 3.70
CA ILE A 70 3.58 -0.95 3.44
C ILE A 70 3.68 -1.87 4.65
N GLN A 71 4.74 -1.70 5.43
CA GLN A 71 4.94 -2.52 6.62
C GLN A 71 3.95 -2.14 7.72
N LEU A 72 3.50 -0.89 7.70
CA LEU A 72 2.55 -0.40 8.70
C LEU A 72 1.13 -0.75 8.31
N LEU A 73 0.89 -0.90 7.01
CA LEU A 73 -0.44 -1.23 6.49
C LEU A 73 -0.99 -2.45 7.20
N PRO A 74 -2.33 -2.61 7.15
CA PRO A 74 -3.01 -3.74 7.78
C PRO A 74 -2.73 -5.06 7.06
N SER A 75 -2.28 -6.06 7.81
CA SER A 75 -1.97 -7.36 7.24
C SER A 75 -3.10 -8.36 7.52
N GLY A 76 -3.19 -8.81 8.77
CA GLY A 76 -4.22 -9.76 9.14
C GLY A 76 -4.87 -9.42 10.47
N PRO A 77 -5.74 -10.32 10.96
CA PRO A 77 -6.43 -10.13 12.23
C PRO A 77 -5.51 -10.24 13.43
N SER A 78 -4.93 -9.12 13.84
CA SER A 78 -4.01 -9.09 14.96
C SER A 78 -4.77 -8.86 16.27
N SER A 79 -4.03 -8.80 17.37
CA SER A 79 -4.63 -8.59 18.68
C SER A 79 -3.56 -8.30 19.74
N GLY A 80 -3.53 -7.06 20.22
CA GLY A 80 -2.54 -6.68 21.22
C GLY A 80 -2.35 -5.18 21.30
N GLY A 1 -15.13 -23.14 -3.64
CA GLY A 1 -15.26 -21.87 -2.95
C GLY A 1 -15.80 -22.04 -1.54
N SER A 2 -16.30 -20.94 -0.96
CA SER A 2 -16.83 -20.98 0.39
C SER A 2 -18.30 -20.56 0.40
N SER A 3 -18.60 -19.45 -0.25
CA SER A 3 -19.97 -18.94 -0.32
C SER A 3 -20.52 -18.67 1.09
N GLY A 4 -20.17 -17.52 1.64
CA GLY A 4 -20.64 -17.17 2.97
C GLY A 4 -19.51 -16.70 3.88
N SER A 5 -19.25 -15.40 3.88
CA SER A 5 -18.19 -14.83 4.70
C SER A 5 -18.21 -13.31 4.63
N SER A 6 -18.28 -12.67 5.79
CA SER A 6 -18.30 -11.21 5.87
C SER A 6 -17.71 -10.72 7.18
N GLY A 7 -17.72 -9.41 7.38
CA GLY A 7 -17.18 -8.83 8.59
C GLY A 7 -17.64 -7.40 8.82
N PRO A 8 -17.15 -6.78 9.90
CA PRO A 8 -17.51 -5.40 10.25
C PRO A 8 -16.92 -4.40 9.28
N ARG A 9 -17.75 -3.45 8.83
CA ARG A 9 -17.31 -2.42 7.90
C ARG A 9 -16.51 -1.34 8.61
N CYS A 10 -15.40 -0.93 8.01
CA CYS A 10 -14.54 0.10 8.58
C CYS A 10 -13.99 1.01 7.50
N PRO A 11 -13.54 2.21 7.92
CA PRO A 11 -12.98 3.20 6.99
C PRO A 11 -11.63 2.78 6.43
N VAL A 12 -11.63 2.30 5.19
CA VAL A 12 -10.41 1.85 4.54
C VAL A 12 -9.87 2.94 3.61
N GLN A 13 -8.55 3.15 3.67
CA GLN A 13 -7.91 4.16 2.84
C GLN A 13 -7.64 3.61 1.44
N THR A 14 -7.22 4.49 0.54
CA THR A 14 -6.93 4.11 -0.84
C THR A 14 -5.48 4.40 -1.20
N VAL A 15 -5.01 3.79 -2.27
CA VAL A 15 -3.63 3.99 -2.73
C VAL A 15 -3.34 5.48 -2.95
N GLY A 16 -4.31 6.19 -3.51
CA GLY A 16 -4.14 7.61 -3.76
C GLY A 16 -3.85 8.39 -2.49
N GLN A 17 -4.81 8.39 -1.57
CA GLN A 17 -4.65 9.11 -0.32
C GLN A 17 -3.46 8.58 0.47
N TRP A 18 -3.27 7.27 0.43
CA TRP A 18 -2.17 6.63 1.14
C TRP A 18 -0.83 7.19 0.69
N LEU A 19 -0.60 7.19 -0.62
CA LEU A 19 0.65 7.71 -1.18
C LEU A 19 0.85 9.17 -0.79
N GLU A 20 -0.25 9.92 -0.76
CA GLU A 20 -0.19 11.33 -0.40
C GLU A 20 0.33 11.52 1.03
N SER A 21 0.11 10.50 1.86
CA SER A 21 0.56 10.56 3.25
C SER A 21 2.08 10.54 3.34
N ILE A 22 2.68 9.44 2.87
CA ILE A 22 4.13 9.30 2.90
C ILE A 22 4.81 10.50 2.25
N GLY A 23 4.15 11.09 1.26
CA GLY A 23 4.71 12.25 0.59
C GLY A 23 5.28 11.90 -0.77
N LEU A 24 4.59 11.04 -1.50
CA LEU A 24 5.04 10.62 -2.83
C LEU A 24 3.86 10.33 -3.74
N PRO A 25 3.12 11.39 -4.11
CA PRO A 25 1.95 11.28 -4.98
C PRO A 25 2.34 10.93 -6.42
N GLN A 26 3.59 11.20 -6.78
CA GLN A 26 4.08 10.91 -8.12
C GLN A 26 3.86 9.45 -8.48
N TYR A 27 3.81 8.60 -7.46
CA TYR A 27 3.61 7.17 -7.67
C TYR A 27 2.13 6.80 -7.52
N GLU A 28 1.27 7.69 -7.99
CA GLU A 28 -0.18 7.46 -7.92
C GLU A 28 -0.66 6.66 -9.11
N ASN A 29 -0.05 6.90 -10.27
CA ASN A 29 -0.42 6.21 -11.50
C ASN A 29 0.43 4.95 -11.69
N HIS A 30 1.63 4.97 -11.13
CA HIS A 30 2.55 3.83 -11.24
C HIS A 30 1.87 2.55 -10.77
N LEU A 31 1.34 2.59 -9.55
CA LEU A 31 0.67 1.43 -8.98
C LEU A 31 -0.70 1.21 -9.62
N MET A 32 -1.46 2.30 -9.76
CA MET A 32 -2.79 2.22 -10.36
C MET A 32 -2.73 1.56 -11.73
N ALA A 33 -1.63 1.78 -12.44
CA ALA A 33 -1.45 1.20 -13.77
C ALA A 33 -0.96 -0.25 -13.67
N ASN A 34 0.03 -0.48 -12.82
CA ASN A 34 0.58 -1.82 -12.65
C ASN A 34 -0.51 -2.80 -12.24
N GLY A 35 -1.56 -2.29 -11.61
CA GLY A 35 -2.65 -3.14 -11.18
C GLY A 35 -2.75 -3.26 -9.68
N PHE A 36 -2.28 -2.22 -8.98
CA PHE A 36 -2.30 -2.22 -7.52
C PHE A 36 -3.32 -1.21 -7.00
N ASP A 37 -4.59 -1.58 -7.04
CA ASP A 37 -5.66 -0.71 -6.57
C ASP A 37 -6.22 -1.19 -5.24
N ASN A 38 -5.38 -1.88 -4.47
CA ASN A 38 -5.78 -2.40 -3.16
C ASN A 38 -4.69 -2.16 -2.12
N VAL A 39 -4.70 -0.97 -1.53
CA VAL A 39 -3.71 -0.61 -0.52
C VAL A 39 -3.81 -1.54 0.69
N GLN A 40 -5.02 -2.02 0.96
CA GLN A 40 -5.25 -2.92 2.09
C GLN A 40 -4.42 -4.20 1.95
N PHE A 41 -4.24 -4.63 0.71
CA PHE A 41 -3.47 -5.84 0.43
C PHE A 41 -1.99 -5.64 0.76
N MET A 42 -1.47 -4.47 0.39
CA MET A 42 -0.07 -4.16 0.64
C MET A 42 0.28 -4.36 2.12
N GLY A 43 1.29 -5.18 2.38
CA GLY A 43 1.71 -5.44 3.74
C GLY A 43 3.18 -5.79 3.84
N SER A 44 3.56 -6.91 3.24
CA SER A 44 4.95 -7.35 3.28
C SER A 44 5.22 -8.39 2.18
N ASN A 45 4.33 -9.37 2.07
CA ASN A 45 4.46 -10.42 1.08
C ASN A 45 4.32 -9.85 -0.33
N VAL A 46 3.59 -8.75 -0.45
CA VAL A 46 3.37 -8.10 -1.74
C VAL A 46 3.95 -6.68 -1.75
N MET A 47 4.35 -6.23 -2.93
CA MET A 47 4.92 -4.90 -3.08
C MET A 47 6.23 -4.77 -2.30
N GLU A 48 7.07 -5.80 -2.38
CA GLU A 48 8.35 -5.80 -1.69
C GLU A 48 9.35 -4.88 -2.37
N ASP A 49 10.58 -4.86 -1.86
CA ASP A 49 11.62 -4.03 -2.43
C ASP A 49 11.78 -4.28 -3.92
N GLN A 50 11.79 -5.54 -4.30
CA GLN A 50 11.93 -5.92 -5.71
C GLN A 50 10.70 -5.51 -6.50
N ASP A 51 9.52 -5.74 -5.93
CA ASP A 51 8.27 -5.41 -6.59
C ASP A 51 8.23 -3.92 -6.95
N LEU A 52 8.89 -3.10 -6.12
CA LEU A 52 8.93 -1.65 -6.35
C LEU A 52 9.82 -1.33 -7.55
N LEU A 53 10.79 -2.19 -7.82
CA LEU A 53 11.70 -1.99 -8.94
C LEU A 53 11.09 -2.47 -10.24
N GLU A 54 10.18 -3.43 -10.14
CA GLU A 54 9.51 -3.99 -11.31
C GLU A 54 8.43 -3.04 -11.82
N ILE A 55 7.65 -2.48 -10.90
CA ILE A 55 6.58 -1.57 -11.25
C ILE A 55 7.12 -0.37 -12.04
N GLY A 56 8.40 -0.07 -11.84
CA GLY A 56 9.02 1.04 -12.54
C GLY A 56 9.87 1.90 -11.63
N ILE A 57 9.38 2.13 -10.41
CA ILE A 57 10.11 2.94 -9.44
C ILE A 57 11.53 2.44 -9.26
N LEU A 58 12.50 3.25 -9.71
CA LEU A 58 13.91 2.88 -9.60
C LEU A 58 14.57 3.61 -8.43
N ASN A 59 14.06 4.80 -8.13
CA ASN A 59 14.61 5.60 -7.03
C ASN A 59 14.67 4.78 -5.75
N SER A 60 15.87 4.34 -5.39
CA SER A 60 16.06 3.54 -4.18
C SER A 60 15.66 4.34 -2.94
N GLY A 61 16.00 5.62 -2.93
CA GLY A 61 15.68 6.47 -1.80
C GLY A 61 14.18 6.50 -1.52
N HIS A 62 13.37 6.38 -2.57
CA HIS A 62 11.92 6.40 -2.43
C HIS A 62 11.38 4.99 -2.23
N ARG A 63 12.11 4.00 -2.74
CA ARG A 63 11.69 2.61 -2.63
C ARG A 63 11.58 2.19 -1.16
N GLN A 64 12.44 2.76 -0.32
CA GLN A 64 12.45 2.45 1.10
C GLN A 64 11.30 3.18 1.81
N ARG A 65 11.10 4.44 1.47
CA ARG A 65 10.05 5.24 2.08
C ARG A 65 8.70 4.55 1.95
N ILE A 66 8.52 3.80 0.86
CA ILE A 66 7.28 3.09 0.62
C ILE A 66 7.25 1.76 1.36
N LEU A 67 8.39 1.07 1.38
CA LEU A 67 8.50 -0.22 2.06
C LEU A 67 8.08 -0.10 3.52
N GLN A 68 8.40 1.04 4.14
CA GLN A 68 8.05 1.28 5.53
C GLN A 68 6.54 1.40 5.70
N ALA A 69 5.93 2.28 4.91
CA ALA A 69 4.49 2.49 4.97
C ALA A 69 3.73 1.18 4.78
N ILE A 70 4.19 0.38 3.82
CA ILE A 70 3.55 -0.90 3.54
C ILE A 70 3.72 -1.87 4.70
N GLN A 71 4.82 -1.73 5.43
CA GLN A 71 5.10 -2.60 6.58
C GLN A 71 4.17 -2.27 7.73
N LEU A 72 3.75 -1.02 7.83
CA LEU A 72 2.86 -0.57 8.89
C LEU A 72 1.40 -0.94 8.57
N LEU A 73 1.10 -1.04 7.28
CA LEU A 73 -0.25 -1.37 6.84
C LEU A 73 -0.73 -2.66 7.51
N PRO A 74 -2.05 -2.84 7.54
CA PRO A 74 -2.68 -4.02 8.15
C PRO A 74 -2.42 -5.29 7.34
N SER A 75 -3.06 -6.39 7.74
CA SER A 75 -2.90 -7.67 7.06
C SER A 75 -1.42 -8.02 6.93
N GLY A 76 -0.65 -7.73 7.97
CA GLY A 76 0.78 -8.03 7.96
C GLY A 76 1.23 -8.74 9.22
N PRO A 77 2.46 -9.29 9.18
CA PRO A 77 3.04 -10.00 10.32
C PRO A 77 3.38 -9.07 11.47
N SER A 78 3.78 -9.65 12.60
CA SER A 78 4.14 -8.88 13.78
C SER A 78 5.65 -8.70 13.88
N SER A 79 6.36 -9.80 14.17
CA SER A 79 7.80 -9.75 14.29
C SER A 79 8.22 -8.86 15.44
N GLY A 80 8.10 -9.37 16.66
CA GLY A 80 8.47 -8.60 17.84
C GLY A 80 9.96 -8.41 17.95
N GLY A 1 -25.69 -19.27 5.92
CA GLY A 1 -24.77 -18.53 5.08
C GLY A 1 -23.48 -18.18 5.80
N SER A 2 -23.55 -18.11 7.13
CA SER A 2 -22.39 -17.78 7.95
C SER A 2 -21.87 -16.39 7.61
N SER A 3 -20.96 -15.88 8.43
CA SER A 3 -20.40 -14.55 8.23
C SER A 3 -21.47 -13.48 8.32
N GLY A 4 -21.05 -12.22 8.43
CA GLY A 4 -21.99 -11.13 8.52
C GLY A 4 -22.22 -10.44 7.19
N SER A 5 -22.87 -9.28 7.23
CA SER A 5 -23.16 -8.53 6.02
C SER A 5 -23.52 -7.09 6.34
N SER A 6 -24.70 -6.91 6.95
CA SER A 6 -25.17 -5.58 7.32
C SER A 6 -24.49 -5.08 8.59
N GLY A 7 -24.43 -3.77 8.75
CA GLY A 7 -23.80 -3.20 9.93
C GLY A 7 -22.91 -2.02 9.59
N PRO A 8 -22.23 -1.47 10.61
CA PRO A 8 -21.32 -0.33 10.43
C PRO A 8 -20.06 -0.70 9.66
N ARG A 9 -19.12 0.24 9.58
CA ARG A 9 -17.88 0.01 8.87
C ARG A 9 -16.72 0.77 9.53
N CYS A 10 -15.52 0.55 9.04
CA CYS A 10 -14.33 1.22 9.58
C CYS A 10 -13.67 2.09 8.52
N PRO A 11 -12.85 3.04 8.98
CA PRO A 11 -12.14 3.97 8.08
C PRO A 11 -11.05 3.27 7.28
N VAL A 12 -11.28 3.14 5.98
CA VAL A 12 -10.31 2.50 5.10
C VAL A 12 -9.65 3.51 4.16
N GLN A 13 -8.36 3.33 3.92
CA GLN A 13 -7.62 4.22 3.04
C GLN A 13 -7.40 3.59 1.67
N THR A 14 -7.00 4.41 0.70
CA THR A 14 -6.76 3.93 -0.65
C THR A 14 -5.31 4.19 -1.08
N VAL A 15 -4.93 3.62 -2.22
CA VAL A 15 -3.57 3.79 -2.73
C VAL A 15 -3.29 5.26 -3.05
N GLY A 16 -4.31 5.96 -3.52
CA GLY A 16 -4.15 7.36 -3.86
C GLY A 16 -3.81 8.22 -2.65
N GLN A 17 -4.61 8.08 -1.59
CA GLN A 17 -4.40 8.85 -0.37
C GLN A 17 -3.20 8.32 0.40
N TRP A 18 -2.99 7.00 0.34
CA TRP A 18 -1.88 6.38 1.04
C TRP A 18 -0.56 6.99 0.61
N LEU A 19 -0.42 7.25 -0.69
CA LEU A 19 0.80 7.84 -1.23
C LEU A 19 0.95 9.29 -0.79
N GLU A 20 -0.17 10.01 -0.74
CA GLU A 20 -0.17 11.40 -0.33
C GLU A 20 0.41 11.56 1.07
N SER A 21 0.30 10.50 1.88
CA SER A 21 0.81 10.52 3.25
C SER A 21 2.34 10.51 3.26
N ILE A 22 2.92 9.43 2.75
CA ILE A 22 4.36 9.30 2.69
C ILE A 22 5.01 10.52 2.04
N GLY A 23 4.32 11.09 1.06
CA GLY A 23 4.84 12.25 0.38
C GLY A 23 5.38 11.92 -1.01
N LEU A 24 4.65 11.10 -1.74
CA LEU A 24 5.06 10.70 -3.08
C LEU A 24 3.84 10.42 -3.97
N PRO A 25 3.10 11.49 -4.29
CA PRO A 25 1.90 11.38 -5.13
C PRO A 25 2.23 11.06 -6.58
N GLN A 26 3.45 11.40 -6.99
CA GLN A 26 3.90 11.14 -8.36
C GLN A 26 3.76 9.67 -8.71
N TYR A 27 3.80 8.81 -7.69
CA TYR A 27 3.69 7.37 -7.88
C TYR A 27 2.24 6.92 -7.70
N GLU A 28 1.31 7.74 -8.15
CA GLU A 28 -0.12 7.42 -8.04
C GLU A 28 -0.58 6.57 -9.22
N ASN A 29 -0.16 6.95 -10.42
CA ASN A 29 -0.52 6.23 -11.63
C ASN A 29 0.28 4.94 -11.77
N HIS A 30 1.49 4.95 -11.22
CA HIS A 30 2.36 3.79 -11.28
C HIS A 30 1.64 2.54 -10.76
N LEU A 31 1.39 2.52 -9.45
CA LEU A 31 0.70 1.39 -8.83
C LEU A 31 -0.65 1.13 -9.50
N MET A 32 -1.43 2.19 -9.67
CA MET A 32 -2.73 2.07 -10.30
C MET A 32 -2.63 1.40 -11.66
N ALA A 33 -1.47 1.54 -12.30
CA ALA A 33 -1.23 0.94 -13.61
C ALA A 33 -0.75 -0.50 -13.48
N ASN A 34 -0.13 -0.81 -12.34
CA ASN A 34 0.38 -2.15 -12.09
C ASN A 34 -0.62 -2.98 -11.31
N GLY A 35 -1.91 -2.76 -11.58
CA GLY A 35 -2.95 -3.50 -10.89
C GLY A 35 -2.81 -3.42 -9.38
N PHE A 36 -2.63 -2.22 -8.86
CA PHE A 36 -2.48 -2.01 -7.43
C PHE A 36 -3.37 -0.86 -6.95
N ASP A 37 -4.67 -1.12 -6.88
CA ASP A 37 -5.63 -0.12 -6.43
C ASP A 37 -5.97 -0.31 -4.96
N ASN A 38 -5.84 -1.54 -4.48
CA ASN A 38 -6.13 -1.85 -3.08
C ASN A 38 -4.89 -1.71 -2.22
N VAL A 39 -4.82 -0.63 -1.45
CA VAL A 39 -3.69 -0.37 -0.58
C VAL A 39 -3.72 -1.27 0.65
N GLN A 40 -4.94 -1.61 1.08
CA GLN A 40 -5.12 -2.46 2.25
C GLN A 40 -4.40 -3.80 2.08
N PHE A 41 -4.25 -4.22 0.82
CA PHE A 41 -3.59 -5.48 0.50
C PHE A 41 -2.10 -5.38 0.77
N MET A 42 -1.48 -4.30 0.26
CA MET A 42 -0.05 -4.10 0.44
C MET A 42 0.33 -4.12 1.91
N GLY A 43 1.25 -5.00 2.28
CA GLY A 43 1.68 -5.10 3.66
C GLY A 43 1.67 -6.53 4.16
N SER A 44 2.44 -7.39 3.50
CA SER A 44 2.52 -8.80 3.88
C SER A 44 3.47 -9.56 2.96
N ASN A 45 3.02 -9.82 1.74
CA ASN A 45 3.82 -10.55 0.76
C ASN A 45 3.62 -9.96 -0.63
N VAL A 46 3.36 -8.67 -0.70
CA VAL A 46 3.15 -8.00 -1.98
C VAL A 46 3.67 -6.56 -1.95
N MET A 47 4.07 -6.05 -3.10
CA MET A 47 4.58 -4.69 -3.20
C MET A 47 5.86 -4.53 -2.38
N GLU A 48 6.77 -5.48 -2.52
CA GLU A 48 8.03 -5.45 -1.79
C GLU A 48 9.04 -4.53 -2.49
N ASP A 49 10.26 -4.49 -1.97
CA ASP A 49 11.31 -3.66 -2.54
C ASP A 49 11.47 -3.93 -4.02
N GLN A 50 11.38 -5.21 -4.40
CA GLN A 50 11.52 -5.60 -5.80
C GLN A 50 10.29 -5.18 -6.61
N ASP A 51 9.11 -5.41 -6.04
CA ASP A 51 7.87 -5.04 -6.72
C ASP A 51 7.86 -3.57 -7.09
N LEU A 52 8.62 -2.77 -6.34
CA LEU A 52 8.69 -1.33 -6.60
C LEU A 52 9.73 -1.03 -7.68
N LEU A 53 10.71 -1.92 -7.83
CA LEU A 53 11.75 -1.75 -8.81
C LEU A 53 11.30 -2.25 -10.19
N GLU A 54 10.36 -3.18 -10.18
CA GLU A 54 9.83 -3.74 -11.42
C GLU A 54 8.78 -2.82 -12.03
N ILE A 55 7.96 -2.23 -11.18
CA ILE A 55 6.91 -1.32 -11.63
C ILE A 55 7.49 -0.13 -12.38
N GLY A 56 8.72 0.24 -12.03
CA GLY A 56 9.38 1.36 -12.68
C GLY A 56 10.19 2.19 -11.71
N ILE A 57 9.64 2.44 -10.53
CA ILE A 57 10.33 3.23 -9.51
C ILE A 57 11.73 2.69 -9.25
N LEU A 58 12.73 3.47 -9.66
CA LEU A 58 14.12 3.07 -9.47
C LEU A 58 14.73 3.78 -8.26
N ASN A 59 14.19 4.95 -7.93
CA ASN A 59 14.68 5.72 -6.80
C ASN A 59 14.74 4.87 -5.53
N SER A 60 15.94 4.45 -5.17
CA SER A 60 16.14 3.62 -3.98
C SER A 60 15.62 4.33 -2.74
N GLY A 61 15.98 5.61 -2.59
CA GLY A 61 15.54 6.37 -1.44
C GLY A 61 14.04 6.35 -1.26
N HIS A 62 13.32 6.26 -2.38
CA HIS A 62 11.86 6.23 -2.35
C HIS A 62 11.34 4.82 -2.05
N ARG A 63 11.89 3.84 -2.76
CA ARG A 63 11.49 2.45 -2.58
C ARG A 63 11.59 2.05 -1.10
N GLN A 64 12.55 2.63 -0.40
CA GLN A 64 12.74 2.32 1.01
C GLN A 64 11.65 2.96 1.86
N ARG A 65 11.33 4.22 1.55
CA ARG A 65 10.30 4.94 2.30
C ARG A 65 8.94 4.27 2.13
N ILE A 66 8.68 3.76 0.94
CA ILE A 66 7.42 3.09 0.64
C ILE A 66 7.31 1.76 1.39
N LEU A 67 8.43 1.06 1.48
CA LEU A 67 8.46 -0.23 2.17
C LEU A 67 7.92 -0.10 3.59
N GLN A 68 8.42 0.89 4.31
CA GLN A 68 7.97 1.12 5.69
C GLN A 68 6.46 1.32 5.75
N ALA A 69 5.95 2.24 4.92
CA ALA A 69 4.52 2.51 4.89
C ALA A 69 3.72 1.23 4.68
N ILE A 70 4.21 0.37 3.79
CA ILE A 70 3.54 -0.89 3.50
C ILE A 70 3.65 -1.86 4.67
N GLN A 71 4.73 -1.73 5.44
CA GLN A 71 4.95 -2.60 6.59
C GLN A 71 4.01 -2.24 7.73
N LEU A 72 3.59 -0.97 7.78
CA LEU A 72 2.68 -0.50 8.82
C LEU A 72 1.23 -0.75 8.43
N LEU A 73 0.98 -0.80 7.12
CA LEU A 73 -0.37 -1.03 6.62
C LEU A 73 -0.99 -2.27 7.27
N PRO A 74 -2.33 -2.34 7.22
CA PRO A 74 -3.07 -3.47 7.79
C PRO A 74 -2.89 -4.75 7.01
N SER A 75 -2.25 -5.75 7.63
CA SER A 75 -2.00 -7.02 6.99
C SER A 75 -3.30 -7.77 6.73
N GLY A 76 -4.23 -7.64 7.67
CA GLY A 76 -5.51 -8.32 7.55
C GLY A 76 -6.03 -8.85 8.86
N PRO A 77 -5.37 -9.89 9.39
CA PRO A 77 -5.75 -10.51 10.66
C PRO A 77 -5.48 -9.61 11.86
N SER A 78 -4.38 -8.87 11.78
CA SER A 78 -4.00 -7.96 12.87
C SER A 78 -4.38 -6.53 12.53
N SER A 79 -5.32 -5.98 13.28
CA SER A 79 -5.79 -4.61 13.06
C SER A 79 -5.76 -3.81 14.37
N GLY A 80 -6.19 -4.45 15.45
CA GLY A 80 -6.22 -3.79 16.75
C GLY A 80 -4.94 -4.02 17.53
N GLY A 1 -12.99 -27.78 15.15
CA GLY A 1 -13.66 -26.49 15.29
C GLY A 1 -12.69 -25.34 15.39
N SER A 2 -12.77 -24.42 14.42
CA SER A 2 -11.89 -23.27 14.39
C SER A 2 -12.58 -22.02 14.92
N SER A 3 -11.85 -20.92 15.00
CA SER A 3 -12.40 -19.67 15.50
C SER A 3 -12.50 -18.63 14.38
N GLY A 4 -13.67 -17.99 14.28
CA GLY A 4 -13.88 -16.99 13.26
C GLY A 4 -14.56 -15.75 13.79
N SER A 5 -13.77 -14.74 14.17
CA SER A 5 -14.31 -13.51 14.71
C SER A 5 -13.85 -12.31 13.88
N SER A 6 -14.62 -11.97 12.85
CA SER A 6 -14.29 -10.85 11.98
C SER A 6 -15.32 -9.74 12.11
N GLY A 7 -14.84 -8.52 12.34
CA GLY A 7 -15.73 -7.38 12.47
C GLY A 7 -15.00 -6.05 12.37
N PRO A 8 -14.55 -5.72 11.15
CA PRO A 8 -13.82 -4.48 10.89
C PRO A 8 -14.73 -3.24 10.99
N ARG A 9 -14.51 -2.44 12.02
CA ARG A 9 -15.30 -1.24 12.23
C ARG A 9 -14.53 0.01 11.80
N CYS A 10 -13.21 -0.03 11.96
CA CYS A 10 -12.36 1.09 11.58
C CYS A 10 -12.53 1.44 10.12
N PRO A 11 -12.14 2.67 9.75
CA PRO A 11 -12.24 3.16 8.37
C PRO A 11 -11.27 2.46 7.43
N VAL A 12 -11.30 2.85 6.16
CA VAL A 12 -10.42 2.26 5.16
C VAL A 12 -9.88 3.33 4.21
N GLN A 13 -8.56 3.38 4.08
CA GLN A 13 -7.91 4.35 3.21
C GLN A 13 -7.65 3.75 1.83
N THR A 14 -7.27 4.60 0.88
CA THR A 14 -6.99 4.15 -0.47
C THR A 14 -5.56 4.49 -0.88
N VAL A 15 -5.07 3.83 -1.92
CA VAL A 15 -3.71 4.07 -2.41
C VAL A 15 -3.46 5.55 -2.65
N GLY A 16 -4.48 6.24 -3.18
CA GLY A 16 -4.34 7.65 -3.45
C GLY A 16 -3.99 8.45 -2.21
N GLN A 17 -4.89 8.47 -1.23
CA GLN A 17 -4.66 9.20 0.00
C GLN A 17 -3.47 8.63 0.76
N TRP A 18 -3.22 7.34 0.57
CA TRP A 18 -2.11 6.67 1.24
C TRP A 18 -0.77 7.19 0.73
N LEU A 19 -0.68 7.37 -0.59
CA LEU A 19 0.55 7.86 -1.21
C LEU A 19 0.80 9.32 -0.83
N GLU A 20 -0.27 10.11 -0.77
CA GLU A 20 -0.16 11.52 -0.42
C GLU A 20 0.38 11.69 1.00
N SER A 21 0.16 10.68 1.83
CA SER A 21 0.62 10.72 3.21
C SER A 21 2.14 10.66 3.28
N ILE A 22 2.71 9.56 2.81
CA ILE A 22 4.16 9.39 2.81
C ILE A 22 4.86 10.57 2.17
N GLY A 23 4.21 11.16 1.16
CA GLY A 23 4.79 12.30 0.48
C GLY A 23 5.35 11.94 -0.88
N LEU A 24 4.59 11.14 -1.63
CA LEU A 24 5.02 10.73 -2.97
C LEU A 24 3.82 10.46 -3.87
N PRO A 25 3.09 11.53 -4.21
CA PRO A 25 1.91 11.45 -5.07
C PRO A 25 2.26 11.10 -6.51
N GLN A 26 3.49 11.42 -6.91
CA GLN A 26 3.95 11.14 -8.26
C GLN A 26 3.79 9.66 -8.60
N TYR A 27 3.80 8.82 -7.57
CA TYR A 27 3.65 7.38 -7.75
C TYR A 27 2.20 6.96 -7.60
N GLU A 28 1.29 7.78 -8.12
CA GLU A 28 -0.14 7.49 -8.04
C GLU A 28 -0.58 6.61 -9.20
N ASN A 29 0.00 6.85 -10.37
CA ASN A 29 -0.32 6.08 -11.57
C ASN A 29 0.56 4.84 -11.68
N HIS A 30 1.74 4.92 -11.10
CA HIS A 30 2.69 3.80 -11.13
C HIS A 30 2.04 2.53 -10.59
N LEU A 31 1.46 2.64 -9.39
CA LEU A 31 0.81 1.49 -8.76
C LEU A 31 -0.52 1.19 -9.42
N MET A 32 -1.33 2.24 -9.62
CA MET A 32 -2.64 2.07 -10.25
C MET A 32 -2.51 1.40 -11.61
N ALA A 33 -1.34 1.55 -12.24
CA ALA A 33 -1.09 0.95 -13.53
C ALA A 33 -0.69 -0.50 -13.40
N ASN A 34 -0.13 -0.86 -12.25
CA ASN A 34 0.32 -2.22 -12.00
C ASN A 34 -0.76 -3.01 -11.24
N GLY A 35 -2.02 -2.69 -11.52
CA GLY A 35 -3.12 -3.37 -10.86
C GLY A 35 -2.98 -3.37 -9.35
N PHE A 36 -2.51 -2.26 -8.80
CA PHE A 36 -2.33 -2.12 -7.36
C PHE A 36 -3.24 -1.04 -6.79
N ASP A 37 -4.51 -1.38 -6.59
CA ASP A 37 -5.47 -0.44 -6.05
C ASP A 37 -6.08 -0.96 -4.75
N ASN A 38 -5.32 -1.80 -4.05
CA ASN A 38 -5.77 -2.37 -2.79
C ASN A 38 -4.74 -2.15 -1.69
N VAL A 39 -4.76 -0.94 -1.12
CA VAL A 39 -3.82 -0.59 -0.05
C VAL A 39 -4.05 -1.48 1.18
N GLN A 40 -5.28 -1.90 1.39
CA GLN A 40 -5.63 -2.74 2.53
C GLN A 40 -4.99 -4.12 2.39
N PHE A 41 -4.89 -4.60 1.16
CA PHE A 41 -4.31 -5.92 0.90
C PHE A 41 -2.81 -5.79 0.66
N MET A 42 -2.37 -4.62 0.23
CA MET A 42 -0.95 -4.37 -0.03
C MET A 42 -0.11 -4.77 1.18
N GLY A 43 -0.69 -4.65 2.37
CA GLY A 43 0.02 -5.00 3.59
C GLY A 43 -0.11 -6.46 3.95
N SER A 44 0.58 -7.32 3.19
CA SER A 44 0.52 -8.76 3.43
C SER A 44 1.66 -9.47 2.71
N ASN A 45 1.52 -9.60 1.38
CA ASN A 45 2.53 -10.26 0.58
C ASN A 45 2.50 -9.75 -0.86
N VAL A 46 2.92 -8.49 -1.05
CA VAL A 46 2.93 -7.88 -2.37
C VAL A 46 3.56 -6.49 -2.33
N MET A 47 4.14 -6.07 -3.44
CA MET A 47 4.78 -4.76 -3.53
C MET A 47 5.96 -4.66 -2.57
N GLU A 48 6.91 -5.58 -2.71
CA GLU A 48 8.10 -5.59 -1.87
C GLU A 48 9.21 -4.75 -2.46
N ASP A 49 10.37 -4.76 -1.82
CA ASP A 49 11.52 -4.00 -2.28
C ASP A 49 11.81 -4.31 -3.75
N GLN A 50 11.59 -5.55 -4.14
CA GLN A 50 11.83 -5.98 -5.51
C GLN A 50 10.70 -5.53 -6.43
N ASP A 51 9.47 -5.79 -6.02
CA ASP A 51 8.29 -5.41 -6.79
C ASP A 51 8.33 -3.92 -7.13
N LEU A 52 8.84 -3.12 -6.20
CA LEU A 52 8.92 -1.68 -6.39
C LEU A 52 9.89 -1.33 -7.51
N LEU A 53 10.85 -2.22 -7.75
CA LEU A 53 11.84 -2.01 -8.80
C LEU A 53 11.31 -2.47 -10.16
N GLU A 54 10.36 -3.40 -10.12
CA GLU A 54 9.76 -3.93 -11.35
C GLU A 54 8.73 -2.97 -11.90
N ILE A 55 7.91 -2.40 -11.02
CA ILE A 55 6.87 -1.46 -11.42
C ILE A 55 7.47 -0.28 -12.19
N GLY A 56 8.75 -0.02 -11.95
CA GLY A 56 9.41 1.09 -12.62
C GLY A 56 10.24 1.93 -11.68
N ILE A 57 9.71 2.17 -10.48
CA ILE A 57 10.41 2.98 -9.49
C ILE A 57 11.82 2.46 -9.26
N LEU A 58 12.81 3.27 -9.62
CA LEU A 58 14.21 2.89 -9.47
C LEU A 58 14.83 3.62 -8.28
N ASN A 59 14.34 4.83 -8.01
CA ASN A 59 14.86 5.63 -6.90
C ASN A 59 14.85 4.82 -5.60
N SER A 60 16.04 4.37 -5.19
CA SER A 60 16.18 3.58 -3.98
C SER A 60 15.72 4.39 -2.76
N GLY A 61 15.99 5.68 -2.79
CA GLY A 61 15.61 6.54 -1.68
C GLY A 61 14.11 6.62 -1.50
N HIS A 62 13.37 6.34 -2.58
CA HIS A 62 11.91 6.38 -2.53
C HIS A 62 11.34 5.01 -2.24
N ARG A 63 12.00 3.97 -2.75
CA ARG A 63 11.54 2.60 -2.54
C ARG A 63 11.45 2.28 -1.05
N GLN A 64 12.42 2.76 -0.28
CA GLN A 64 12.44 2.53 1.16
C GLN A 64 11.23 3.17 1.83
N ARG A 65 11.02 4.45 1.55
CA ARG A 65 9.90 5.18 2.13
C ARG A 65 8.59 4.42 1.92
N ILE A 66 8.42 3.87 0.71
CA ILE A 66 7.22 3.13 0.38
C ILE A 66 7.21 1.77 1.06
N LEU A 67 8.35 1.10 1.06
CA LEU A 67 8.48 -0.22 1.68
C LEU A 67 7.96 -0.20 3.12
N GLN A 68 8.42 0.78 3.89
CA GLN A 68 8.00 0.91 5.28
C GLN A 68 6.48 1.07 5.38
N ALA A 69 5.94 2.01 4.62
CA ALA A 69 4.51 2.27 4.61
C ALA A 69 3.72 0.98 4.38
N ILE A 70 4.12 0.23 3.36
CA ILE A 70 3.45 -1.03 3.04
C ILE A 70 3.56 -2.02 4.18
N GLN A 71 4.59 -1.86 5.01
CA GLN A 71 4.81 -2.75 6.14
C GLN A 71 3.92 -2.34 7.32
N LEU A 72 3.86 -1.04 7.59
CA LEU A 72 3.06 -0.53 8.70
C LEU A 72 1.57 -0.76 8.43
N LEU A 73 1.21 -0.84 7.15
CA LEU A 73 -0.18 -1.06 6.77
C LEU A 73 -0.77 -2.26 7.50
N PRO A 74 -2.10 -2.32 7.58
CA PRO A 74 -2.82 -3.40 8.25
C PRO A 74 -2.72 -4.72 7.49
N SER A 75 -2.88 -5.82 8.21
CA SER A 75 -2.81 -7.15 7.60
C SER A 75 -3.70 -8.14 8.34
N GLY A 76 -4.78 -7.62 8.94
CA GLY A 76 -5.70 -8.47 9.66
C GLY A 76 -5.23 -8.77 11.07
N PRO A 77 -5.24 -7.73 11.92
CA PRO A 77 -4.80 -7.85 13.33
C PRO A 77 -5.78 -8.68 14.15
N SER A 78 -7.07 -8.45 13.94
CA SER A 78 -8.11 -9.17 14.68
C SER A 78 -7.94 -8.97 16.18
N SER A 79 -7.53 -7.77 16.57
CA SER A 79 -7.33 -7.44 17.97
C SER A 79 -8.18 -6.24 18.38
N GLY A 80 -8.20 -5.23 17.52
CA GLY A 80 -8.97 -4.02 17.80
C GLY A 80 -8.34 -2.78 17.21
N GLY A 1 -19.89 -11.21 -9.38
CA GLY A 1 -20.62 -11.20 -8.13
C GLY A 1 -19.69 -11.08 -6.92
N SER A 2 -18.95 -9.98 -6.86
CA SER A 2 -18.02 -9.76 -5.77
C SER A 2 -18.20 -8.35 -5.18
N SER A 3 -19.29 -8.17 -4.46
CA SER A 3 -19.58 -6.87 -3.84
C SER A 3 -20.74 -6.99 -2.86
N GLY A 4 -21.07 -5.87 -2.21
CA GLY A 4 -22.17 -5.87 -1.25
C GLY A 4 -21.67 -5.76 0.18
N SER A 5 -22.57 -5.41 1.09
CA SER A 5 -22.23 -5.28 2.50
C SER A 5 -22.86 -6.40 3.32
N SER A 6 -22.05 -7.38 3.70
CA SER A 6 -22.52 -8.50 4.50
C SER A 6 -21.63 -8.73 5.71
N GLY A 7 -21.25 -7.64 6.38
CA GLY A 7 -20.41 -7.74 7.55
C GLY A 7 -19.62 -6.47 7.81
N PRO A 8 -18.66 -6.55 8.74
CA PRO A 8 -17.82 -5.41 9.10
C PRO A 8 -16.83 -5.04 7.98
N ARG A 9 -16.89 -3.78 7.54
CA ARG A 9 -16.00 -3.31 6.49
C ARG A 9 -15.42 -1.95 6.84
N CYS A 10 -16.29 -0.97 7.06
CA CYS A 10 -15.86 0.38 7.40
C CYS A 10 -15.05 1.00 6.26
N PRO A 11 -14.94 2.33 6.27
CA PRO A 11 -14.19 3.07 5.25
C PRO A 11 -12.69 2.85 5.36
N VAL A 12 -12.14 2.14 4.38
CA VAL A 12 -10.71 1.86 4.36
C VAL A 12 -9.96 2.86 3.50
N GLN A 13 -8.73 3.18 3.89
CA GLN A 13 -7.91 4.13 3.15
C GLN A 13 -7.68 3.66 1.72
N THR A 14 -7.33 4.58 0.84
CA THR A 14 -7.09 4.25 -0.57
C THR A 14 -5.65 4.57 -0.96
N VAL A 15 -5.19 3.95 -2.04
CA VAL A 15 -3.83 4.16 -2.52
C VAL A 15 -3.56 5.64 -2.78
N GLY A 16 -4.55 6.33 -3.35
CA GLY A 16 -4.40 7.74 -3.63
C GLY A 16 -4.08 8.56 -2.39
N GLN A 17 -4.95 8.49 -1.40
CA GLN A 17 -4.76 9.23 -0.16
C GLN A 17 -3.57 8.68 0.62
N TRP A 18 -3.29 7.39 0.45
CA TRP A 18 -2.18 6.74 1.13
C TRP A 18 -0.85 7.34 0.68
N LEU A 19 -0.64 7.38 -0.64
CA LEU A 19 0.60 7.91 -1.20
C LEU A 19 0.85 9.33 -0.69
N GLU A 20 -0.20 10.15 -0.71
CA GLU A 20 -0.09 11.54 -0.25
C GLU A 20 0.46 11.60 1.18
N SER A 21 0.23 10.52 1.94
CA SER A 21 0.70 10.46 3.32
C SER A 21 2.22 10.41 3.38
N ILE A 22 2.80 9.35 2.82
CA ILE A 22 4.24 9.18 2.81
C ILE A 22 4.93 10.38 2.16
N GLY A 23 4.26 10.98 1.18
CA GLY A 23 4.81 12.13 0.50
C GLY A 23 5.39 11.77 -0.86
N LEU A 24 4.65 10.98 -1.63
CA LEU A 24 5.09 10.57 -2.96
C LEU A 24 3.90 10.35 -3.88
N PRO A 25 3.20 11.45 -4.24
CA PRO A 25 2.04 11.40 -5.12
C PRO A 25 2.42 11.07 -6.56
N GLN A 26 3.67 11.31 -6.91
CA GLN A 26 4.16 11.04 -8.26
C GLN A 26 3.94 9.58 -8.62
N TYR A 27 3.86 8.72 -7.61
CA TYR A 27 3.66 7.29 -7.82
C TYR A 27 2.18 6.94 -7.71
N GLU A 28 1.32 7.85 -8.17
CA GLU A 28 -0.12 7.62 -8.12
C GLU A 28 -0.60 6.86 -9.36
N ASN A 29 0.15 7.00 -10.45
CA ASN A 29 -0.19 6.32 -11.70
C ASN A 29 0.48 4.96 -11.79
N HIS A 30 1.60 4.81 -11.08
CA HIS A 30 2.35 3.55 -11.09
C HIS A 30 1.57 2.47 -10.35
N LEU A 31 1.31 2.70 -9.07
CA LEU A 31 0.57 1.74 -8.24
C LEU A 31 -0.76 1.39 -8.89
N MET A 32 -1.29 2.32 -9.69
CA MET A 32 -2.56 2.11 -10.37
C MET A 32 -2.36 1.42 -11.71
N ALA A 33 -1.16 1.58 -12.27
CA ALA A 33 -0.83 0.99 -13.56
C ALA A 33 -0.42 -0.47 -13.40
N ASN A 34 0.33 -0.76 -12.34
CA ASN A 34 0.80 -2.11 -12.07
C ASN A 34 -0.36 -3.03 -11.70
N GLY A 35 -1.35 -2.47 -11.02
CA GLY A 35 -2.51 -3.25 -10.62
C GLY A 35 -2.70 -3.27 -9.12
N PHE A 36 -2.09 -2.31 -8.44
CA PHE A 36 -2.19 -2.23 -6.98
C PHE A 36 -3.30 -1.26 -6.56
N ASP A 37 -4.54 -1.64 -6.85
CA ASP A 37 -5.69 -0.81 -6.50
C ASP A 37 -6.30 -1.24 -5.17
N ASN A 38 -5.46 -1.84 -4.32
CA ASN A 38 -5.92 -2.30 -3.01
C ASN A 38 -4.85 -2.07 -1.95
N VAL A 39 -4.74 -0.84 -1.48
CA VAL A 39 -3.75 -0.49 -0.46
C VAL A 39 -3.84 -1.43 0.74
N GLN A 40 -5.05 -1.93 1.00
CA GLN A 40 -5.26 -2.85 2.12
C GLN A 40 -4.46 -4.12 1.93
N PHE A 41 -4.33 -4.56 0.68
CA PHE A 41 -3.58 -5.78 0.38
C PHE A 41 -2.11 -5.61 0.71
N MET A 42 -1.53 -4.51 0.25
CA MET A 42 -0.12 -4.22 0.49
C MET A 42 0.21 -4.33 1.98
N GLY A 43 0.84 -5.43 2.36
CA GLY A 43 1.20 -5.63 3.76
C GLY A 43 2.49 -6.41 3.92
N SER A 44 2.46 -7.68 3.54
CA SER A 44 3.64 -8.54 3.65
C SER A 44 3.80 -9.41 2.41
N ASN A 45 5.05 -9.70 2.05
CA ASN A 45 5.34 -10.52 0.88
C ASN A 45 4.72 -9.92 -0.38
N VAL A 46 4.52 -8.61 -0.36
CA VAL A 46 3.94 -7.91 -1.50
C VAL A 46 4.45 -6.48 -1.59
N MET A 47 4.63 -5.99 -2.81
CA MET A 47 5.12 -4.64 -3.03
C MET A 47 6.49 -4.44 -2.39
N GLU A 48 7.23 -5.54 -2.24
CA GLU A 48 8.55 -5.48 -1.64
C GLU A 48 9.49 -4.58 -2.45
N ASP A 49 10.74 -4.52 -2.03
CA ASP A 49 11.74 -3.70 -2.73
C ASP A 49 11.76 -4.01 -4.21
N GLN A 50 12.05 -5.26 -4.55
CA GLN A 50 12.10 -5.69 -5.95
C GLN A 50 10.78 -5.40 -6.65
N ASP A 51 9.68 -5.71 -5.98
CA ASP A 51 8.35 -5.49 -6.53
C ASP A 51 8.17 -4.03 -6.95
N LEU A 52 8.92 -3.14 -6.31
CA LEU A 52 8.84 -1.72 -6.61
C LEU A 52 9.77 -1.35 -7.78
N LEU A 53 10.81 -2.15 -7.95
CA LEU A 53 11.78 -1.92 -9.02
C LEU A 53 11.32 -2.59 -10.31
N GLU A 54 10.49 -3.62 -10.18
CA GLU A 54 9.98 -4.34 -11.35
C GLU A 54 8.82 -3.58 -11.99
N ILE A 55 8.13 -2.79 -11.19
CA ILE A 55 6.99 -2.02 -11.67
C ILE A 55 7.45 -0.79 -12.44
N GLY A 56 8.67 -0.34 -12.15
CA GLY A 56 9.21 0.83 -12.83
C GLY A 56 9.98 1.74 -11.89
N ILE A 57 9.41 1.99 -10.72
CA ILE A 57 10.05 2.84 -9.72
C ILE A 57 11.48 2.41 -9.45
N LEU A 58 12.44 3.15 -9.99
CA LEU A 58 13.85 2.83 -9.80
C LEU A 58 14.42 3.59 -8.61
N ASN A 59 13.85 4.76 -8.32
CA ASN A 59 14.31 5.57 -7.20
C ASN A 59 14.36 4.75 -5.91
N SER A 60 15.57 4.36 -5.52
CA SER A 60 15.75 3.57 -4.30
C SER A 60 15.37 4.37 -3.06
N GLY A 61 15.79 5.64 -3.03
CA GLY A 61 15.49 6.50 -1.91
C GLY A 61 14.00 6.57 -1.62
N HIS A 62 13.18 6.32 -2.64
CA HIS A 62 11.74 6.36 -2.48
C HIS A 62 11.18 4.98 -2.19
N ARG A 63 11.77 3.96 -2.80
CA ARG A 63 11.33 2.59 -2.61
C ARG A 63 11.28 2.24 -1.12
N GLN A 64 12.30 2.65 -0.39
CA GLN A 64 12.37 2.40 1.04
C GLN A 64 11.20 3.05 1.78
N ARG A 65 11.02 4.35 1.55
CA ARG A 65 9.93 5.08 2.18
C ARG A 65 8.59 4.38 1.98
N ILE A 66 8.47 3.68 0.86
CA ILE A 66 7.25 2.96 0.54
C ILE A 66 7.16 1.65 1.31
N LEU A 67 8.27 0.91 1.33
CA LEU A 67 8.32 -0.36 2.05
C LEU A 67 7.87 -0.20 3.49
N GLN A 68 8.31 0.88 4.13
CA GLN A 68 7.95 1.14 5.51
C GLN A 68 6.44 1.29 5.66
N ALA A 69 5.86 2.23 4.94
CA ALA A 69 4.41 2.47 4.99
C ALA A 69 3.64 1.17 4.77
N ILE A 70 4.11 0.36 3.83
CA ILE A 70 3.46 -0.91 3.52
C ILE A 70 3.61 -1.89 4.67
N GLN A 71 4.77 -1.87 5.32
CA GLN A 71 5.03 -2.76 6.44
C GLN A 71 4.16 -2.40 7.64
N LEU A 72 3.75 -1.14 7.71
CA LEU A 72 2.92 -0.66 8.81
C LEU A 72 1.44 -0.89 8.50
N LEU A 73 1.11 -0.94 7.22
CA LEU A 73 -0.27 -1.15 6.79
C LEU A 73 -0.86 -2.39 7.46
N PRO A 74 -2.20 -2.46 7.51
CA PRO A 74 -2.91 -3.59 8.10
C PRO A 74 -2.78 -4.87 7.29
N SER A 75 -3.00 -6.01 7.93
CA SER A 75 -2.90 -7.30 7.27
C SER A 75 -4.16 -7.60 6.47
N GLY A 76 -5.28 -7.03 6.91
CA GLY A 76 -6.54 -7.25 6.24
C GLY A 76 -7.58 -6.19 6.58
N PRO A 77 -8.82 -6.41 6.12
CA PRO A 77 -9.92 -5.48 6.37
C PRO A 77 -10.35 -5.46 7.83
N SER A 78 -11.44 -4.75 8.12
CA SER A 78 -11.95 -4.65 9.48
C SER A 78 -10.95 -3.97 10.39
N SER A 79 -10.80 -2.65 10.23
CA SER A 79 -9.86 -1.88 11.04
C SER A 79 -10.09 -0.39 10.84
N GLY A 80 -10.84 0.23 11.76
CA GLY A 80 -11.12 1.64 11.66
C GLY A 80 -11.96 2.15 12.82
N GLY A 1 -11.69 -7.05 23.83
CA GLY A 1 -12.81 -6.88 24.74
C GLY A 1 -12.61 -5.71 25.68
N SER A 2 -13.64 -5.40 26.46
CA SER A 2 -13.58 -4.30 27.40
C SER A 2 -13.34 -2.98 26.68
N SER A 3 -13.23 -1.90 27.44
CA SER A 3 -13.00 -0.57 26.87
C SER A 3 -11.56 -0.12 27.08
N GLY A 4 -11.01 0.57 26.09
CA GLY A 4 -9.65 1.05 26.18
C GLY A 4 -8.87 0.85 24.89
N SER A 5 -7.80 1.61 24.73
CA SER A 5 -6.98 1.53 23.52
C SER A 5 -7.75 2.01 22.30
N SER A 6 -7.20 3.01 21.62
CA SER A 6 -7.84 3.57 20.44
C SER A 6 -8.04 2.50 19.36
N GLY A 7 -9.30 2.28 18.98
CA GLY A 7 -9.59 1.29 17.96
C GLY A 7 -9.52 1.84 16.56
N PRO A 8 -10.03 1.08 15.59
CA PRO A 8 -10.03 1.49 14.18
C PRO A 8 -10.99 2.64 13.90
N ARG A 9 -10.56 3.58 13.07
CA ARG A 9 -11.38 4.73 12.72
C ARG A 9 -11.33 5.00 11.22
N CYS A 10 -12.39 5.64 10.72
CA CYS A 10 -12.46 5.97 9.29
C CYS A 10 -12.49 4.69 8.45
N PRO A 11 -12.97 4.83 7.20
CA PRO A 11 -13.06 3.69 6.27
C PRO A 11 -11.69 3.21 5.80
N VAL A 12 -11.69 2.24 4.89
CA VAL A 12 -10.45 1.68 4.37
C VAL A 12 -9.69 2.72 3.55
N GLN A 13 -8.38 2.74 3.70
CA GLN A 13 -7.53 3.69 2.97
C GLN A 13 -7.33 3.23 1.54
N THR A 14 -6.96 4.17 0.67
CA THR A 14 -6.73 3.86 -0.74
C THR A 14 -5.31 4.19 -1.15
N VAL A 15 -4.83 3.53 -2.21
CA VAL A 15 -3.48 3.75 -2.70
C VAL A 15 -3.22 5.24 -2.92
N GLY A 16 -4.24 5.96 -3.38
CA GLY A 16 -4.09 7.37 -3.62
C GLY A 16 -3.80 8.16 -2.37
N GLN A 17 -4.74 8.16 -1.43
CA GLN A 17 -4.56 8.88 -0.17
C GLN A 17 -3.37 8.34 0.60
N TRP A 18 -3.05 7.08 0.39
CA TRP A 18 -1.93 6.45 1.07
C TRP A 18 -0.61 7.10 0.65
N LEU A 19 -0.37 7.16 -0.66
CA LEU A 19 0.85 7.76 -1.19
C LEU A 19 0.98 9.21 -0.74
N GLU A 20 -0.15 9.90 -0.64
CA GLU A 20 -0.16 11.29 -0.23
C GLU A 20 0.44 11.45 1.17
N SER A 21 0.34 10.40 1.97
CA SER A 21 0.86 10.42 3.34
C SER A 21 2.39 10.43 3.32
N ILE A 22 2.98 9.38 2.78
CA ILE A 22 4.44 9.27 2.71
C ILE A 22 5.04 10.51 2.06
N GLY A 23 4.30 11.11 1.14
CA GLY A 23 4.79 12.30 0.46
C GLY A 23 5.31 12.00 -0.94
N LEU A 24 4.62 11.13 -1.65
CA LEU A 24 5.02 10.75 -3.01
C LEU A 24 3.81 10.45 -3.88
N PRO A 25 3.03 11.50 -4.18
CA PRO A 25 1.83 11.38 -5.01
C PRO A 25 2.15 11.07 -6.47
N GLN A 26 3.37 11.41 -6.88
CA GLN A 26 3.81 11.17 -8.24
C GLN A 26 3.66 9.69 -8.62
N TYR A 27 3.70 8.83 -7.61
CA TYR A 27 3.57 7.40 -7.83
C TYR A 27 2.13 6.95 -7.64
N GLU A 28 1.19 7.78 -8.07
CA GLU A 28 -0.23 7.48 -7.94
C GLU A 28 -0.73 6.66 -9.13
N ASN A 29 -0.16 6.95 -10.30
CA ASN A 29 -0.55 6.24 -11.52
C ASN A 29 0.30 4.99 -11.71
N HIS A 30 1.52 5.01 -11.15
CA HIS A 30 2.42 3.87 -11.26
C HIS A 30 1.77 2.59 -10.75
N LEU A 31 1.52 2.55 -9.44
CA LEU A 31 0.89 1.38 -8.83
C LEU A 31 -0.45 1.07 -9.48
N MET A 32 -1.27 2.10 -9.66
CA MET A 32 -2.58 1.94 -10.28
C MET A 32 -2.46 1.20 -11.62
N ALA A 33 -1.75 1.81 -12.57
CA ALA A 33 -1.56 1.21 -13.88
C ALA A 33 -1.04 -0.21 -13.77
N ASN A 34 -0.03 -0.40 -12.91
CA ASN A 34 0.57 -1.71 -12.70
C ASN A 34 -0.50 -2.74 -12.33
N GLY A 35 -1.58 -2.27 -11.71
CA GLY A 35 -2.66 -3.17 -11.32
C GLY A 35 -2.75 -3.33 -9.81
N PHE A 36 -2.29 -2.32 -9.08
CA PHE A 36 -2.32 -2.35 -7.62
C PHE A 36 -3.38 -1.41 -7.07
N ASP A 37 -4.61 -1.89 -6.98
CA ASP A 37 -5.71 -1.07 -6.47
C ASP A 37 -6.34 -1.72 -5.23
N ASN A 38 -5.54 -2.50 -4.51
CA ASN A 38 -6.01 -3.17 -3.31
C ASN A 38 -5.06 -2.92 -2.14
N VAL A 39 -5.29 -1.83 -1.41
CA VAL A 39 -4.46 -1.48 -0.27
C VAL A 39 -4.44 -2.59 0.76
N GLN A 40 -5.57 -3.29 0.89
CA GLN A 40 -5.68 -4.39 1.84
C GLN A 40 -4.57 -5.41 1.62
N PHE A 41 -4.39 -5.83 0.38
CA PHE A 41 -3.37 -6.81 0.04
C PHE A 41 -1.99 -6.30 0.43
N MET A 42 -1.63 -5.12 -0.06
CA MET A 42 -0.34 -4.52 0.24
C MET A 42 -0.10 -4.47 1.75
N GLY A 43 0.78 -5.34 2.24
CA GLY A 43 1.08 -5.37 3.65
C GLY A 43 1.24 -6.78 4.19
N SER A 44 2.16 -7.53 3.60
CA SER A 44 2.40 -8.91 4.01
C SER A 44 3.53 -9.54 3.18
N ASN A 45 3.23 -9.84 1.93
CA ASN A 45 4.21 -10.44 1.04
C ASN A 45 4.05 -9.93 -0.39
N VAL A 46 3.58 -8.69 -0.51
CA VAL A 46 3.37 -8.07 -1.81
C VAL A 46 3.89 -6.64 -1.83
N MET A 47 4.36 -6.19 -3.00
CA MET A 47 4.87 -4.83 -3.15
C MET A 47 6.11 -4.63 -2.28
N GLU A 48 7.04 -5.60 -2.35
CA GLU A 48 8.27 -5.52 -1.57
C GLU A 48 9.29 -4.61 -2.26
N ASP A 49 10.47 -4.52 -1.68
CA ASP A 49 11.54 -3.70 -2.23
C ASP A 49 11.77 -4.02 -3.69
N GLN A 50 11.69 -5.30 -4.04
CA GLN A 50 11.89 -5.74 -5.41
C GLN A 50 10.70 -5.36 -6.29
N ASP A 51 9.50 -5.61 -5.77
CA ASP A 51 8.28 -5.29 -6.51
C ASP A 51 8.23 -3.81 -6.86
N LEU A 52 8.82 -2.98 -6.02
CA LEU A 52 8.84 -1.54 -6.25
C LEU A 52 9.75 -1.19 -7.42
N LEU A 53 10.73 -2.04 -7.69
CA LEU A 53 11.67 -1.82 -8.79
C LEU A 53 11.08 -2.32 -10.11
N GLU A 54 10.17 -3.29 -10.02
CA GLU A 54 9.53 -3.85 -11.20
C GLU A 54 8.44 -2.92 -11.72
N ILE A 55 7.64 -2.39 -10.80
CA ILE A 55 6.56 -1.49 -11.18
C ILE A 55 7.07 -0.30 -11.98
N GLY A 56 8.36 0.03 -11.77
CA GLY A 56 8.95 1.14 -12.48
C GLY A 56 9.80 2.01 -11.58
N ILE A 57 9.32 2.27 -10.38
CA ILE A 57 10.05 3.09 -9.42
C ILE A 57 11.48 2.59 -9.24
N LEU A 58 12.43 3.35 -9.77
CA LEU A 58 13.84 2.98 -9.67
C LEU A 58 14.51 3.70 -8.50
N ASN A 59 13.99 4.88 -8.16
CA ASN A 59 14.53 5.67 -7.06
C ASN A 59 14.60 4.84 -5.79
N SER A 60 15.80 4.38 -5.45
CA SER A 60 16.01 3.57 -4.25
C SER A 60 15.56 4.33 -3.00
N GLY A 61 15.91 5.61 -2.94
CA GLY A 61 15.53 6.41 -1.79
C GLY A 61 14.03 6.44 -1.56
N HIS A 62 13.27 6.16 -2.62
CA HIS A 62 11.82 6.16 -2.53
C HIS A 62 11.30 4.75 -2.23
N ARG A 63 11.87 3.76 -2.90
CA ARG A 63 11.46 2.38 -2.70
C ARG A 63 11.53 1.99 -1.23
N GLN A 64 12.50 2.56 -0.51
CA GLN A 64 12.68 2.28 0.90
C GLN A 64 11.60 2.96 1.74
N ARG A 65 11.36 4.24 1.44
CA ARG A 65 10.36 5.01 2.17
C ARG A 65 8.98 4.36 2.04
N ILE A 66 8.68 3.85 0.86
CA ILE A 66 7.40 3.20 0.61
C ILE A 66 7.31 1.86 1.33
N LEU A 67 8.44 1.15 1.39
CA LEU A 67 8.48 -0.14 2.06
C LEU A 67 7.95 -0.05 3.49
N GLN A 68 8.46 0.92 4.23
CA GLN A 68 8.03 1.13 5.61
C GLN A 68 6.52 1.35 5.69
N ALA A 69 6.02 2.21 4.80
CA ALA A 69 4.59 2.52 4.77
C ALA A 69 3.76 1.26 4.58
N ILE A 70 4.22 0.39 3.68
CA ILE A 70 3.52 -0.86 3.41
C ILE A 70 3.56 -1.80 4.61
N GLN A 71 4.59 -1.65 5.43
CA GLN A 71 4.75 -2.48 6.62
C GLN A 71 3.73 -2.10 7.69
N LEU A 72 3.29 -0.84 7.66
CA LEU A 72 2.31 -0.34 8.62
C LEU A 72 0.90 -0.62 8.15
N LEU A 73 0.72 -0.72 6.83
CA LEU A 73 -0.59 -0.98 6.25
C LEU A 73 -1.23 -2.21 6.89
N PRO A 74 -2.56 -2.31 6.77
CA PRO A 74 -3.32 -3.44 7.32
C PRO A 74 -3.06 -4.74 6.58
N SER A 75 -2.79 -5.81 7.32
CA SER A 75 -2.52 -7.11 6.73
C SER A 75 -3.72 -8.03 6.87
N GLY A 76 -4.47 -7.84 7.95
CA GLY A 76 -5.64 -8.67 8.19
C GLY A 76 -6.85 -7.86 8.62
N PRO A 77 -7.98 -8.55 8.84
CA PRO A 77 -9.22 -7.90 9.25
C PRO A 77 -9.16 -7.36 10.68
N SER A 78 -8.26 -7.93 11.47
CA SER A 78 -8.10 -7.51 12.87
C SER A 78 -9.40 -7.67 13.64
N SER A 79 -9.87 -8.91 13.73
CA SER A 79 -11.12 -9.21 14.44
C SER A 79 -10.82 -9.79 15.82
N GLY A 80 -10.09 -9.03 16.63
CA GLY A 80 -9.76 -9.48 17.97
C GLY A 80 -9.37 -8.35 18.89
N GLY A 1 -26.96 -9.97 6.68
CA GLY A 1 -26.71 -10.08 5.26
C GLY A 1 -25.27 -9.78 4.89
N SER A 2 -25.07 -9.13 3.75
CA SER A 2 -23.73 -8.78 3.29
C SER A 2 -23.63 -7.31 2.96
N SER A 3 -24.58 -6.80 2.19
CA SER A 3 -24.59 -5.40 1.81
C SER A 3 -25.82 -4.69 2.38
N GLY A 4 -25.58 -3.77 3.31
CA GLY A 4 -26.67 -3.03 3.93
C GLY A 4 -26.19 -1.84 4.74
N SER A 5 -26.15 -2.00 6.05
CA SER A 5 -25.71 -0.94 6.94
C SER A 5 -24.82 -1.48 8.04
N SER A 6 -23.75 -0.74 8.35
CA SER A 6 -22.80 -1.16 9.38
C SER A 6 -22.17 -2.50 9.03
N GLY A 7 -21.11 -2.46 8.25
CA GLY A 7 -20.42 -3.68 7.85
C GLY A 7 -19.56 -3.50 6.62
N PRO A 8 -20.20 -3.41 5.45
CA PRO A 8 -19.50 -3.23 4.18
C PRO A 8 -18.88 -1.85 4.05
N ARG A 9 -19.51 -0.86 4.67
CA ARG A 9 -19.02 0.51 4.62
C ARG A 9 -18.22 0.84 5.88
N CYS A 10 -16.96 0.43 5.90
CA CYS A 10 -16.09 0.68 7.04
C CYS A 10 -14.98 1.66 6.67
N PRO A 11 -14.37 2.29 7.69
CA PRO A 11 -13.29 3.25 7.50
C PRO A 11 -12.01 2.60 7.01
N VAL A 12 -11.66 2.84 5.75
CA VAL A 12 -10.45 2.28 5.17
C VAL A 12 -9.72 3.30 4.29
N GLN A 13 -8.40 3.23 4.30
CA GLN A 13 -7.59 4.15 3.51
C GLN A 13 -7.44 3.66 2.08
N THR A 14 -7.11 4.57 1.17
CA THR A 14 -6.94 4.22 -0.23
C THR A 14 -5.52 4.53 -0.70
N VAL A 15 -5.10 3.86 -1.77
CA VAL A 15 -3.77 4.07 -2.33
C VAL A 15 -3.49 5.54 -2.57
N GLY A 16 -4.50 6.25 -3.07
CA GLY A 16 -4.35 7.67 -3.34
C GLY A 16 -3.94 8.45 -2.11
N GLN A 17 -4.86 8.58 -1.16
CA GLN A 17 -4.59 9.32 0.07
C GLN A 17 -3.40 8.72 0.81
N TRP A 18 -3.17 7.44 0.59
CA TRP A 18 -2.06 6.73 1.24
C TRP A 18 -0.72 7.30 0.79
N LEU A 19 -0.56 7.48 -0.52
CA LEU A 19 0.67 8.01 -1.08
C LEU A 19 0.90 9.45 -0.62
N GLU A 20 -0.17 10.23 -0.61
CA GLU A 20 -0.08 11.63 -0.19
C GLU A 20 0.49 11.74 1.21
N SER A 21 0.32 10.68 2.00
CA SER A 21 0.82 10.67 3.38
C SER A 21 2.34 10.61 3.39
N ILE A 22 2.90 9.54 2.86
CA ILE A 22 4.35 9.37 2.82
C ILE A 22 5.02 10.56 2.14
N GLY A 23 4.33 11.14 1.17
CA GLY A 23 4.88 12.29 0.45
C GLY A 23 5.43 11.90 -0.91
N LEU A 24 4.66 11.12 -1.65
CA LEU A 24 5.08 10.69 -2.99
C LEU A 24 3.86 10.43 -3.88
N PRO A 25 3.15 11.51 -4.23
CA PRO A 25 1.96 11.42 -5.09
C PRO A 25 2.31 11.06 -6.52
N GLN A 26 3.55 11.34 -6.91
CA GLN A 26 4.01 11.05 -8.27
C GLN A 26 3.82 9.57 -8.60
N TYR A 27 3.79 8.74 -7.56
CA TYR A 27 3.62 7.29 -7.74
C TYR A 27 2.15 6.90 -7.58
N GLU A 28 1.26 7.79 -8.01
CA GLU A 28 -0.18 7.52 -7.91
C GLU A 28 -0.67 6.76 -9.14
N ASN A 29 0.03 6.93 -10.26
CA ASN A 29 -0.34 6.25 -11.50
C ASN A 29 0.41 4.93 -11.64
N HIS A 30 1.62 4.88 -11.08
CA HIS A 30 2.44 3.67 -11.15
C HIS A 30 1.69 2.47 -10.57
N LEU A 31 1.39 2.54 -9.28
CA LEU A 31 0.70 1.47 -8.60
C LEU A 31 -0.58 1.10 -9.34
N MET A 32 -1.40 2.10 -9.64
CA MET A 32 -2.66 1.88 -10.35
C MET A 32 -2.40 1.30 -11.73
N ALA A 33 -1.18 1.47 -12.22
CA ALA A 33 -0.80 0.95 -13.52
C ALA A 33 -0.31 -0.49 -13.44
N ASN A 34 0.41 -0.80 -12.36
CA ASN A 34 0.95 -2.14 -12.14
C ASN A 34 -0.17 -3.12 -11.85
N GLY A 35 -1.28 -2.62 -11.32
CA GLY A 35 -2.41 -3.47 -11.01
C GLY A 35 -2.69 -3.53 -9.51
N PHE A 36 -2.31 -2.48 -8.80
CA PHE A 36 -2.52 -2.42 -7.35
C PHE A 36 -3.55 -1.35 -7.00
N ASP A 37 -4.77 -1.80 -6.71
CA ASP A 37 -5.84 -0.88 -6.34
C ASP A 37 -6.38 -1.19 -4.95
N ASN A 38 -5.53 -1.79 -4.12
CA ASN A 38 -5.92 -2.15 -2.75
C ASN A 38 -5.00 -1.46 -1.74
N VAL A 39 -5.28 -1.70 -0.46
CA VAL A 39 -4.49 -1.11 0.61
C VAL A 39 -4.19 -2.14 1.69
N GLN A 40 -5.20 -2.93 2.05
CA GLN A 40 -5.04 -3.95 3.08
C GLN A 40 -4.28 -5.15 2.54
N PHE A 41 -4.45 -5.43 1.25
CA PHE A 41 -3.78 -6.56 0.62
C PHE A 41 -2.30 -6.27 0.41
N MET A 42 -1.97 -4.98 0.32
CA MET A 42 -0.58 -4.58 0.13
C MET A 42 0.26 -4.90 1.36
N GLY A 43 -0.40 -4.98 2.52
CA GLY A 43 0.31 -5.30 3.75
C GLY A 43 0.23 -6.77 4.11
N SER A 44 1.01 -7.59 3.43
CA SER A 44 1.02 -9.02 3.68
C SER A 44 2.17 -9.70 2.94
N ASN A 45 2.02 -9.84 1.63
CA ASN A 45 3.05 -10.47 0.80
C ASN A 45 2.98 -9.96 -0.64
N VAL A 46 3.34 -8.70 -0.83
CA VAL A 46 3.33 -8.09 -2.16
C VAL A 46 3.90 -6.69 -2.14
N MET A 47 4.44 -6.25 -3.26
CA MET A 47 5.03 -4.92 -3.37
C MET A 47 6.23 -4.78 -2.45
N GLU A 48 7.22 -5.65 -2.64
CA GLU A 48 8.42 -5.63 -1.82
C GLU A 48 9.48 -4.69 -2.42
N ASP A 49 10.65 -4.66 -1.80
CA ASP A 49 11.74 -3.80 -2.27
C ASP A 49 12.06 -4.10 -3.73
N GLN A 50 11.77 -5.33 -4.16
CA GLN A 50 12.04 -5.75 -5.53
C GLN A 50 10.86 -5.40 -6.44
N ASP A 51 9.66 -5.74 -5.99
CA ASP A 51 8.45 -5.47 -6.77
C ASP A 51 8.38 -4.00 -7.17
N LEU A 52 8.77 -3.12 -6.25
CA LEU A 52 8.76 -1.68 -6.51
C LEU A 52 9.72 -1.32 -7.63
N LEU A 53 10.77 -2.13 -7.79
CA LEU A 53 11.78 -1.90 -8.83
C LEU A 53 11.35 -2.55 -10.14
N GLU A 54 10.51 -3.58 -10.04
CA GLU A 54 10.03 -4.28 -11.23
C GLU A 54 8.87 -3.54 -11.87
N ILE A 55 8.14 -2.77 -11.07
CA ILE A 55 7.00 -2.02 -11.56
C ILE A 55 7.45 -0.78 -12.34
N GLY A 56 8.68 -0.33 -12.07
CA GLY A 56 9.21 0.83 -12.75
C GLY A 56 9.96 1.76 -11.81
N ILE A 57 9.39 2.02 -10.65
CA ILE A 57 10.02 2.90 -9.67
C ILE A 57 11.45 2.47 -9.39
N LEU A 58 12.41 3.26 -9.87
CA LEU A 58 13.82 2.96 -9.68
C LEU A 58 14.37 3.76 -8.50
N ASN A 59 13.75 4.89 -8.20
CA ASN A 59 14.18 5.74 -7.09
C ASN A 59 14.32 4.92 -5.81
N SER A 60 15.55 4.60 -5.44
CA SER A 60 15.82 3.83 -4.23
C SER A 60 15.33 4.57 -2.99
N GLY A 61 15.69 5.84 -2.88
CA GLY A 61 15.28 6.65 -1.75
C GLY A 61 13.79 6.59 -1.51
N HIS A 62 13.03 6.37 -2.58
CA HIS A 62 11.57 6.29 -2.48
C HIS A 62 11.11 4.86 -2.27
N ARG A 63 11.72 3.93 -2.99
CA ARG A 63 11.37 2.52 -2.87
C ARG A 63 11.41 2.07 -1.42
N GLN A 64 12.40 2.56 -0.69
CA GLN A 64 12.55 2.20 0.72
C GLN A 64 11.46 2.85 1.57
N ARG A 65 11.24 4.14 1.37
CA ARG A 65 10.22 4.87 2.12
C ARG A 65 8.86 4.20 1.97
N ILE A 66 8.57 3.73 0.76
CA ILE A 66 7.30 3.07 0.48
C ILE A 66 7.21 1.72 1.20
N LEU A 67 8.32 1.01 1.24
CA LEU A 67 8.37 -0.29 1.90
C LEU A 67 7.82 -0.21 3.32
N GLN A 68 8.24 0.82 4.05
CA GLN A 68 7.79 1.01 5.42
C GLN A 68 6.27 1.19 5.48
N ALA A 69 5.77 2.15 4.70
CA ALA A 69 4.33 2.43 4.66
C ALA A 69 3.55 1.15 4.38
N ILE A 70 4.00 0.38 3.40
CA ILE A 70 3.33 -0.87 3.02
C ILE A 70 3.39 -1.87 4.17
N GLN A 71 4.45 -1.78 4.97
CA GLN A 71 4.62 -2.69 6.10
C GLN A 71 3.73 -2.29 7.27
N LEU A 72 3.65 -0.99 7.52
CA LEU A 72 2.83 -0.46 8.62
C LEU A 72 1.35 -0.70 8.35
N LEU A 73 0.99 -0.81 7.07
CA LEU A 73 -0.39 -1.05 6.68
C LEU A 73 -0.98 -2.24 7.43
N PRO A 74 -2.32 -2.29 7.51
CA PRO A 74 -3.03 -3.38 8.20
C PRO A 74 -2.91 -4.71 7.45
N SER A 75 -2.78 -5.79 8.20
CA SER A 75 -2.65 -7.13 7.62
C SER A 75 -3.62 -8.10 8.29
N GLY A 76 -4.74 -8.36 7.61
CA GLY A 76 -5.73 -9.27 8.15
C GLY A 76 -6.40 -8.73 9.39
N PRO A 77 -7.30 -7.74 9.20
CA PRO A 77 -8.03 -7.12 10.30
C PRO A 77 -9.06 -8.05 10.92
N SER A 78 -9.39 -9.12 10.20
CA SER A 78 -10.36 -10.09 10.68
C SER A 78 -9.66 -11.33 11.25
N SER A 79 -10.04 -11.71 12.47
CA SER A 79 -9.44 -12.86 13.13
C SER A 79 -9.68 -14.13 12.31
N GLY A 80 -10.95 -14.43 12.04
CA GLY A 80 -11.29 -15.60 11.26
C GLY A 80 -12.74 -15.60 10.80
N GLY A 1 -10.66 -21.57 -8.71
CA GLY A 1 -10.40 -20.36 -7.93
C GLY A 1 -11.63 -19.90 -7.17
N SER A 2 -11.92 -20.55 -6.05
CA SER A 2 -13.07 -20.20 -5.23
C SER A 2 -12.72 -19.09 -4.25
N SER A 3 -13.71 -18.66 -3.46
CA SER A 3 -13.50 -17.61 -2.48
C SER A 3 -12.98 -16.34 -3.15
N GLY A 4 -12.69 -15.32 -2.33
CA GLY A 4 -12.19 -14.07 -2.86
C GLY A 4 -13.28 -13.03 -3.01
N SER A 5 -14.42 -13.44 -3.56
CA SER A 5 -15.54 -12.53 -3.76
C SER A 5 -16.15 -12.12 -2.42
N SER A 6 -15.92 -10.86 -2.04
CA SER A 6 -16.43 -10.34 -0.79
C SER A 6 -16.68 -8.84 -0.87
N GLY A 7 -17.40 -8.30 0.09
CA GLY A 7 -17.69 -6.88 0.11
C GLY A 7 -17.74 -6.31 1.52
N PRO A 8 -16.56 -6.20 2.15
CA PRO A 8 -16.44 -5.67 3.51
C PRO A 8 -16.73 -4.17 3.58
N ARG A 9 -17.37 -3.74 4.65
CA ARG A 9 -17.70 -2.33 4.83
C ARG A 9 -17.01 -1.76 6.07
N CYS A 10 -15.97 -0.96 5.85
CA CYS A 10 -15.22 -0.36 6.95
C CYS A 10 -14.37 0.80 6.44
N PRO A 11 -14.03 1.72 7.35
CA PRO A 11 -13.20 2.90 7.03
C PRO A 11 -11.76 2.52 6.73
N VAL A 12 -11.40 2.54 5.45
CA VAL A 12 -10.05 2.20 5.02
C VAL A 12 -9.53 3.22 4.02
N GLN A 13 -8.23 3.52 4.09
CA GLN A 13 -7.60 4.48 3.19
C GLN A 13 -7.42 3.87 1.80
N THR A 14 -7.14 4.72 0.83
CA THR A 14 -6.95 4.28 -0.55
C THR A 14 -5.51 4.51 -1.01
N VAL A 15 -5.13 3.84 -2.10
CA VAL A 15 -3.79 3.97 -2.63
C VAL A 15 -3.41 5.44 -2.85
N GLY A 16 -4.38 6.22 -3.34
CA GLY A 16 -4.14 7.63 -3.60
C GLY A 16 -3.74 8.38 -2.34
N GLN A 17 -4.66 8.47 -1.39
CA GLN A 17 -4.41 9.17 -0.13
C GLN A 17 -3.22 8.55 0.60
N TRP A 18 -3.04 7.25 0.42
CA TRP A 18 -1.94 6.54 1.07
C TRP A 18 -0.60 7.10 0.63
N LEU A 19 -0.44 7.31 -0.67
CA LEU A 19 0.80 7.85 -1.22
C LEU A 19 1.00 9.31 -0.80
N GLU A 20 -0.11 10.04 -0.68
CA GLU A 20 -0.05 11.44 -0.29
C GLU A 20 0.54 11.59 1.11
N SER A 21 0.42 10.54 1.91
CA SER A 21 0.95 10.55 3.28
C SER A 21 2.47 10.49 3.27
N ILE A 22 3.02 9.41 2.73
CA ILE A 22 4.46 9.23 2.66
C ILE A 22 5.13 10.43 2.02
N GLY A 23 4.43 11.07 1.08
CA GLY A 23 4.96 12.24 0.40
C GLY A 23 5.47 11.91 -0.98
N LEU A 24 4.70 11.12 -1.72
CA LEU A 24 5.09 10.73 -3.07
C LEU A 24 3.85 10.45 -3.93
N PRO A 25 3.10 11.52 -4.23
CA PRO A 25 1.88 11.41 -5.05
C PRO A 25 2.18 11.09 -6.51
N GLN A 26 3.40 11.41 -6.93
CA GLN A 26 3.82 11.15 -8.31
C GLN A 26 3.63 9.68 -8.66
N TYR A 27 3.67 8.82 -7.66
CA TYR A 27 3.51 7.39 -7.87
C TYR A 27 2.06 6.97 -7.67
N GLU A 28 1.14 7.81 -8.11
CA GLU A 28 -0.29 7.53 -7.98
C GLU A 28 -0.79 6.68 -9.15
N ASN A 29 -0.22 6.91 -10.33
CA ASN A 29 -0.61 6.18 -11.52
C ASN A 29 0.22 4.91 -11.67
N HIS A 30 1.43 4.93 -11.12
CA HIS A 30 2.33 3.79 -11.20
C HIS A 30 1.64 2.53 -10.68
N LEU A 31 1.29 2.54 -9.40
CA LEU A 31 0.62 1.39 -8.78
C LEU A 31 -0.66 1.04 -9.52
N MET A 32 -1.49 2.06 -9.76
CA MET A 32 -2.76 1.85 -10.47
C MET A 32 -2.53 1.20 -11.81
N ALA A 33 -1.35 1.42 -12.39
CA ALA A 33 -1.00 0.85 -13.69
C ALA A 33 -0.58 -0.61 -13.54
N ASN A 34 -0.10 -0.97 -12.37
CA ASN A 34 0.34 -2.34 -12.10
C ASN A 34 -0.77 -3.14 -11.43
N GLY A 35 -2.01 -2.76 -11.69
CA GLY A 35 -3.14 -3.45 -11.09
C GLY A 35 -3.07 -3.49 -9.59
N PHE A 36 -2.67 -2.39 -8.98
CA PHE A 36 -2.56 -2.30 -7.53
C PHE A 36 -3.54 -1.28 -6.96
N ASP A 37 -4.83 -1.60 -7.05
CA ASP A 37 -5.88 -0.71 -6.55
C ASP A 37 -6.30 -1.12 -5.15
N ASN A 38 -5.40 -1.76 -4.42
CA ASN A 38 -5.68 -2.20 -3.06
C ASN A 38 -4.76 -1.51 -2.06
N VAL A 39 -5.13 -1.55 -0.78
CA VAL A 39 -4.34 -0.93 0.27
C VAL A 39 -4.03 -1.93 1.38
N GLN A 40 -5.00 -2.79 1.69
CA GLN A 40 -4.82 -3.79 2.73
C GLN A 40 -4.05 -5.00 2.20
N PHE A 41 -4.25 -5.29 0.92
CA PHE A 41 -3.59 -6.42 0.28
C PHE A 41 -2.08 -6.17 0.14
N MET A 42 -1.72 -4.89 0.07
CA MET A 42 -0.32 -4.50 -0.08
C MET A 42 0.52 -5.12 1.04
N GLY A 43 -0.08 -5.29 2.21
CA GLY A 43 0.63 -5.86 3.33
C GLY A 43 0.41 -7.36 3.45
N SER A 44 0.69 -8.09 2.38
CA SER A 44 0.51 -9.55 2.37
C SER A 44 1.35 -10.19 1.28
N ASN A 45 2.67 -10.22 1.48
CA ASN A 45 3.58 -10.80 0.51
C ASN A 45 3.37 -10.21 -0.87
N VAL A 46 3.61 -8.91 -1.00
CA VAL A 46 3.45 -8.22 -2.27
C VAL A 46 3.93 -6.77 -2.18
N MET A 47 4.38 -6.24 -3.31
CA MET A 47 4.86 -4.86 -3.35
C MET A 47 6.10 -4.69 -2.46
N GLU A 48 7.05 -5.61 -2.61
CA GLU A 48 8.28 -5.56 -1.81
C GLU A 48 9.31 -4.65 -2.48
N ASP A 49 10.50 -4.58 -1.89
CA ASP A 49 11.56 -3.75 -2.41
C ASP A 49 11.80 -4.02 -3.89
N GLN A 50 11.74 -5.30 -4.27
CA GLN A 50 11.94 -5.70 -5.66
C GLN A 50 10.76 -5.27 -6.52
N ASP A 51 9.56 -5.57 -6.06
CA ASP A 51 8.34 -5.23 -6.79
C ASP A 51 8.30 -3.73 -7.09
N LEU A 52 8.81 -2.93 -6.16
CA LEU A 52 8.82 -1.48 -6.33
C LEU A 52 9.78 -1.08 -7.44
N LEU A 53 10.79 -1.91 -7.69
CA LEU A 53 11.76 -1.63 -8.73
C LEU A 53 11.27 -2.11 -10.09
N GLU A 54 10.39 -3.11 -10.07
CA GLU A 54 9.83 -3.66 -11.30
C GLU A 54 8.71 -2.77 -11.84
N ILE A 55 7.88 -2.27 -10.93
CA ILE A 55 6.77 -1.40 -11.31
C ILE A 55 7.26 -0.18 -12.08
N GLY A 56 8.52 0.19 -11.83
CA GLY A 56 9.08 1.34 -12.51
C GLY A 56 9.91 2.21 -11.58
N ILE A 57 9.40 2.44 -10.37
CA ILE A 57 10.10 3.25 -9.40
C ILE A 57 11.54 2.77 -9.20
N LEU A 58 12.49 3.54 -9.72
CA LEU A 58 13.90 3.18 -9.61
C LEU A 58 14.54 3.89 -8.42
N ASN A 59 13.98 5.04 -8.05
CA ASN A 59 14.50 5.81 -6.92
C ASN A 59 14.62 4.94 -5.67
N SER A 60 15.85 4.53 -5.36
CA SER A 60 16.10 3.69 -4.19
C SER A 60 15.63 4.39 -2.92
N GLY A 61 15.95 5.67 -2.80
CA GLY A 61 15.56 6.43 -1.62
C GLY A 61 14.06 6.43 -1.41
N HIS A 62 13.32 6.17 -2.47
CA HIS A 62 11.85 6.14 -2.41
C HIS A 62 11.34 4.73 -2.12
N ARG A 63 11.93 3.75 -2.78
CA ARG A 63 11.54 2.35 -2.60
C ARG A 63 11.66 1.95 -1.14
N GLN A 64 12.56 2.61 -0.41
CA GLN A 64 12.78 2.32 1.00
C GLN A 64 11.68 2.92 1.86
N ARG A 65 11.32 4.16 1.57
CA ARG A 65 10.26 4.86 2.31
C ARG A 65 8.92 4.16 2.13
N ILE A 66 8.60 3.83 0.89
CA ILE A 66 7.34 3.15 0.58
C ILE A 66 7.24 1.80 1.29
N LEU A 67 8.37 1.09 1.35
CA LEU A 67 8.41 -0.21 2.00
C LEU A 67 7.86 -0.13 3.42
N GLN A 68 8.35 0.84 4.19
CA GLN A 68 7.90 1.03 5.56
C GLN A 68 6.39 1.23 5.62
N ALA A 69 5.89 2.16 4.82
CA ALA A 69 4.47 2.44 4.78
C ALA A 69 3.65 1.17 4.55
N ILE A 70 4.10 0.35 3.59
CA ILE A 70 3.42 -0.90 3.28
C ILE A 70 3.49 -1.87 4.45
N GLN A 71 4.53 -1.75 5.25
CA GLN A 71 4.71 -2.62 6.41
C GLN A 71 3.76 -2.25 7.53
N LEU A 72 3.38 -0.97 7.58
CA LEU A 72 2.45 -0.49 8.60
C LEU A 72 1.00 -0.74 8.20
N LEU A 73 0.77 -0.81 6.89
CA LEU A 73 -0.57 -1.05 6.37
C LEU A 73 -1.20 -2.27 7.03
N PRO A 74 -2.54 -2.35 6.97
CA PRO A 74 -3.30 -3.47 7.55
C PRO A 74 -3.09 -4.77 6.77
N SER A 75 -3.05 -5.88 7.50
CA SER A 75 -2.86 -7.19 6.88
C SER A 75 -4.20 -7.90 6.69
N GLY A 76 -4.85 -7.62 5.56
CA GLY A 76 -6.13 -8.24 5.28
C GLY A 76 -7.29 -7.40 5.75
N PRO A 77 -8.52 -7.95 5.64
CA PRO A 77 -9.75 -7.26 6.04
C PRO A 77 -9.85 -7.10 7.56
N SER A 78 -9.13 -7.94 8.29
CA SER A 78 -9.14 -7.90 9.74
C SER A 78 -7.82 -7.35 10.28
N SER A 79 -7.91 -6.45 11.25
CA SER A 79 -6.72 -5.85 11.85
C SER A 79 -6.46 -6.43 13.23
N GLY A 80 -6.45 -7.75 13.33
CA GLY A 80 -6.21 -8.41 14.60
C GLY A 80 -6.22 -9.92 14.47
N GLY A 1 -13.61 -10.48 -17.43
CA GLY A 1 -14.21 -9.36 -16.71
C GLY A 1 -15.16 -9.83 -15.62
N SER A 2 -15.70 -8.88 -14.87
CA SER A 2 -16.62 -9.20 -13.79
C SER A 2 -17.15 -7.92 -13.13
N SER A 3 -18.47 -7.81 -13.03
CA SER A 3 -19.10 -6.65 -12.44
C SER A 3 -20.48 -6.99 -11.89
N GLY A 4 -21.10 -6.03 -11.20
CA GLY A 4 -22.42 -6.26 -10.65
C GLY A 4 -22.79 -5.20 -9.61
N SER A 5 -23.23 -5.67 -8.44
CA SER A 5 -23.63 -4.76 -7.37
C SER A 5 -22.45 -4.43 -6.47
N SER A 6 -22.32 -3.16 -6.11
CA SER A 6 -21.23 -2.71 -5.26
C SER A 6 -21.69 -2.55 -3.81
N GLY A 7 -20.97 -3.20 -2.89
CA GLY A 7 -21.33 -3.12 -1.49
C GLY A 7 -20.64 -1.97 -0.78
N PRO A 8 -21.11 -1.65 0.44
CA PRO A 8 -20.54 -0.57 1.24
C PRO A 8 -19.14 -0.89 1.75
N ARG A 9 -18.93 -2.15 2.13
CA ARG A 9 -17.63 -2.59 2.63
C ARG A 9 -17.25 -1.80 3.88
N CYS A 10 -16.09 -2.14 4.45
CA CYS A 10 -15.61 -1.47 5.65
C CYS A 10 -14.72 -0.30 5.30
N PRO A 11 -14.53 0.62 6.25
CA PRO A 11 -13.70 1.81 6.06
C PRO A 11 -12.21 1.47 5.98
N VAL A 12 -11.63 1.68 4.81
CA VAL A 12 -10.21 1.40 4.60
C VAL A 12 -9.56 2.46 3.71
N GLN A 13 -8.34 2.85 4.07
CA GLN A 13 -7.61 3.86 3.30
C GLN A 13 -7.42 3.40 1.85
N THR A 14 -7.07 4.35 0.98
CA THR A 14 -6.85 4.05 -0.43
C THR A 14 -5.44 4.41 -0.85
N VAL A 15 -4.98 3.79 -1.95
CA VAL A 15 -3.64 4.04 -2.46
C VAL A 15 -3.39 5.55 -2.63
N GLY A 16 -4.42 6.26 -3.07
CA GLY A 16 -4.29 7.69 -3.27
C GLY A 16 -3.94 8.43 -1.99
N GLN A 17 -4.87 8.43 -1.04
CA GLN A 17 -4.66 9.11 0.24
C GLN A 17 -3.44 8.53 0.96
N TRP A 18 -3.17 7.25 0.72
CA TRP A 18 -2.04 6.59 1.35
C TRP A 18 -0.72 7.10 0.79
N LEU A 19 -0.68 7.29 -0.53
CA LEU A 19 0.52 7.78 -1.19
C LEU A 19 0.79 9.23 -0.82
N GLU A 20 -0.27 10.03 -0.78
CA GLU A 20 -0.15 11.45 -0.43
C GLU A 20 0.38 11.62 0.99
N SER A 21 0.15 10.62 1.83
CA SER A 21 0.60 10.66 3.21
C SER A 21 2.12 10.62 3.30
N ILE A 22 2.70 9.53 2.83
CA ILE A 22 4.16 9.36 2.84
C ILE A 22 4.84 10.55 2.19
N GLY A 23 4.21 11.12 1.16
CA GLY A 23 4.77 12.26 0.48
C GLY A 23 5.33 11.89 -0.89
N LEU A 24 4.59 11.09 -1.64
CA LEU A 24 5.01 10.66 -2.96
C LEU A 24 3.81 10.38 -3.86
N PRO A 25 3.09 11.45 -4.22
CA PRO A 25 1.90 11.34 -5.08
C PRO A 25 2.27 10.98 -6.52
N GLN A 26 3.51 11.27 -6.90
CA GLN A 26 3.97 10.99 -8.25
C GLN A 26 3.79 9.51 -8.58
N TYR A 27 3.77 8.67 -7.55
CA TYR A 27 3.59 7.23 -7.74
C TYR A 27 2.13 6.84 -7.60
N GLU A 28 1.24 7.68 -8.13
CA GLU A 28 -0.19 7.41 -8.06
C GLU A 28 -0.64 6.54 -9.23
N ASN A 29 -0.01 6.74 -10.39
CA ASN A 29 -0.33 5.97 -11.58
C ASN A 29 0.57 4.74 -11.71
N HIS A 30 1.75 4.83 -11.12
CA HIS A 30 2.70 3.71 -11.18
C HIS A 30 2.08 2.44 -10.62
N LEU A 31 1.42 2.55 -9.48
CA LEU A 31 0.78 1.41 -8.84
C LEU A 31 -0.52 1.05 -9.55
N MET A 32 -1.37 2.06 -9.75
CA MET A 32 -2.65 1.85 -10.42
C MET A 32 -2.45 1.13 -11.75
N ALA A 33 -1.67 1.73 -12.63
CA ALA A 33 -1.40 1.15 -13.95
C ALA A 33 -0.93 -0.29 -13.81
N ASN A 34 0.03 -0.52 -12.91
CA ASN A 34 0.57 -1.86 -12.69
C ASN A 34 -0.53 -2.83 -12.26
N GLY A 35 -1.58 -2.29 -11.65
CA GLY A 35 -2.68 -3.12 -11.19
C GLY A 35 -2.75 -3.21 -9.69
N PHE A 36 -2.37 -2.13 -9.01
CA PHE A 36 -2.39 -2.10 -7.55
C PHE A 36 -3.41 -1.08 -7.04
N ASP A 37 -4.61 -1.55 -6.73
CA ASP A 37 -5.67 -0.68 -6.24
C ASP A 37 -6.18 -1.16 -4.88
N ASN A 38 -5.33 -1.86 -4.15
CA ASN A 38 -5.69 -2.38 -2.83
C ASN A 38 -4.58 -2.14 -1.83
N VAL A 39 -4.56 -0.95 -1.24
CA VAL A 39 -3.55 -0.60 -0.24
C VAL A 39 -3.52 -1.60 0.89
N GLN A 40 -4.66 -2.20 1.19
CA GLN A 40 -4.77 -3.19 2.25
C GLN A 40 -4.08 -4.49 1.86
N PHE A 41 -4.01 -4.73 0.55
CA PHE A 41 -3.38 -5.95 0.03
C PHE A 41 -1.86 -5.78 -0.05
N MET A 42 -1.42 -4.53 -0.18
CA MET A 42 0.01 -4.23 -0.27
C MET A 42 0.77 -4.89 0.87
N GLY A 43 0.13 -4.97 2.04
CA GLY A 43 0.78 -5.57 3.19
C GLY A 43 0.81 -7.08 3.12
N SER A 44 1.55 -7.61 2.16
CA SER A 44 1.66 -9.05 1.97
C SER A 44 2.89 -9.40 1.14
N ASN A 45 2.98 -10.67 0.73
CA ASN A 45 4.10 -11.13 -0.07
C ASN A 45 4.22 -10.35 -1.37
N VAL A 46 3.11 -9.72 -1.77
CA VAL A 46 3.07 -8.93 -3.00
C VAL A 46 3.48 -7.49 -2.74
N MET A 47 4.02 -6.83 -3.76
CA MET A 47 4.45 -5.45 -3.64
C MET A 47 5.60 -5.32 -2.63
N GLU A 48 6.70 -6.02 -2.90
CA GLU A 48 7.86 -5.98 -2.02
C GLU A 48 8.92 -5.05 -2.57
N ASP A 49 10.07 -5.00 -1.89
CA ASP A 49 11.17 -4.14 -2.31
C ASP A 49 11.51 -4.38 -3.79
N GLN A 50 11.29 -5.60 -4.25
CA GLN A 50 11.57 -5.96 -5.63
C GLN A 50 10.45 -5.52 -6.56
N ASP A 51 9.21 -5.79 -6.16
CA ASP A 51 8.04 -5.40 -6.95
C ASP A 51 8.02 -3.91 -7.19
N LEU A 52 8.69 -3.15 -6.32
CA LEU A 52 8.75 -1.70 -6.44
C LEU A 52 9.83 -1.28 -7.44
N LEU A 53 10.78 -2.18 -7.68
CA LEU A 53 11.87 -1.90 -8.61
C LEU A 53 11.50 -2.34 -10.02
N GLU A 54 10.60 -3.31 -10.12
CA GLU A 54 10.16 -3.82 -11.41
C GLU A 54 9.07 -2.94 -12.02
N ILE A 55 8.26 -2.34 -11.14
CA ILE A 55 7.17 -1.47 -11.59
C ILE A 55 7.71 -0.27 -12.35
N GLY A 56 8.93 0.14 -12.01
CA GLY A 56 9.55 1.27 -12.67
C GLY A 56 10.30 2.17 -11.71
N ILE A 57 9.74 2.36 -10.52
CA ILE A 57 10.37 3.20 -9.51
C ILE A 57 11.82 2.79 -9.28
N LEU A 58 12.75 3.57 -9.82
CA LEU A 58 14.16 3.30 -9.67
C LEU A 58 14.74 4.02 -8.45
N ASN A 59 14.12 5.13 -8.09
CA ASN A 59 14.56 5.91 -6.94
C ASN A 59 14.70 5.03 -5.70
N SER A 60 15.94 4.68 -5.36
CA SER A 60 16.21 3.84 -4.19
C SER A 60 15.76 4.53 -2.91
N GLY A 61 16.16 5.79 -2.76
CA GLY A 61 15.79 6.53 -1.56
C GLY A 61 14.30 6.66 -1.40
N HIS A 62 13.55 6.45 -2.48
CA HIS A 62 12.10 6.54 -2.45
C HIS A 62 11.48 5.18 -2.13
N ARG A 63 12.03 4.12 -2.72
CA ARG A 63 11.52 2.77 -2.51
C ARG A 63 11.49 2.45 -1.01
N GLN A 64 12.59 2.72 -0.32
CA GLN A 64 12.68 2.46 1.11
C GLN A 64 11.51 3.07 1.85
N ARG A 65 11.09 4.26 1.42
CA ARG A 65 9.97 4.95 2.04
C ARG A 65 8.66 4.19 1.82
N ILE A 66 8.51 3.63 0.62
CA ILE A 66 7.30 2.89 0.28
C ILE A 66 7.21 1.60 1.10
N LEU A 67 8.32 0.88 1.18
CA LEU A 67 8.36 -0.37 1.93
C LEU A 67 7.83 -0.18 3.35
N GLN A 68 8.38 0.81 4.04
CA GLN A 68 7.97 1.11 5.41
C GLN A 68 6.46 1.32 5.49
N ALA A 69 5.94 2.17 4.60
CA ALA A 69 4.51 2.46 4.57
C ALA A 69 3.70 1.18 4.51
N ILE A 70 4.09 0.27 3.63
CA ILE A 70 3.40 -1.00 3.47
C ILE A 70 3.54 -1.87 4.72
N GLN A 71 4.69 -1.75 5.39
CA GLN A 71 4.95 -2.51 6.60
C GLN A 71 4.05 -2.06 7.74
N LEU A 72 3.83 -0.75 7.83
CA LEU A 72 2.99 -0.18 8.88
C LEU A 72 1.51 -0.46 8.60
N LEU A 73 1.17 -0.59 7.32
CA LEU A 73 -0.21 -0.85 6.92
C LEU A 73 -0.76 -2.08 7.63
N PRO A 74 -2.09 -2.18 7.69
CA PRO A 74 -2.77 -3.30 8.35
C PRO A 74 -2.62 -4.60 7.57
N SER A 75 -2.18 -5.65 8.26
CA SER A 75 -1.98 -6.95 7.63
C SER A 75 -3.28 -7.77 7.67
N GLY A 76 -4.02 -7.66 8.76
CA GLY A 76 -5.27 -8.38 8.89
C GLY A 76 -6.39 -7.53 9.45
N PRO A 77 -7.57 -8.14 9.61
CA PRO A 77 -8.75 -7.44 10.14
C PRO A 77 -8.60 -7.10 11.62
N SER A 78 -8.53 -5.81 11.92
CA SER A 78 -8.38 -5.34 13.29
C SER A 78 -9.53 -4.40 13.67
N SER A 79 -10.70 -4.67 13.13
CA SER A 79 -11.89 -3.86 13.40
C SER A 79 -11.64 -2.40 13.02
N GLY A 80 -12.61 -1.54 13.33
CA GLY A 80 -12.47 -0.13 13.01
C GLY A 80 -13.23 0.75 13.98
N GLY A 1 -33.33 -0.70 -10.03
CA GLY A 1 -32.11 -0.47 -9.27
C GLY A 1 -32.17 -1.06 -7.88
N SER A 2 -31.01 -1.19 -7.25
CA SER A 2 -30.93 -1.75 -5.90
C SER A 2 -31.60 -0.81 -4.89
N SER A 3 -31.79 -1.32 -3.68
CA SER A 3 -32.42 -0.53 -2.62
C SER A 3 -32.22 -1.20 -1.26
N GLY A 4 -31.18 -0.78 -0.56
CA GLY A 4 -30.89 -1.35 0.75
C GLY A 4 -29.45 -1.80 0.89
N SER A 5 -28.82 -1.42 1.99
CA SER A 5 -27.42 -1.78 2.24
C SER A 5 -27.33 -2.84 3.33
N SER A 6 -27.60 -2.44 4.57
CA SER A 6 -27.53 -3.35 5.70
C SER A 6 -26.14 -3.98 5.82
N GLY A 7 -25.11 -3.17 5.56
CA GLY A 7 -23.75 -3.67 5.64
C GLY A 7 -22.74 -2.64 5.17
N PRO A 8 -22.59 -1.55 5.95
CA PRO A 8 -21.66 -0.47 5.62
C PRO A 8 -20.20 -0.91 5.78
N ARG A 9 -19.46 -0.92 4.67
CA ARG A 9 -18.06 -1.31 4.69
C ARG A 9 -17.23 -0.33 5.52
N CYS A 10 -16.47 -0.87 6.46
CA CYS A 10 -15.63 -0.04 7.33
C CYS A 10 -14.76 0.90 6.50
N PRO A 11 -14.35 2.02 7.12
CA PRO A 11 -13.51 3.02 6.46
C PRO A 11 -12.09 2.52 6.21
N VAL A 12 -11.78 2.26 4.94
CA VAL A 12 -10.46 1.77 4.56
C VAL A 12 -9.73 2.78 3.68
N GLN A 13 -8.48 3.07 4.04
CA GLN A 13 -7.68 4.03 3.28
C GLN A 13 -7.50 3.57 1.84
N THR A 14 -7.18 4.51 0.96
CA THR A 14 -6.99 4.21 -0.46
C THR A 14 -5.55 4.49 -0.88
N VAL A 15 -5.14 3.85 -1.98
CA VAL A 15 -3.79 4.03 -2.50
C VAL A 15 -3.46 5.51 -2.67
N GLY A 16 -4.40 6.26 -3.24
CA GLY A 16 -4.19 7.67 -3.45
C GLY A 16 -3.82 8.41 -2.17
N GLN A 17 -4.77 8.50 -1.26
CA GLN A 17 -4.54 9.18 0.01
C GLN A 17 -3.35 8.57 0.75
N TRP A 18 -3.17 7.27 0.57
CA TRP A 18 -2.06 6.57 1.22
C TRP A 18 -0.72 7.13 0.77
N LEU A 19 -0.62 7.45 -0.52
CA LEU A 19 0.62 7.99 -1.08
C LEU A 19 0.86 9.41 -0.59
N GLU A 20 -0.19 10.23 -0.60
CA GLU A 20 -0.09 11.61 -0.16
C GLU A 20 0.48 11.69 1.26
N SER A 21 0.26 10.63 2.03
CA SER A 21 0.75 10.58 3.41
C SER A 21 2.27 10.54 3.44
N ILE A 22 2.85 9.48 2.89
CA ILE A 22 4.29 9.34 2.85
C ILE A 22 4.96 10.52 2.16
N GLY A 23 4.27 11.08 1.17
CA GLY A 23 4.81 12.22 0.45
C GLY A 23 5.38 11.84 -0.92
N LEU A 24 4.64 11.00 -1.64
CA LEU A 24 5.08 10.56 -2.96
C LEU A 24 3.88 10.29 -3.87
N PRO A 25 3.17 11.36 -4.25
CA PRO A 25 1.99 11.27 -5.11
C PRO A 25 2.36 10.91 -6.54
N GLN A 26 3.62 11.15 -6.92
CA GLN A 26 4.10 10.84 -8.25
C GLN A 26 3.92 9.36 -8.57
N TYR A 27 3.83 8.54 -7.53
CA TYR A 27 3.66 7.11 -7.69
C TYR A 27 2.19 6.72 -7.59
N GLU A 28 1.32 7.61 -8.05
CA GLU A 28 -0.12 7.37 -8.01
C GLU A 28 -0.57 6.61 -9.26
N ASN A 29 0.09 6.88 -10.38
CA ASN A 29 -0.24 6.23 -11.64
C ASN A 29 0.44 4.88 -11.76
N HIS A 30 1.59 4.73 -11.09
CA HIS A 30 2.34 3.49 -11.11
C HIS A 30 1.61 2.40 -10.34
N LEU A 31 1.39 2.64 -9.06
CA LEU A 31 0.69 1.67 -8.21
C LEU A 31 -0.66 1.29 -8.80
N MET A 32 -1.23 2.20 -9.59
CA MET A 32 -2.53 1.96 -10.22
C MET A 32 -2.34 1.28 -11.57
N ALA A 33 -1.18 1.48 -12.17
CA ALA A 33 -0.89 0.88 -13.47
C ALA A 33 -0.44 -0.57 -13.33
N ASN A 34 0.34 -0.84 -12.29
CA ASN A 34 0.83 -2.20 -12.03
C ASN A 34 -0.31 -3.12 -11.60
N GLY A 35 -1.28 -2.56 -10.87
CA GLY A 35 -2.41 -3.35 -10.42
C GLY A 35 -2.51 -3.40 -8.91
N PHE A 36 -1.87 -2.44 -8.24
CA PHE A 36 -1.89 -2.38 -6.79
C PHE A 36 -3.02 -1.48 -6.30
N ASP A 37 -4.25 -1.83 -6.67
CA ASP A 37 -5.41 -1.05 -6.27
C ASP A 37 -6.06 -1.65 -5.03
N ASN A 38 -5.27 -2.34 -4.23
CA ASN A 38 -5.77 -2.97 -3.01
C ASN A 38 -4.92 -2.59 -1.81
N VAL A 39 -5.38 -1.59 -1.05
CA VAL A 39 -4.66 -1.12 0.13
C VAL A 39 -4.61 -2.19 1.21
N GLN A 40 -5.59 -3.10 1.18
CA GLN A 40 -5.66 -4.18 2.15
C GLN A 40 -4.65 -5.27 1.83
N PHE A 41 -4.33 -5.42 0.55
CA PHE A 41 -3.37 -6.43 0.11
C PHE A 41 -1.95 -6.03 0.48
N MET A 42 -1.59 -4.78 0.16
CA MET A 42 -0.26 -4.27 0.47
C MET A 42 0.03 -4.33 1.96
N GLY A 43 0.73 -5.38 2.38
CA GLY A 43 1.05 -5.54 3.78
C GLY A 43 2.26 -6.42 4.01
N SER A 44 2.35 -7.51 3.24
CA SER A 44 3.47 -8.44 3.36
C SER A 44 3.49 -9.41 2.19
N ASN A 45 4.68 -9.88 1.82
CA ASN A 45 4.84 -10.81 0.72
C ASN A 45 4.35 -10.20 -0.59
N VAL A 46 4.39 -8.87 -0.67
CA VAL A 46 3.96 -8.16 -1.86
C VAL A 46 4.39 -6.70 -1.82
N MET A 47 4.61 -6.12 -3.00
CA MET A 47 5.03 -4.73 -3.10
C MET A 47 6.39 -4.52 -2.45
N GLU A 48 7.21 -5.58 -2.45
CA GLU A 48 8.53 -5.51 -1.86
C GLU A 48 9.44 -4.57 -2.64
N ASP A 49 10.69 -4.49 -2.24
CA ASP A 49 11.66 -3.63 -2.91
C ASP A 49 11.70 -3.92 -4.42
N GLN A 50 12.07 -5.15 -4.77
CA GLN A 50 12.15 -5.55 -6.16
C GLN A 50 10.84 -5.25 -6.89
N ASP A 51 9.73 -5.56 -6.23
CA ASP A 51 8.41 -5.32 -6.81
C ASP A 51 8.24 -3.86 -7.22
N LEU A 52 8.98 -2.98 -6.56
CA LEU A 52 8.92 -1.55 -6.85
C LEU A 52 9.88 -1.19 -7.99
N LEU A 53 10.92 -2.00 -8.15
CA LEU A 53 11.90 -1.76 -9.20
C LEU A 53 11.46 -2.40 -10.52
N GLU A 54 10.62 -3.42 -10.42
CA GLU A 54 10.12 -4.12 -11.60
C GLU A 54 8.97 -3.34 -12.24
N ILE A 55 8.26 -2.57 -11.42
CA ILE A 55 7.13 -1.79 -11.90
C ILE A 55 7.61 -0.54 -12.64
N GLY A 56 8.80 -0.07 -12.29
CA GLY A 56 9.35 1.12 -12.92
C GLY A 56 10.13 1.98 -11.95
N ILE A 57 9.56 2.21 -10.77
CA ILE A 57 10.20 3.03 -9.75
C ILE A 57 11.62 2.56 -9.50
N LEU A 58 12.59 3.31 -10.02
CA LEU A 58 14.00 2.97 -9.83
C LEU A 58 14.58 3.67 -8.61
N ASN A 59 14.02 4.83 -8.29
CA ASN A 59 14.47 5.60 -7.13
C ASN A 59 14.52 4.73 -5.87
N SER A 60 15.72 4.32 -5.50
CA SER A 60 15.91 3.49 -4.32
C SER A 60 15.53 4.24 -3.05
N GLY A 61 15.96 5.49 -2.96
CA GLY A 61 15.67 6.30 -1.80
C GLY A 61 14.18 6.41 -1.54
N HIS A 62 13.37 6.21 -2.58
CA HIS A 62 11.93 6.29 -2.46
C HIS A 62 11.33 4.90 -2.19
N ARG A 63 11.89 3.89 -2.83
CA ARG A 63 11.41 2.52 -2.66
C ARG A 63 11.34 2.15 -1.18
N GLN A 64 12.28 2.65 -0.40
CA GLN A 64 12.33 2.37 1.03
C GLN A 64 11.15 3.01 1.74
N ARG A 65 10.94 4.31 1.52
CA ARG A 65 9.84 5.03 2.13
C ARG A 65 8.51 4.32 1.90
N ILE A 66 8.40 3.65 0.76
CA ILE A 66 7.18 2.93 0.41
C ILE A 66 7.06 1.65 1.23
N LEU A 67 8.14 0.89 1.30
CA LEU A 67 8.16 -0.36 2.05
C LEU A 67 7.72 -0.13 3.50
N GLN A 68 8.26 0.92 4.11
CA GLN A 68 7.92 1.25 5.49
C GLN A 68 6.41 1.41 5.67
N ALA A 69 5.81 2.25 4.83
CA ALA A 69 4.38 2.50 4.89
C ALA A 69 3.60 1.19 4.76
N ILE A 70 3.94 0.40 3.75
CA ILE A 70 3.26 -0.87 3.51
C ILE A 70 3.33 -1.76 4.76
N GLN A 71 4.43 -1.65 5.50
CA GLN A 71 4.60 -2.44 6.72
C GLN A 71 3.62 -2.01 7.80
N LEU A 72 3.21 -0.74 7.76
CA LEU A 72 2.27 -0.21 8.73
C LEU A 72 0.84 -0.51 8.33
N LEU A 73 0.61 -0.66 7.03
CA LEU A 73 -0.71 -0.96 6.51
C LEU A 73 -1.31 -2.17 7.21
N PRO A 74 -2.65 -2.30 7.15
CA PRO A 74 -3.37 -3.41 7.76
C PRO A 74 -3.12 -4.73 7.05
N SER A 75 -2.88 -5.78 7.82
CA SER A 75 -2.62 -7.10 7.26
C SER A 75 -3.92 -7.80 6.89
N GLY A 76 -4.94 -7.63 7.73
CA GLY A 76 -6.23 -8.25 7.47
C GLY A 76 -6.92 -8.68 8.75
N PRO A 77 -6.42 -9.76 9.37
CA PRO A 77 -6.98 -10.29 10.62
C PRO A 77 -6.75 -9.36 11.80
N SER A 78 -7.33 -9.71 12.95
CA SER A 78 -7.19 -8.91 14.16
C SER A 78 -6.64 -9.75 15.31
N SER A 79 -5.33 -9.64 15.53
CA SER A 79 -4.67 -10.39 16.58
C SER A 79 -4.77 -11.89 16.34
N GLY A 80 -3.90 -12.66 16.99
CA GLY A 80 -3.90 -14.10 16.81
C GLY A 80 -3.50 -14.83 18.08
N GLY A 1 -15.64 -4.87 18.94
CA GLY A 1 -14.89 -3.79 18.33
C GLY A 1 -14.61 -2.65 19.30
N SER A 2 -15.15 -1.47 18.99
CA SER A 2 -14.96 -0.30 19.83
C SER A 2 -16.23 0.03 20.61
N SER A 3 -16.08 0.27 21.90
CA SER A 3 -17.23 0.60 22.76
C SER A 3 -17.48 2.10 22.77
N GLY A 4 -18.51 2.54 22.07
CA GLY A 4 -18.85 3.95 22.01
C GLY A 4 -19.43 4.36 20.67
N SER A 5 -20.76 4.28 20.57
CA SER A 5 -21.44 4.64 19.33
C SER A 5 -21.17 6.10 18.97
N SER A 6 -20.70 6.31 17.74
CA SER A 6 -20.39 7.66 17.27
C SER A 6 -20.89 7.86 15.84
N GLY A 7 -20.41 7.01 14.94
CA GLY A 7 -20.81 7.11 13.54
C GLY A 7 -20.09 6.10 12.66
N PRO A 8 -18.79 6.34 12.44
CA PRO A 8 -17.97 5.45 11.60
C PRO A 8 -17.72 4.10 12.26
N ARG A 9 -17.15 3.17 11.49
CA ARG A 9 -16.85 1.84 12.00
C ARG A 9 -15.65 1.24 11.28
N CYS A 10 -14.46 1.68 11.66
CA CYS A 10 -13.23 1.18 11.06
C CYS A 10 -13.26 1.36 9.54
N PRO A 11 -13.05 2.61 9.09
CA PRO A 11 -13.05 2.94 7.66
C PRO A 11 -11.84 2.38 6.93
N VAL A 12 -11.69 2.75 5.66
CA VAL A 12 -10.57 2.27 4.86
C VAL A 12 -10.02 3.38 3.97
N GLN A 13 -8.70 3.46 3.89
CA GLN A 13 -8.05 4.48 3.06
C GLN A 13 -7.74 3.94 1.67
N THR A 14 -7.48 4.86 0.73
CA THR A 14 -7.16 4.47 -0.64
C THR A 14 -5.71 4.74 -0.95
N VAL A 15 -5.20 4.08 -1.99
CA VAL A 15 -3.81 4.24 -2.40
C VAL A 15 -3.46 5.71 -2.58
N GLY A 16 -4.40 6.47 -3.15
CA GLY A 16 -4.18 7.88 -3.38
C GLY A 16 -3.90 8.63 -2.09
N GLN A 17 -4.81 8.51 -1.13
CA GLN A 17 -4.67 9.19 0.15
C GLN A 17 -3.48 8.63 0.94
N TRP A 18 -3.12 7.39 0.64
CA TRP A 18 -2.00 6.74 1.32
C TRP A 18 -0.68 7.15 0.69
N LEU A 19 -0.72 7.60 -0.56
CA LEU A 19 0.47 8.04 -1.26
C LEU A 19 0.82 9.47 -0.91
N GLU A 20 -0.20 10.30 -0.75
CA GLU A 20 0.00 11.71 -0.42
C GLU A 20 0.59 11.85 0.98
N SER A 21 0.07 11.06 1.92
CA SER A 21 0.54 11.11 3.30
C SER A 21 2.06 10.98 3.35
N ILE A 22 2.57 9.83 2.91
CA ILE A 22 4.01 9.59 2.92
C ILE A 22 4.76 10.71 2.20
N GLY A 23 4.13 11.28 1.18
CA GLY A 23 4.75 12.36 0.43
C GLY A 23 5.31 11.89 -0.90
N LEU A 24 4.54 11.08 -1.62
CA LEU A 24 4.96 10.56 -2.91
C LEU A 24 3.76 10.32 -3.82
N PRO A 25 3.09 11.40 -4.22
CA PRO A 25 1.92 11.34 -5.10
C PRO A 25 2.28 10.92 -6.52
N GLN A 26 3.55 11.09 -6.87
CA GLN A 26 4.03 10.73 -8.20
C GLN A 26 3.77 9.25 -8.49
N TYR A 27 3.63 8.47 -7.42
CA TYR A 27 3.39 7.03 -7.56
C TYR A 27 1.89 6.73 -7.51
N GLU A 28 1.09 7.61 -8.09
CA GLU A 28 -0.35 7.44 -8.12
C GLU A 28 -0.78 6.58 -9.31
N ASN A 29 -0.12 6.80 -10.44
CA ASN A 29 -0.43 6.06 -11.67
C ASN A 29 0.42 4.80 -11.77
N HIS A 30 1.59 4.83 -11.14
CA HIS A 30 2.50 3.70 -11.16
C HIS A 30 1.81 2.44 -10.65
N LEU A 31 1.34 2.49 -9.40
CA LEU A 31 0.66 1.36 -8.79
C LEU A 31 -0.65 1.06 -9.51
N MET A 32 -1.45 2.10 -9.73
CA MET A 32 -2.74 1.95 -10.41
C MET A 32 -2.55 1.29 -11.77
N ALA A 33 -1.37 1.45 -12.35
CA ALA A 33 -1.06 0.87 -13.65
C ALA A 33 -0.62 -0.58 -13.50
N ASN A 34 -0.08 -0.92 -12.34
CA ASN A 34 0.39 -2.28 -12.09
C ASN A 34 -0.68 -3.09 -11.36
N GLY A 35 -1.93 -2.71 -11.54
CA GLY A 35 -3.02 -3.41 -10.89
C GLY A 35 -2.90 -3.41 -9.39
N PHE A 36 -2.70 -2.22 -8.81
CA PHE A 36 -2.56 -2.08 -7.37
C PHE A 36 -3.55 -1.06 -6.83
N ASP A 37 -4.82 -1.23 -7.17
CA ASP A 37 -5.86 -0.32 -6.72
C ASP A 37 -6.56 -0.86 -5.48
N ASN A 38 -5.85 -1.68 -4.71
CA ASN A 38 -6.40 -2.27 -3.50
C ASN A 38 -5.44 -2.12 -2.33
N VAL A 39 -5.73 -1.15 -1.46
CA VAL A 39 -4.88 -0.90 -0.29
C VAL A 39 -4.84 -2.12 0.63
N GLN A 40 -5.91 -2.90 0.61
CA GLN A 40 -6.00 -4.10 1.45
C GLN A 40 -4.97 -5.14 1.01
N PHE A 41 -4.68 -5.16 -0.28
CA PHE A 41 -3.71 -6.11 -0.83
C PHE A 41 -2.34 -5.91 -0.20
N MET A 42 -1.96 -4.65 0.00
CA MET A 42 -0.67 -4.32 0.60
C MET A 42 -0.50 -5.01 1.95
N GLY A 43 0.75 -5.15 2.38
CA GLY A 43 1.02 -5.80 3.66
C GLY A 43 1.57 -7.20 3.48
N SER A 44 0.83 -8.04 2.78
CA SER A 44 1.24 -9.42 2.55
C SER A 44 2.56 -9.47 1.79
N ASN A 45 2.93 -10.66 1.35
CA ASN A 45 4.17 -10.86 0.61
C ASN A 45 4.04 -10.37 -0.83
N VAL A 46 3.74 -9.09 -1.00
CA VAL A 46 3.58 -8.51 -2.32
C VAL A 46 4.09 -7.07 -2.36
N MET A 47 4.52 -6.64 -3.54
CA MET A 47 5.04 -5.28 -3.70
C MET A 47 6.30 -5.07 -2.88
N GLU A 48 7.19 -6.05 -2.89
CA GLU A 48 8.43 -5.98 -2.14
C GLU A 48 9.40 -5.01 -2.80
N ASP A 49 10.62 -4.92 -2.25
CA ASP A 49 11.64 -4.03 -2.78
C ASP A 49 11.83 -4.25 -4.28
N GLN A 50 11.94 -5.52 -4.67
CA GLN A 50 12.13 -5.87 -6.08
C GLN A 50 10.89 -5.52 -6.89
N ASP A 51 9.72 -5.79 -6.33
CA ASP A 51 8.46 -5.50 -7.00
C ASP A 51 8.31 -4.01 -7.27
N LEU A 52 9.01 -3.20 -6.47
CA LEU A 52 8.95 -1.75 -6.61
C LEU A 52 9.93 -1.27 -7.68
N LEU A 53 10.96 -2.07 -7.92
CA LEU A 53 11.97 -1.73 -8.92
C LEU A 53 11.57 -2.24 -10.30
N GLU A 54 10.75 -3.27 -10.32
CA GLU A 54 10.28 -3.86 -11.58
C GLU A 54 9.12 -3.06 -12.15
N ILE A 55 8.31 -2.47 -11.27
CA ILE A 55 7.17 -1.68 -11.69
C ILE A 55 7.61 -0.41 -12.42
N GLY A 56 8.81 0.06 -12.08
CA GLY A 56 9.34 1.26 -12.71
C GLY A 56 10.09 2.14 -11.73
N ILE A 57 9.54 2.31 -10.54
CA ILE A 57 10.16 3.14 -9.51
C ILE A 57 11.61 2.71 -9.29
N LEU A 58 12.54 3.56 -9.72
CA LEU A 58 13.97 3.27 -9.56
C LEU A 58 14.52 4.00 -8.35
N ASN A 59 13.89 5.11 -7.97
CA ASN A 59 14.32 5.89 -6.83
C ASN A 59 14.48 5.01 -5.60
N SER A 60 15.73 4.69 -5.25
CA SER A 60 16.02 3.85 -4.10
C SER A 60 15.53 4.51 -2.82
N GLY A 61 15.94 5.76 -2.60
CA GLY A 61 15.54 6.49 -1.41
C GLY A 61 14.04 6.48 -1.20
N HIS A 62 13.30 6.37 -2.29
CA HIS A 62 11.84 6.35 -2.23
C HIS A 62 11.33 4.93 -2.01
N ARG A 63 11.93 3.97 -2.70
CA ARG A 63 11.53 2.57 -2.59
C ARG A 63 11.50 2.14 -1.12
N GLN A 64 12.54 2.52 -0.38
CA GLN A 64 12.63 2.17 1.03
C GLN A 64 11.46 2.75 1.81
N ARG A 65 11.23 4.04 1.65
CA ARG A 65 10.14 4.72 2.34
C ARG A 65 8.82 4.00 2.12
N ILE A 66 8.56 3.62 0.88
CA ILE A 66 7.32 2.92 0.54
C ILE A 66 7.23 1.59 1.27
N LEU A 67 8.30 0.80 1.18
CA LEU A 67 8.35 -0.51 1.83
C LEU A 67 7.97 -0.39 3.31
N GLN A 68 8.46 0.66 3.96
CA GLN A 68 8.17 0.88 5.37
C GLN A 68 6.70 1.20 5.58
N ALA A 69 6.16 2.08 4.74
CA ALA A 69 4.76 2.47 4.83
C ALA A 69 3.84 1.26 4.67
N ILE A 70 4.11 0.46 3.65
CA ILE A 70 3.30 -0.73 3.38
C ILE A 70 3.32 -1.68 4.58
N GLN A 71 4.42 -1.69 5.31
CA GLN A 71 4.55 -2.54 6.48
C GLN A 71 3.68 -2.04 7.63
N LEU A 72 3.37 -0.74 7.62
CA LEU A 72 2.54 -0.14 8.66
C LEU A 72 1.06 -0.41 8.38
N LEU A 73 0.72 -0.59 7.12
CA LEU A 73 -0.66 -0.85 6.73
C LEU A 73 -1.24 -2.02 7.54
N PRO A 74 -2.58 -2.08 7.59
CA PRO A 74 -3.28 -3.14 8.33
C PRO A 74 -3.16 -4.50 7.64
N SER A 75 -2.85 -5.52 8.44
CA SER A 75 -2.69 -6.88 7.92
C SER A 75 -4.00 -7.65 8.01
N GLY A 76 -4.77 -7.38 9.06
CA GLY A 76 -6.03 -8.07 9.26
C GLY A 76 -7.16 -7.12 9.63
N PRO A 77 -7.64 -6.34 8.63
CA PRO A 77 -8.72 -5.38 8.84
C PRO A 77 -10.07 -6.05 9.09
N SER A 78 -11.09 -5.24 9.33
CA SER A 78 -12.42 -5.77 9.61
C SER A 78 -13.49 -4.72 9.29
N SER A 79 -14.75 -5.14 9.33
CA SER A 79 -15.87 -4.24 9.05
C SER A 79 -15.70 -3.58 7.68
N GLY A 80 -15.59 -4.40 6.65
CA GLY A 80 -15.42 -3.88 5.30
C GLY A 80 -13.98 -3.69 4.93
N GLY A 1 8.65 1.22 18.88
CA GLY A 1 8.02 2.49 18.62
C GLY A 1 6.79 2.72 19.48
N SER A 2 5.99 3.72 19.11
CA SER A 2 4.78 4.04 19.86
C SER A 2 3.54 3.87 18.98
N SER A 3 2.77 2.82 19.25
CA SER A 3 1.56 2.54 18.49
C SER A 3 0.31 2.80 19.33
N GLY A 4 -0.61 3.60 18.79
CA GLY A 4 -1.83 3.90 19.50
C GLY A 4 -2.97 2.96 19.15
N SER A 5 -4.01 2.94 19.98
CA SER A 5 -5.15 2.06 19.76
C SER A 5 -6.10 2.68 18.74
N SER A 6 -7.19 1.96 18.44
CA SER A 6 -8.17 2.44 17.48
C SER A 6 -8.95 3.62 18.04
N GLY A 7 -9.85 4.17 17.23
CA GLY A 7 -10.64 5.31 17.67
C GLY A 7 -11.78 5.61 16.71
N PRO A 8 -11.44 6.15 15.53
CA PRO A 8 -12.42 6.51 14.50
C PRO A 8 -13.06 5.28 13.87
N ARG A 9 -14.10 5.51 13.07
CA ARG A 9 -14.81 4.42 12.40
C ARG A 9 -14.87 4.66 10.90
N CYS A 10 -13.76 5.10 10.32
CA CYS A 10 -13.69 5.36 8.89
C CYS A 10 -13.38 4.09 8.11
N PRO A 11 -13.68 4.10 6.81
CA PRO A 11 -13.43 2.95 5.93
C PRO A 11 -11.95 2.71 5.68
N VAL A 12 -11.64 1.82 4.75
CA VAL A 12 -10.26 1.50 4.41
C VAL A 12 -9.67 2.55 3.47
N GLN A 13 -8.43 2.94 3.74
CA GLN A 13 -7.75 3.94 2.92
C GLN A 13 -7.46 3.39 1.53
N THR A 14 -7.14 4.29 0.60
CA THR A 14 -6.85 3.88 -0.78
C THR A 14 -5.41 4.23 -1.15
N VAL A 15 -4.89 3.56 -2.18
CA VAL A 15 -3.53 3.80 -2.63
C VAL A 15 -3.29 5.29 -2.87
N GLY A 16 -4.29 5.97 -3.39
CA GLY A 16 -4.17 7.40 -3.66
C GLY A 16 -3.83 8.20 -2.41
N GLN A 17 -4.78 8.25 -1.47
CA GLN A 17 -4.58 8.99 -0.24
C GLN A 17 -3.42 8.40 0.57
N TRP A 18 -3.15 7.11 0.36
CA TRP A 18 -2.06 6.45 1.06
C TRP A 18 -0.71 7.04 0.66
N LEU A 19 -0.54 7.32 -0.62
CA LEU A 19 0.70 7.89 -1.13
C LEU A 19 0.87 9.33 -0.65
N GLU A 20 -0.23 10.08 -0.62
CA GLU A 20 -0.20 11.46 -0.19
C GLU A 20 0.39 11.58 1.22
N SER A 21 0.26 10.51 2.00
CA SER A 21 0.78 10.49 3.36
C SER A 21 2.30 10.46 3.37
N ILE A 22 2.86 9.39 2.83
CA ILE A 22 4.31 9.24 2.78
C ILE A 22 4.97 10.44 2.12
N GLY A 23 4.26 11.05 1.18
CA GLY A 23 4.79 12.22 0.48
C GLY A 23 5.35 11.88 -0.88
N LEU A 24 4.62 11.07 -1.63
CA LEU A 24 5.06 10.67 -2.96
C LEU A 24 3.86 10.37 -3.87
N PRO A 25 3.10 11.42 -4.20
CA PRO A 25 1.92 11.30 -5.06
C PRO A 25 2.27 10.96 -6.50
N GLN A 26 3.51 11.27 -6.88
CA GLN A 26 3.98 11.01 -8.25
C GLN A 26 3.80 9.54 -8.60
N TYR A 27 3.80 8.68 -7.58
CA TYR A 27 3.64 7.25 -7.78
C TYR A 27 2.18 6.83 -7.63
N GLU A 28 1.28 7.69 -8.08
CA GLU A 28 -0.15 7.40 -7.99
C GLU A 28 -0.62 6.58 -9.19
N ASN A 29 -0.07 6.89 -10.36
CA ASN A 29 -0.44 6.18 -11.58
C ASN A 29 0.42 4.93 -11.77
N HIS A 30 1.62 4.96 -11.20
CA HIS A 30 2.53 3.83 -11.30
C HIS A 30 1.88 2.55 -10.79
N LEU A 31 1.36 2.60 -9.56
CA LEU A 31 0.71 1.46 -8.96
C LEU A 31 -0.66 1.21 -9.59
N MET A 32 -1.45 2.27 -9.71
CA MET A 32 -2.78 2.17 -10.30
C MET A 32 -2.72 1.52 -11.68
N ALA A 33 -1.59 1.71 -12.36
CA ALA A 33 -1.40 1.14 -13.69
C ALA A 33 -0.89 -0.30 -13.62
N ASN A 34 0.13 -0.50 -12.79
CA ASN A 34 0.72 -1.83 -12.62
C ASN A 34 -0.36 -2.85 -12.22
N GLY A 35 -1.39 -2.37 -11.55
CA GLY A 35 -2.47 -3.24 -11.12
C GLY A 35 -2.53 -3.39 -9.61
N PHE A 36 -1.94 -2.44 -8.90
CA PHE A 36 -1.93 -2.47 -7.44
C PHE A 36 -2.99 -1.54 -6.88
N ASP A 37 -4.25 -1.93 -7.04
CA ASP A 37 -5.36 -1.13 -6.53
C ASP A 37 -5.98 -1.78 -5.30
N ASN A 38 -5.17 -2.52 -4.56
CA ASN A 38 -5.63 -3.20 -3.35
C ASN A 38 -4.73 -2.87 -2.17
N VAL A 39 -5.13 -1.85 -1.40
CA VAL A 39 -4.36 -1.44 -0.23
C VAL A 39 -4.27 -2.55 0.80
N GLN A 40 -5.26 -3.44 0.79
CA GLN A 40 -5.30 -4.56 1.72
C GLN A 40 -4.19 -5.55 1.43
N PHE A 41 -3.93 -5.79 0.15
CA PHE A 41 -2.89 -6.72 -0.27
C PHE A 41 -1.54 -6.33 0.33
N MET A 42 -1.14 -5.08 0.11
CA MET A 42 0.13 -4.58 0.63
C MET A 42 0.19 -4.73 2.14
N GLY A 43 0.90 -5.76 2.60
CA GLY A 43 1.02 -5.99 4.03
C GLY A 43 2.14 -6.95 4.37
N SER A 44 3.38 -6.48 4.22
CA SER A 44 4.55 -7.30 4.52
C SER A 44 4.61 -8.50 3.57
N ASN A 45 4.03 -8.34 2.38
CA ASN A 45 4.02 -9.41 1.39
C ASN A 45 4.41 -8.88 0.01
N VAL A 46 3.54 -8.06 -0.56
CA VAL A 46 3.80 -7.47 -1.88
C VAL A 46 4.37 -6.07 -1.76
N MET A 47 4.60 -5.42 -2.89
CA MET A 47 5.15 -4.08 -2.91
C MET A 47 6.52 -4.03 -2.24
N GLU A 48 7.22 -5.17 -2.25
CA GLU A 48 8.53 -5.26 -1.63
C GLU A 48 9.57 -4.52 -2.46
N ASP A 49 10.83 -4.61 -2.04
CA ASP A 49 11.92 -3.93 -2.75
C ASP A 49 11.91 -4.31 -4.23
N GLN A 50 11.57 -5.55 -4.53
CA GLN A 50 11.52 -6.03 -5.90
C GLN A 50 10.26 -5.53 -6.60
N ASP A 51 9.11 -5.74 -5.97
CA ASP A 51 7.83 -5.30 -6.52
C ASP A 51 7.85 -3.81 -6.84
N LEU A 52 8.69 -3.07 -6.14
CA LEU A 52 8.81 -1.63 -6.34
C LEU A 52 9.77 -1.32 -7.48
N LEU A 53 10.70 -2.23 -7.73
CA LEU A 53 11.68 -2.06 -8.79
C LEU A 53 11.15 -2.58 -10.12
N GLU A 54 10.22 -3.53 -10.04
CA GLU A 54 9.63 -4.12 -11.24
C GLU A 54 8.55 -3.22 -11.81
N ILE A 55 7.85 -2.50 -10.93
CA ILE A 55 6.79 -1.60 -11.34
C ILE A 55 7.35 -0.41 -12.14
N GLY A 56 8.61 -0.06 -11.86
CA GLY A 56 9.24 1.04 -12.54
C GLY A 56 10.07 1.91 -11.62
N ILE A 57 9.55 2.15 -10.42
CA ILE A 57 10.26 2.97 -9.44
C ILE A 57 11.68 2.47 -9.22
N LEU A 58 12.65 3.26 -9.67
CA LEU A 58 14.06 2.89 -9.52
C LEU A 58 14.70 3.63 -8.35
N ASN A 59 14.18 4.82 -8.05
CA ASN A 59 14.69 5.63 -6.94
C ASN A 59 14.75 4.82 -5.65
N SER A 60 15.95 4.41 -5.27
CA SER A 60 16.14 3.63 -4.05
C SER A 60 15.76 4.44 -2.82
N GLY A 61 15.93 5.75 -2.91
CA GLY A 61 15.59 6.61 -1.79
C GLY A 61 14.10 6.65 -1.51
N HIS A 62 13.30 6.36 -2.53
CA HIS A 62 11.85 6.37 -2.39
C HIS A 62 11.33 4.97 -2.06
N ARG A 63 11.94 3.96 -2.66
CA ARG A 63 11.55 2.58 -2.43
C ARG A 63 11.52 2.26 -0.94
N GLN A 64 12.55 2.70 -0.23
CA GLN A 64 12.65 2.46 1.20
C GLN A 64 11.52 3.17 1.95
N ARG A 65 11.25 4.41 1.56
CA ARG A 65 10.19 5.19 2.19
C ARG A 65 8.84 4.49 2.07
N ILE A 66 8.57 3.95 0.88
CA ILE A 66 7.32 3.25 0.62
C ILE A 66 7.27 1.91 1.36
N LEU A 67 8.39 1.19 1.32
CA LEU A 67 8.47 -0.11 1.99
C LEU A 67 8.04 0.00 3.45
N GLN A 68 8.37 1.13 4.07
CA GLN A 68 8.02 1.35 5.48
C GLN A 68 6.50 1.44 5.65
N ALA A 69 5.88 2.37 4.94
CA ALA A 69 4.44 2.55 5.02
C ALA A 69 3.70 1.24 4.73
N ILE A 70 4.25 0.46 3.80
CA ILE A 70 3.63 -0.81 3.43
C ILE A 70 3.72 -1.80 4.58
N GLN A 71 4.77 -1.71 5.38
CA GLN A 71 4.96 -2.61 6.51
C GLN A 71 3.98 -2.28 7.63
N LEU A 72 3.53 -1.03 7.67
CA LEU A 72 2.59 -0.58 8.69
C LEU A 72 1.16 -0.91 8.28
N LEU A 73 0.93 -1.03 6.98
CA LEU A 73 -0.40 -1.34 6.46
C LEU A 73 -0.97 -2.59 7.12
N PRO A 74 -2.30 -2.73 7.07
CA PRO A 74 -3.00 -3.87 7.67
C PRO A 74 -2.72 -5.18 6.92
N SER A 75 -2.70 -6.28 7.66
CA SER A 75 -2.44 -7.59 7.07
C SER A 75 -3.67 -8.49 7.20
N GLY A 76 -3.85 -9.37 6.21
CA GLY A 76 -4.98 -10.28 6.22
C GLY A 76 -6.25 -9.62 5.74
N PRO A 77 -7.38 -10.34 5.84
CA PRO A 77 -8.68 -9.84 5.40
C PRO A 77 -9.20 -8.74 6.32
N SER A 78 -9.01 -7.49 5.92
CA SER A 78 -9.46 -6.35 6.70
C SER A 78 -10.76 -5.78 6.12
N SER A 79 -11.72 -5.53 7.01
CA SER A 79 -13.01 -4.97 6.59
C SER A 79 -13.88 -4.67 7.81
N GLY A 80 -14.16 -3.40 8.04
CA GLY A 80 -14.98 -3.00 9.16
C GLY A 80 -14.70 -1.58 9.61
N GLY A 1 -12.39 -14.39 18.53
CA GLY A 1 -11.52 -13.27 18.23
C GLY A 1 -12.08 -11.95 18.72
N SER A 2 -11.70 -10.87 18.04
CA SER A 2 -12.17 -9.54 18.42
C SER A 2 -12.44 -8.69 17.18
N SER A 3 -13.29 -7.69 17.34
CA SER A 3 -13.65 -6.80 16.23
C SER A 3 -14.51 -5.65 16.71
N GLY A 4 -15.76 -5.95 17.07
CA GLY A 4 -16.67 -4.93 17.55
C GLY A 4 -18.04 -5.04 16.91
N SER A 5 -18.56 -3.91 16.43
CA SER A 5 -19.88 -3.88 15.80
C SER A 5 -19.81 -4.42 14.37
N SER A 6 -20.96 -4.82 13.84
CA SER A 6 -21.03 -5.35 12.48
C SER A 6 -22.27 -4.83 11.76
N GLY A 7 -22.06 -3.93 10.80
CA GLY A 7 -23.16 -3.37 10.04
C GLY A 7 -22.70 -2.41 8.97
N PRO A 8 -22.30 -1.20 9.39
CA PRO A 8 -21.83 -0.15 8.48
C PRO A 8 -20.48 -0.49 7.86
N ARG A 9 -19.91 0.46 7.13
CA ARG A 9 -18.62 0.27 6.49
C ARG A 9 -17.55 1.18 7.09
N CYS A 10 -16.58 0.58 7.77
CA CYS A 10 -15.52 1.33 8.41
C CYS A 10 -14.77 2.18 7.38
N PRO A 11 -14.04 3.21 7.87
CA PRO A 11 -13.27 4.11 7.01
C PRO A 11 -12.06 3.42 6.40
N VAL A 12 -12.11 3.21 5.08
CA VAL A 12 -11.02 2.58 4.37
C VAL A 12 -10.26 3.58 3.50
N GLN A 13 -8.94 3.48 3.50
CA GLN A 13 -8.10 4.37 2.72
C GLN A 13 -7.79 3.77 1.35
N THR A 14 -7.35 4.62 0.42
CA THR A 14 -7.02 4.17 -0.93
C THR A 14 -5.56 4.41 -1.24
N VAL A 15 -5.06 3.76 -2.29
CA VAL A 15 -3.67 3.89 -2.69
C VAL A 15 -3.30 5.36 -2.89
N GLY A 16 -4.22 6.13 -3.47
CA GLY A 16 -3.98 7.54 -3.70
C GLY A 16 -3.72 8.30 -2.42
N GLN A 17 -4.76 8.47 -1.61
CA GLN A 17 -4.64 9.19 -0.35
C GLN A 17 -3.50 8.62 0.49
N TRP A 18 -3.25 7.34 0.33
CA TRP A 18 -2.18 6.67 1.09
C TRP A 18 -0.82 7.19 0.66
N LEU A 19 -0.63 7.41 -0.63
CA LEU A 19 0.63 7.91 -1.16
C LEU A 19 0.84 9.38 -0.77
N GLU A 20 -0.25 10.14 -0.73
CA GLU A 20 -0.19 11.54 -0.37
C GLU A 20 0.36 11.72 1.04
N SER A 21 0.18 10.70 1.88
CA SER A 21 0.65 10.74 3.26
C SER A 21 2.18 10.67 3.31
N ILE A 22 2.73 9.56 2.84
CA ILE A 22 4.18 9.37 2.84
C ILE A 22 4.88 10.55 2.17
N GLY A 23 4.20 11.17 1.21
CA GLY A 23 4.79 12.30 0.51
C GLY A 23 5.36 11.93 -0.84
N LEU A 24 4.62 11.12 -1.59
CA LEU A 24 5.05 10.67 -2.91
C LEU A 24 3.86 10.40 -3.81
N PRO A 25 3.14 11.46 -4.19
CA PRO A 25 1.96 11.34 -5.05
C PRO A 25 2.33 10.97 -6.49
N GLN A 26 3.58 11.24 -6.86
CA GLN A 26 4.06 10.94 -8.20
C GLN A 26 3.86 9.46 -8.53
N TYR A 27 3.83 8.64 -7.49
CA TYR A 27 3.64 7.20 -7.67
C TYR A 27 2.18 6.81 -7.52
N GLU A 28 1.29 7.67 -8.03
CA GLU A 28 -0.15 7.42 -7.95
C GLU A 28 -0.61 6.56 -9.12
N ASN A 29 -0.24 6.96 -10.33
CA ASN A 29 -0.62 6.22 -11.53
C ASN A 29 0.22 4.97 -11.69
N HIS A 30 1.43 5.00 -11.14
CA HIS A 30 2.34 3.86 -11.22
C HIS A 30 1.66 2.58 -10.75
N LEU A 31 1.43 2.48 -9.44
CA LEU A 31 0.78 1.32 -8.86
C LEU A 31 -0.55 1.04 -9.54
N MET A 32 -1.35 2.09 -9.73
CA MET A 32 -2.64 1.96 -10.38
C MET A 32 -2.52 1.30 -11.74
N ALA A 33 -1.35 1.45 -12.36
CA ALA A 33 -1.10 0.86 -13.67
C ALA A 33 -0.61 -0.57 -13.55
N ASN A 34 -0.01 -0.90 -12.40
CA ASN A 34 0.50 -2.24 -12.15
C ASN A 34 -0.53 -3.08 -11.40
N GLY A 35 -1.80 -2.89 -11.74
CA GLY A 35 -2.86 -3.63 -11.08
C GLY A 35 -2.79 -3.54 -9.57
N PHE A 36 -2.24 -2.44 -9.07
CA PHE A 36 -2.11 -2.23 -7.64
C PHE A 36 -3.02 -1.09 -7.18
N ASP A 37 -4.33 -1.33 -7.26
CA ASP A 37 -5.31 -0.33 -6.85
C ASP A 37 -6.00 -0.74 -5.55
N ASN A 38 -5.30 -1.54 -4.75
CA ASN A 38 -5.84 -2.01 -3.47
C ASN A 38 -4.81 -1.86 -2.36
N VAL A 39 -4.78 -0.69 -1.74
CA VAL A 39 -3.84 -0.42 -0.65
C VAL A 39 -4.10 -1.35 0.53
N GLN A 40 -5.36 -1.73 0.71
CA GLN A 40 -5.73 -2.63 1.81
C GLN A 40 -5.06 -3.99 1.66
N PHE A 41 -4.96 -4.46 0.41
CA PHE A 41 -4.34 -5.74 0.14
C PHE A 41 -2.86 -5.73 0.48
N MET A 42 -2.20 -4.61 0.17
CA MET A 42 -0.77 -4.46 0.44
C MET A 42 -0.48 -4.70 1.92
N GLY A 43 0.00 -5.89 2.24
CA GLY A 43 0.32 -6.22 3.61
C GLY A 43 0.62 -7.70 3.80
N SER A 44 1.25 -8.31 2.81
CA SER A 44 1.58 -9.72 2.87
C SER A 44 3.04 -9.96 2.45
N ASN A 45 3.29 -9.87 1.15
CA ASN A 45 4.63 -10.06 0.61
C ASN A 45 4.79 -9.38 -0.74
N VAL A 46 3.95 -8.38 -0.99
CA VAL A 46 4.00 -7.63 -2.25
C VAL A 46 4.60 -6.25 -2.05
N MET A 47 4.77 -5.52 -3.15
CA MET A 47 5.34 -4.18 -3.10
C MET A 47 6.70 -4.19 -2.42
N GLU A 48 7.38 -5.34 -2.46
CA GLU A 48 8.69 -5.49 -1.85
C GLU A 48 9.74 -4.67 -2.61
N ASP A 49 10.99 -4.78 -2.18
CA ASP A 49 12.08 -4.05 -2.82
C ASP A 49 12.14 -4.35 -4.32
N GLN A 50 11.64 -5.53 -4.70
CA GLN A 50 11.64 -5.93 -6.09
C GLN A 50 10.37 -5.45 -6.80
N ASP A 51 9.22 -5.73 -6.19
CA ASP A 51 7.93 -5.33 -6.76
C ASP A 51 7.91 -3.83 -7.01
N LEU A 52 8.68 -3.09 -6.23
CA LEU A 52 8.74 -1.63 -6.38
C LEU A 52 9.68 -1.23 -7.50
N LEU A 53 10.66 -2.10 -7.78
CA LEU A 53 11.63 -1.84 -8.83
C LEU A 53 11.09 -2.26 -10.19
N GLU A 54 10.17 -3.22 -10.19
CA GLU A 54 9.56 -3.71 -11.43
C GLU A 54 8.47 -2.75 -11.92
N ILE A 55 7.66 -2.27 -10.98
CA ILE A 55 6.58 -1.34 -11.31
C ILE A 55 7.12 -0.12 -12.07
N GLY A 56 8.38 0.19 -11.84
CA GLY A 56 8.98 1.34 -12.50
C GLY A 56 9.86 2.15 -11.57
N ILE A 57 9.37 2.37 -10.35
CA ILE A 57 10.12 3.14 -9.36
C ILE A 57 11.54 2.61 -9.21
N LEU A 58 12.51 3.40 -9.67
CA LEU A 58 13.91 3.01 -9.57
C LEU A 58 14.59 3.68 -8.38
N ASN A 59 14.11 4.87 -8.03
CA ASN A 59 14.67 5.61 -6.90
C ASN A 59 14.71 4.74 -5.65
N SER A 60 15.92 4.31 -5.28
CA SER A 60 16.10 3.47 -4.10
C SER A 60 15.73 4.23 -2.83
N GLY A 61 16.16 5.50 -2.75
CA GLY A 61 15.87 6.31 -1.58
C GLY A 61 14.38 6.42 -1.31
N HIS A 62 13.57 6.35 -2.38
CA HIS A 62 12.13 6.45 -2.25
C HIS A 62 11.51 5.06 -2.04
N ARG A 63 12.14 4.05 -2.62
CA ARG A 63 11.65 2.69 -2.51
C ARG A 63 11.52 2.27 -1.04
N GLN A 64 12.46 2.73 -0.23
CA GLN A 64 12.45 2.42 1.20
C GLN A 64 11.31 3.13 1.91
N ARG A 65 11.18 4.43 1.65
CA ARG A 65 10.14 5.24 2.26
C ARG A 65 8.76 4.59 2.08
N ILE A 66 8.58 3.92 0.94
CA ILE A 66 7.33 3.26 0.62
C ILE A 66 7.25 1.90 1.30
N LEU A 67 8.37 1.18 1.31
CA LEU A 67 8.43 -0.14 1.93
C LEU A 67 8.01 -0.08 3.39
N GLN A 68 8.27 1.05 4.03
CA GLN A 68 7.92 1.24 5.43
C GLN A 68 6.41 1.36 5.60
N ALA A 69 5.82 2.33 4.91
CA ALA A 69 4.38 2.55 4.99
C ALA A 69 3.61 1.26 4.70
N ILE A 70 4.18 0.41 3.85
CA ILE A 70 3.55 -0.85 3.50
C ILE A 70 3.70 -1.88 4.61
N GLN A 71 4.79 -1.77 5.37
CA GLN A 71 5.05 -2.70 6.47
C GLN A 71 4.08 -2.43 7.63
N LEU A 72 3.58 -1.20 7.71
CA LEU A 72 2.65 -0.83 8.76
C LEU A 72 1.22 -1.19 8.39
N LEU A 73 0.96 -1.26 7.08
CA LEU A 73 -0.37 -1.61 6.59
C LEU A 73 -0.89 -2.88 7.23
N PRO A 74 -2.22 -3.07 7.21
CA PRO A 74 -2.86 -4.25 7.79
C PRO A 74 -2.56 -5.52 6.99
N SER A 75 -2.64 -6.66 7.66
CA SER A 75 -2.38 -7.94 7.02
C SER A 75 -3.45 -8.96 7.39
N GLY A 76 -4.71 -8.58 7.20
CA GLY A 76 -5.81 -9.47 7.52
C GLY A 76 -6.61 -9.00 8.71
N PRO A 77 -7.59 -9.82 9.13
CA PRO A 77 -8.45 -9.50 10.28
C PRO A 77 -7.69 -9.56 11.60
N SER A 78 -7.22 -8.40 12.05
CA SER A 78 -6.48 -8.32 13.31
C SER A 78 -7.34 -7.70 14.41
N SER A 79 -7.72 -6.45 14.22
CA SER A 79 -8.54 -5.74 15.19
C SER A 79 -9.21 -4.52 14.56
N GLY A 80 -10.06 -3.85 15.33
CA GLY A 80 -10.74 -2.67 14.83
C GLY A 80 -11.11 -1.71 15.94
N GLY A 1 -14.00 -11.57 11.56
CA GLY A 1 -14.74 -12.50 10.73
C GLY A 1 -15.41 -11.82 9.55
N SER A 2 -14.92 -12.12 8.35
CA SER A 2 -15.47 -11.53 7.14
C SER A 2 -16.21 -12.58 6.31
N SER A 3 -16.97 -13.44 6.99
CA SER A 3 -17.72 -14.49 6.33
C SER A 3 -18.79 -13.90 5.42
N GLY A 4 -19.12 -14.62 4.35
CA GLY A 4 -20.13 -14.15 3.42
C GLY A 4 -20.05 -14.83 2.08
N SER A 5 -19.77 -14.06 1.03
CA SER A 5 -19.67 -14.60 -0.32
C SER A 5 -18.96 -13.60 -1.24
N SER A 6 -19.39 -12.35 -1.20
CA SER A 6 -18.80 -11.31 -2.03
C SER A 6 -17.46 -10.85 -1.47
N GLY A 7 -16.78 -9.99 -2.22
CA GLY A 7 -15.49 -9.49 -1.78
C GLY A 7 -15.55 -8.88 -0.38
N PRO A 8 -14.38 -8.64 0.21
CA PRO A 8 -14.27 -8.05 1.55
C PRO A 8 -14.70 -6.59 1.57
N ARG A 9 -15.88 -6.33 2.13
CA ARG A 9 -16.41 -4.98 2.21
C ARG A 9 -16.10 -4.36 3.58
N CYS A 10 -15.24 -3.35 3.58
CA CYS A 10 -14.86 -2.67 4.81
C CYS A 10 -14.14 -1.36 4.51
N PRO A 11 -14.17 -0.44 5.49
CA PRO A 11 -13.53 0.87 5.36
C PRO A 11 -12.01 0.78 5.36
N VAL A 12 -11.39 1.06 4.22
CA VAL A 12 -9.95 1.01 4.08
C VAL A 12 -9.44 2.12 3.18
N GLN A 13 -8.27 2.67 3.52
CA GLN A 13 -7.68 3.75 2.73
C GLN A 13 -7.30 3.26 1.34
N THR A 14 -7.07 4.19 0.43
CA THR A 14 -6.70 3.86 -0.94
C THR A 14 -5.27 4.28 -1.25
N VAL A 15 -4.66 3.62 -2.23
CA VAL A 15 -3.30 3.92 -2.62
C VAL A 15 -3.12 5.42 -2.88
N GLY A 16 -4.14 6.04 -3.44
CA GLY A 16 -4.07 7.46 -3.74
C GLY A 16 -3.80 8.29 -2.50
N GLN A 17 -4.69 8.18 -1.51
CA GLN A 17 -4.55 8.94 -0.27
C GLN A 17 -3.37 8.41 0.54
N TRP A 18 -3.07 7.12 0.38
CA TRP A 18 -1.96 6.50 1.11
C TRP A 18 -0.63 7.11 0.70
N LEU A 19 -0.39 7.19 -0.60
CA LEU A 19 0.85 7.76 -1.12
C LEU A 19 1.04 9.19 -0.65
N GLU A 20 -0.07 9.92 -0.54
CA GLU A 20 -0.02 11.31 -0.10
C GLU A 20 0.57 11.42 1.30
N SER A 21 0.44 10.35 2.08
CA SER A 21 0.96 10.33 3.44
C SER A 21 2.49 10.32 3.43
N ILE A 22 3.07 9.29 2.84
CA ILE A 22 4.53 9.17 2.76
C ILE A 22 5.15 10.39 2.11
N GLY A 23 4.41 10.99 1.17
CA GLY A 23 4.90 12.17 0.49
C GLY A 23 5.43 11.85 -0.90
N LEU A 24 4.70 11.05 -1.64
CA LEU A 24 5.10 10.66 -2.99
C LEU A 24 3.88 10.36 -3.86
N PRO A 25 3.10 11.41 -4.17
CA PRO A 25 1.90 11.29 -5.00
C PRO A 25 2.23 10.98 -6.44
N GLN A 26 3.45 11.29 -6.85
CA GLN A 26 3.88 11.05 -8.23
C GLN A 26 3.71 9.58 -8.60
N TYR A 27 3.74 8.71 -7.59
CA TYR A 27 3.59 7.29 -7.80
C TYR A 27 2.14 6.84 -7.61
N GLU A 28 1.21 7.72 -7.97
CA GLU A 28 -0.20 7.43 -7.83
C GLU A 28 -0.73 6.70 -9.07
N ASN A 29 -0.09 6.95 -10.21
CA ASN A 29 -0.49 6.32 -11.46
C ASN A 29 0.30 5.03 -11.70
N HIS A 30 1.50 4.96 -11.13
CA HIS A 30 2.34 3.78 -11.27
C HIS A 30 1.60 2.52 -10.84
N LEU A 31 1.22 2.48 -9.57
CA LEU A 31 0.50 1.33 -9.02
C LEU A 31 -0.80 1.08 -9.79
N MET A 32 -1.63 2.11 -9.88
CA MET A 32 -2.91 2.01 -10.59
C MET A 32 -2.69 1.46 -11.99
N ALA A 33 -1.54 1.74 -12.57
CA ALA A 33 -1.22 1.28 -13.91
C ALA A 33 -0.73 -0.17 -13.90
N ASN A 34 0.10 -0.49 -12.93
CA ASN A 34 0.65 -1.84 -12.80
C ASN A 34 -0.48 -2.86 -12.62
N GLY A 35 -1.54 -2.45 -11.92
CA GLY A 35 -2.66 -3.34 -11.70
C GLY A 35 -2.85 -3.68 -10.23
N PHE A 36 -2.28 -2.85 -9.36
CA PHE A 36 -2.38 -3.08 -7.92
C PHE A 36 -3.71 -2.56 -7.38
N ASP A 37 -3.82 -1.25 -7.27
CA ASP A 37 -5.05 -0.63 -6.76
C ASP A 37 -5.47 -1.24 -5.44
N ASN A 38 -4.48 -1.72 -4.67
CA ASN A 38 -4.75 -2.33 -3.38
C ASN A 38 -3.86 -1.72 -2.29
N VAL A 39 -4.41 -1.64 -1.08
CA VAL A 39 -3.66 -1.09 0.05
C VAL A 39 -3.48 -2.12 1.15
N GLN A 40 -4.52 -2.91 1.39
CA GLN A 40 -4.47 -3.93 2.43
C GLN A 40 -3.69 -5.14 1.95
N PHE A 41 -3.65 -5.34 0.64
CA PHE A 41 -2.93 -6.46 0.05
C PHE A 41 -1.42 -6.30 0.23
N MET A 42 -0.95 -5.06 0.12
CA MET A 42 0.48 -4.77 0.27
C MET A 42 0.98 -5.25 1.63
N GLY A 43 0.08 -5.36 2.59
CA GLY A 43 0.45 -5.81 3.93
C GLY A 43 0.21 -7.29 4.12
N SER A 44 1.05 -8.12 3.52
CA SER A 44 0.91 -9.57 3.63
C SER A 44 2.02 -10.28 2.85
N ASN A 45 1.89 -10.28 1.53
CA ASN A 45 2.88 -10.93 0.67
C ASN A 45 2.81 -10.39 -0.75
N VAL A 46 3.13 -9.11 -0.91
CA VAL A 46 3.11 -8.47 -2.23
C VAL A 46 3.65 -7.05 -2.15
N MET A 47 4.16 -6.56 -3.27
CA MET A 47 4.70 -5.21 -3.34
C MET A 47 5.91 -5.06 -2.43
N GLU A 48 6.89 -5.96 -2.60
CA GLU A 48 8.10 -5.93 -1.80
C GLU A 48 9.12 -4.94 -2.37
N ASP A 49 10.30 -4.91 -1.77
CA ASP A 49 11.35 -4.01 -2.22
C ASP A 49 11.69 -4.25 -3.68
N GLN A 50 11.44 -5.47 -4.15
CA GLN A 50 11.71 -5.83 -5.53
C GLN A 50 10.53 -5.48 -6.43
N ASP A 51 9.32 -5.80 -5.97
CA ASP A 51 8.12 -5.52 -6.73
C ASP A 51 8.00 -4.03 -7.02
N LEU A 52 8.65 -3.22 -6.20
CA LEU A 52 8.62 -1.77 -6.37
C LEU A 52 9.64 -1.31 -7.40
N LEU A 53 10.66 -2.14 -7.62
CA LEU A 53 11.71 -1.82 -8.58
C LEU A 53 11.35 -2.34 -9.97
N GLU A 54 10.49 -3.36 -10.01
CA GLU A 54 10.06 -3.95 -11.28
C GLU A 54 8.92 -3.14 -11.89
N ILE A 55 8.09 -2.56 -11.04
CA ILE A 55 6.96 -1.76 -11.49
C ILE A 55 7.43 -0.53 -12.25
N GLY A 56 8.62 -0.05 -11.92
CA GLY A 56 9.18 1.11 -12.60
C GLY A 56 9.93 2.01 -11.65
N ILE A 57 9.44 2.15 -10.42
CA ILE A 57 10.08 2.98 -9.42
C ILE A 57 11.49 2.51 -9.12
N LEU A 58 12.47 3.15 -9.75
CA LEU A 58 13.88 2.79 -9.54
C LEU A 58 14.48 3.59 -8.38
N ASN A 59 13.91 4.75 -8.11
CA ASN A 59 14.40 5.60 -7.03
C ASN A 59 14.48 4.83 -5.72
N SER A 60 15.70 4.45 -5.34
CA SER A 60 15.92 3.69 -4.12
C SER A 60 15.41 4.47 -2.91
N GLY A 61 15.83 5.73 -2.79
CA GLY A 61 15.41 6.55 -1.68
C GLY A 61 13.90 6.57 -1.51
N HIS A 62 13.18 6.38 -2.61
CA HIS A 62 11.72 6.37 -2.58
C HIS A 62 11.19 5.00 -2.18
N ARG A 63 11.69 3.96 -2.85
CA ARG A 63 11.27 2.60 -2.56
C ARG A 63 11.38 2.29 -1.07
N GLN A 64 12.45 2.77 -0.44
CA GLN A 64 12.66 2.55 0.98
C GLN A 64 11.56 3.22 1.81
N ARG A 65 11.21 4.44 1.44
CA ARG A 65 10.18 5.19 2.14
C ARG A 65 8.81 4.51 1.99
N ILE A 66 8.58 3.95 0.80
CA ILE A 66 7.32 3.27 0.52
C ILE A 66 7.21 1.97 1.32
N LEU A 67 8.27 1.18 1.31
CA LEU A 67 8.29 -0.09 2.02
C LEU A 67 7.87 0.10 3.48
N GLN A 68 8.49 1.08 4.15
CA GLN A 68 8.18 1.37 5.54
C GLN A 68 6.68 1.54 5.74
N ALA A 69 6.03 2.22 4.79
CA ALA A 69 4.60 2.46 4.86
C ALA A 69 3.81 1.16 4.66
N ILE A 70 4.30 0.32 3.76
CA ILE A 70 3.65 -0.95 3.48
C ILE A 70 3.70 -1.88 4.69
N GLN A 71 4.75 -1.73 5.49
CA GLN A 71 4.93 -2.56 6.68
C GLN A 71 3.93 -2.17 7.76
N LEU A 72 3.60 -0.88 7.83
CA LEU A 72 2.66 -0.37 8.82
C LEU A 72 1.22 -0.65 8.39
N LEU A 73 1.01 -0.78 7.09
CA LEU A 73 -0.33 -1.04 6.55
C LEU A 73 -0.95 -2.25 7.23
N PRO A 74 -2.29 -2.34 7.16
CA PRO A 74 -3.05 -3.44 7.77
C PRO A 74 -2.82 -4.77 7.05
N SER A 75 -3.20 -5.86 7.70
CA SER A 75 -3.03 -7.18 7.12
C SER A 75 -4.27 -8.04 7.37
N GLY A 76 -4.77 -8.67 6.31
CA GLY A 76 -5.95 -9.51 6.43
C GLY A 76 -7.19 -8.72 6.78
N PRO A 77 -8.28 -9.43 7.09
CA PRO A 77 -9.56 -8.81 7.45
C PRO A 77 -9.51 -8.11 8.81
N SER A 78 -8.68 -8.63 9.70
CA SER A 78 -8.53 -8.05 11.03
C SER A 78 -7.98 -6.64 10.95
N SER A 79 -8.31 -5.82 11.94
CA SER A 79 -7.85 -4.44 11.99
C SER A 79 -8.18 -3.71 10.70
N GLY A 80 -9.30 -4.09 10.08
CA GLY A 80 -9.72 -3.47 8.85
C GLY A 80 -9.57 -4.38 7.65
N GLY A 1 -25.18 13.85 16.10
CA GLY A 1 -25.30 12.63 15.34
C GLY A 1 -25.85 11.48 16.16
N SER A 2 -26.51 10.54 15.51
CA SER A 2 -27.10 9.40 16.19
C SER A 2 -26.06 8.31 16.40
N SER A 3 -26.35 7.37 17.30
CA SER A 3 -25.44 6.27 17.60
C SER A 3 -24.07 6.80 18.03
N GLY A 4 -23.14 5.89 18.29
CA GLY A 4 -21.81 6.28 18.71
C GLY A 4 -20.74 5.45 18.05
N SER A 5 -20.21 4.48 18.79
CA SER A 5 -19.15 3.61 18.27
C SER A 5 -19.47 2.14 18.55
N SER A 6 -19.78 1.41 17.50
CA SER A 6 -20.11 -0.01 17.62
C SER A 6 -18.88 -0.82 18.02
N GLY A 7 -17.72 -0.42 17.51
CA GLY A 7 -16.49 -1.11 17.83
C GLY A 7 -15.68 -1.45 16.59
N PRO A 8 -16.17 -2.41 15.79
CA PRO A 8 -15.50 -2.83 14.56
C PRO A 8 -15.55 -1.77 13.48
N ARG A 9 -14.60 -0.82 13.53
CA ARG A 9 -14.53 0.25 12.55
C ARG A 9 -13.27 1.08 12.74
N CYS A 10 -12.54 1.30 11.65
CA CYS A 10 -11.31 2.08 11.71
C CYS A 10 -11.13 2.91 10.45
N PRO A 11 -10.30 3.96 10.52
CA PRO A 11 -10.02 4.85 9.39
C PRO A 11 -9.22 4.16 8.29
N VAL A 12 -9.86 3.98 7.14
CA VAL A 12 -9.19 3.34 6.00
C VAL A 12 -8.90 4.34 4.89
N GLN A 13 -7.81 4.12 4.17
CA GLN A 13 -7.42 5.01 3.08
C GLN A 13 -7.30 4.24 1.77
N THR A 14 -6.94 4.95 0.71
CA THR A 14 -6.79 4.33 -0.61
C THR A 14 -5.37 4.52 -1.14
N VAL A 15 -5.04 3.77 -2.18
CA VAL A 15 -3.72 3.84 -2.79
C VAL A 15 -3.38 5.28 -3.18
N GLY A 16 -4.41 6.08 -3.44
CA GLY A 16 -4.18 7.46 -3.81
C GLY A 16 -3.84 8.33 -2.62
N GLN A 17 -4.71 8.34 -1.62
CA GLN A 17 -4.49 9.15 -0.43
C GLN A 17 -3.25 8.68 0.33
N TRP A 18 -3.12 7.36 0.47
CA TRP A 18 -1.99 6.77 1.17
C TRP A 18 -0.67 7.32 0.63
N LEU A 19 -0.55 7.35 -0.69
CA LEU A 19 0.66 7.85 -1.34
C LEU A 19 0.99 9.26 -0.86
N GLU A 20 -0.05 10.03 -0.54
CA GLU A 20 0.13 11.40 -0.07
C GLU A 20 0.62 11.42 1.37
N SER A 21 0.31 10.36 2.11
CA SER A 21 0.72 10.25 3.50
C SER A 21 2.23 10.14 3.62
N ILE A 22 2.84 9.39 2.71
CA ILE A 22 4.29 9.20 2.71
C ILE A 22 5.00 10.40 2.08
N GLY A 23 4.31 11.07 1.17
CA GLY A 23 4.89 12.24 0.51
C GLY A 23 5.41 11.91 -0.88
N LEU A 24 4.66 11.10 -1.62
CA LEU A 24 5.04 10.72 -2.97
C LEU A 24 3.82 10.41 -3.81
N PRO A 25 3.02 11.46 -4.11
CA PRO A 25 1.81 11.32 -4.91
C PRO A 25 2.11 11.02 -6.38
N GLN A 26 3.35 11.30 -6.79
CA GLN A 26 3.77 11.06 -8.16
C GLN A 26 3.68 9.59 -8.51
N TYR A 27 3.61 8.75 -7.49
CA TYR A 27 3.53 7.30 -7.70
C TYR A 27 2.08 6.83 -7.67
N GLU A 28 1.19 7.64 -8.27
CA GLU A 28 -0.22 7.30 -8.33
C GLU A 28 -0.53 6.42 -9.53
N ASN A 29 -0.29 6.96 -10.72
CA ASN A 29 -0.55 6.22 -11.95
C ASN A 29 0.28 4.94 -12.01
N HIS A 30 1.43 4.97 -11.34
CA HIS A 30 2.32 3.81 -11.31
C HIS A 30 1.58 2.57 -10.81
N LEU A 31 1.27 2.56 -9.53
CA LEU A 31 0.55 1.43 -8.92
C LEU A 31 -0.76 1.15 -9.65
N MET A 32 -1.53 2.21 -9.88
CA MET A 32 -2.81 2.08 -10.57
C MET A 32 -2.63 1.40 -11.93
N ALA A 33 -1.44 1.56 -12.50
CA ALA A 33 -1.14 0.95 -13.80
C ALA A 33 -0.71 -0.50 -13.64
N ASN A 34 -0.16 -0.83 -12.47
CA ASN A 34 0.30 -2.18 -12.19
C ASN A 34 -0.76 -2.98 -11.45
N GLY A 35 -2.02 -2.63 -11.69
CA GLY A 35 -3.12 -3.33 -11.03
C GLY A 35 -3.01 -3.29 -9.52
N PHE A 36 -2.78 -2.10 -8.96
CA PHE A 36 -2.65 -1.94 -7.53
C PHE A 36 -3.60 -0.86 -7.01
N ASP A 37 -4.89 -1.17 -7.01
CA ASP A 37 -5.90 -0.24 -6.54
C ASP A 37 -6.25 -0.49 -5.08
N ASN A 38 -6.11 -1.74 -4.65
CA ASN A 38 -6.41 -2.11 -3.28
C ASN A 38 -5.32 -1.63 -2.33
N VAL A 39 -5.60 -1.66 -1.03
CA VAL A 39 -4.64 -1.23 -0.02
C VAL A 39 -4.33 -2.35 0.96
N GLN A 40 -5.38 -3.02 1.44
CA GLN A 40 -5.21 -4.11 2.39
C GLN A 40 -4.28 -5.18 1.83
N PHE A 41 -4.25 -5.30 0.51
CA PHE A 41 -3.40 -6.28 -0.16
C PHE A 41 -1.91 -5.89 -0.04
N MET A 42 -1.67 -4.60 0.11
CA MET A 42 -0.30 -4.10 0.23
C MET A 42 0.45 -4.84 1.32
N GLY A 43 -0.15 -4.93 2.51
CA GLY A 43 0.48 -5.61 3.62
C GLY A 43 0.73 -7.08 3.33
N SER A 44 -0.01 -7.63 2.37
CA SER A 44 0.12 -9.03 2.00
C SER A 44 1.46 -9.27 1.29
N ASN A 45 1.62 -10.46 0.73
CA ASN A 45 2.85 -10.82 0.02
C ASN A 45 2.87 -10.23 -1.38
N VAL A 46 2.84 -8.90 -1.46
CA VAL A 46 2.86 -8.22 -2.75
C VAL A 46 3.38 -6.79 -2.60
N MET A 47 3.96 -6.26 -3.66
CA MET A 47 4.50 -4.91 -3.65
C MET A 47 5.64 -4.78 -2.65
N GLU A 48 6.68 -5.59 -2.83
CA GLU A 48 7.84 -5.57 -1.94
C GLU A 48 8.97 -4.72 -2.53
N ASP A 49 10.10 -4.70 -1.84
CA ASP A 49 11.25 -3.93 -2.30
C ASP A 49 11.59 -4.27 -3.74
N GLN A 50 11.31 -5.51 -4.14
CA GLN A 50 11.60 -5.95 -5.50
C GLN A 50 10.50 -5.50 -6.45
N ASP A 51 9.25 -5.70 -6.05
CA ASP A 51 8.11 -5.32 -6.88
C ASP A 51 8.17 -3.82 -7.20
N LEU A 52 8.64 -3.03 -6.25
CA LEU A 52 8.74 -1.58 -6.43
C LEU A 52 9.73 -1.24 -7.54
N LEU A 53 10.68 -2.14 -7.77
CA LEU A 53 11.69 -1.93 -8.81
C LEU A 53 11.17 -2.37 -10.17
N GLU A 54 10.21 -3.30 -10.16
CA GLU A 54 9.64 -3.81 -11.39
C GLU A 54 8.58 -2.86 -11.93
N ILE A 55 7.75 -2.33 -11.03
CA ILE A 55 6.69 -1.40 -11.42
C ILE A 55 7.26 -0.20 -12.17
N GLY A 56 8.54 0.09 -11.93
CA GLY A 56 9.18 1.22 -12.59
C GLY A 56 10.02 2.05 -11.65
N ILE A 57 9.49 2.29 -10.44
CA ILE A 57 10.19 3.08 -9.45
C ILE A 57 11.62 2.56 -9.24
N LEU A 58 12.60 3.39 -9.57
CA LEU A 58 14.00 3.02 -9.41
C LEU A 58 14.63 3.75 -8.23
N ASN A 59 14.11 4.93 -7.92
CA ASN A 59 14.62 5.73 -6.81
C ASN A 59 14.69 4.90 -5.53
N SER A 60 15.90 4.50 -5.17
CA SER A 60 16.11 3.70 -3.96
C SER A 60 15.66 4.46 -2.73
N GLY A 61 16.07 5.72 -2.62
CA GLY A 61 15.71 6.53 -1.47
C GLY A 61 14.21 6.56 -1.24
N HIS A 62 13.44 6.48 -2.33
CA HIS A 62 11.98 6.48 -2.24
C HIS A 62 11.45 5.08 -1.99
N ARG A 63 12.06 4.09 -2.63
CA ARG A 63 11.64 2.70 -2.49
C ARG A 63 11.57 2.31 -1.02
N GLN A 64 12.56 2.73 -0.25
CA GLN A 64 12.61 2.43 1.17
C GLN A 64 11.48 3.13 1.92
N ARG A 65 11.32 4.43 1.67
CA ARG A 65 10.27 5.21 2.32
C ARG A 65 8.90 4.56 2.12
N ILE A 66 8.72 3.93 0.97
CA ILE A 66 7.46 3.27 0.66
C ILE A 66 7.37 1.91 1.35
N LEU A 67 8.46 1.17 1.32
CA LEU A 67 8.51 -0.16 1.94
C LEU A 67 8.03 -0.09 3.39
N GLN A 68 8.69 0.73 4.20
CA GLN A 68 8.32 0.88 5.60
C GLN A 68 6.85 1.21 5.74
N ALA A 69 6.34 2.06 4.86
CA ALA A 69 4.95 2.47 4.89
C ALA A 69 4.02 1.27 4.68
N ILE A 70 4.35 0.45 3.68
CA ILE A 70 3.54 -0.73 3.39
C ILE A 70 3.63 -1.75 4.51
N GLN A 71 4.72 -1.70 5.27
CA GLN A 71 4.92 -2.63 6.39
C GLN A 71 3.97 -2.30 7.53
N LEU A 72 3.59 -1.04 7.64
CA LEU A 72 2.68 -0.60 8.69
C LEU A 72 1.23 -0.87 8.31
N LEU A 73 0.96 -0.92 7.01
CA LEU A 73 -0.38 -1.18 6.51
C LEU A 73 -0.97 -2.44 7.15
N PRO A 74 -2.29 -2.55 7.12
CA PRO A 74 -3.01 -3.70 7.68
C PRO A 74 -2.79 -4.97 6.86
N SER A 75 -2.49 -6.07 7.56
CA SER A 75 -2.26 -7.34 6.89
C SER A 75 -3.44 -8.29 7.09
N GLY A 76 -4.64 -7.73 7.15
CA GLY A 76 -5.83 -8.52 7.35
C GLY A 76 -6.16 -8.73 8.80
N PRO A 77 -7.25 -9.48 9.07
CA PRO A 77 -7.70 -9.76 10.44
C PRO A 77 -6.75 -10.70 11.17
N SER A 78 -6.53 -10.44 12.46
CA SER A 78 -5.64 -11.26 13.27
C SER A 78 -6.38 -11.83 14.47
N SER A 79 -6.79 -13.08 14.37
CA SER A 79 -7.51 -13.74 15.46
C SER A 79 -7.03 -15.17 15.64
N GLY A 80 -6.07 -15.35 16.56
CA GLY A 80 -5.54 -16.67 16.83
C GLY A 80 -6.00 -17.23 18.15
N GLY A 1 -12.82 -14.08 0.90
CA GLY A 1 -13.45 -12.91 1.49
C GLY A 1 -14.56 -12.36 0.60
N SER A 2 -15.81 -12.60 1.01
CA SER A 2 -16.96 -12.12 0.25
C SER A 2 -17.86 -11.25 1.12
N SER A 3 -17.83 -9.94 0.85
CA SER A 3 -18.64 -8.99 1.61
C SER A 3 -18.30 -9.05 3.09
N GLY A 4 -19.06 -8.31 3.90
CA GLY A 4 -18.82 -8.30 5.33
C GLY A 4 -17.55 -7.56 5.69
N SER A 5 -17.66 -6.59 6.59
CA SER A 5 -16.51 -5.82 7.02
C SER A 5 -16.83 -5.00 8.27
N SER A 6 -16.29 -5.42 9.41
CA SER A 6 -16.53 -4.73 10.67
C SER A 6 -15.58 -3.55 10.83
N GLY A 7 -16.02 -2.38 10.37
CA GLY A 7 -15.19 -1.19 10.47
C GLY A 7 -16.01 0.08 10.41
N PRO A 8 -16.75 0.38 11.48
CA PRO A 8 -17.59 1.58 11.56
C PRO A 8 -16.77 2.86 11.65
N ARG A 9 -15.57 2.74 12.19
CA ARG A 9 -14.69 3.90 12.35
C ARG A 9 -13.35 3.65 11.65
N CYS A 10 -12.83 4.67 10.97
CA CYS A 10 -11.56 4.56 10.27
C CYS A 10 -11.59 3.39 9.29
N PRO A 11 -12.29 3.57 8.16
CA PRO A 11 -12.41 2.55 7.13
C PRO A 11 -11.09 2.32 6.38
N VAL A 12 -11.15 1.51 5.33
CA VAL A 12 -9.96 1.22 4.53
C VAL A 12 -9.52 2.44 3.74
N GLN A 13 -8.21 2.58 3.55
CA GLN A 13 -7.66 3.70 2.82
C GLN A 13 -7.41 3.33 1.35
N THR A 14 -7.17 4.34 0.52
CA THR A 14 -6.93 4.11 -0.89
C THR A 14 -5.47 4.37 -1.26
N VAL A 15 -5.01 3.78 -2.36
CA VAL A 15 -3.64 3.95 -2.81
C VAL A 15 -3.27 5.43 -2.90
N GLY A 16 -4.19 6.23 -3.40
CA GLY A 16 -3.94 7.66 -3.54
C GLY A 16 -3.76 8.34 -2.19
N GLN A 17 -4.67 8.07 -1.26
CA GLN A 17 -4.60 8.66 0.06
C GLN A 17 -3.39 8.13 0.84
N TRP A 18 -2.93 6.95 0.46
CA TRP A 18 -1.77 6.34 1.12
C TRP A 18 -0.47 6.90 0.56
N LEU A 19 -0.51 7.33 -0.69
CA LEU A 19 0.68 7.89 -1.34
C LEU A 19 0.93 9.32 -0.87
N GLU A 20 -0.14 10.10 -0.74
CA GLU A 20 -0.02 11.48 -0.29
C GLU A 20 0.60 11.55 1.11
N SER A 21 0.18 10.64 1.97
CA SER A 21 0.70 10.61 3.34
C SER A 21 2.22 10.52 3.35
N ILE A 22 2.75 9.43 2.81
CA ILE A 22 4.19 9.23 2.75
C ILE A 22 4.88 10.38 2.04
N GLY A 23 4.14 11.04 1.14
CA GLY A 23 4.70 12.16 0.40
C GLY A 23 5.26 11.74 -0.95
N LEU A 24 4.49 10.93 -1.68
CA LEU A 24 4.92 10.47 -2.99
C LEU A 24 3.72 10.26 -3.92
N PRO A 25 3.06 11.37 -4.28
CA PRO A 25 1.89 11.35 -5.16
C PRO A 25 2.26 10.97 -6.59
N GLN A 26 3.52 11.17 -6.96
CA GLN A 26 4.00 10.85 -8.30
C GLN A 26 3.75 9.38 -8.62
N TYR A 27 3.63 8.56 -7.58
CA TYR A 27 3.40 7.12 -7.75
C TYR A 27 1.91 6.81 -7.68
N GLU A 28 1.09 7.69 -8.25
CA GLU A 28 -0.35 7.50 -8.25
C GLU A 28 -0.80 6.66 -9.45
N ASN A 29 -0.21 6.94 -10.60
CA ASN A 29 -0.54 6.21 -11.83
C ASN A 29 0.30 4.93 -11.94
N HIS A 30 1.46 4.93 -11.30
CA HIS A 30 2.35 3.77 -11.33
C HIS A 30 1.64 2.54 -10.78
N LEU A 31 1.46 2.50 -9.47
CA LEU A 31 0.79 1.38 -8.81
C LEU A 31 -0.56 1.10 -9.45
N MET A 32 -1.35 2.15 -9.62
CA MET A 32 -2.67 2.02 -10.23
C MET A 32 -2.59 1.29 -11.56
N ALA A 33 -1.96 1.92 -12.54
CA ALA A 33 -1.80 1.32 -13.86
C ALA A 33 -1.23 -0.09 -13.77
N ASN A 34 -0.20 -0.25 -12.94
CA ASN A 34 0.43 -1.54 -12.75
C ASN A 34 -0.59 -2.61 -12.36
N GLY A 35 -1.67 -2.18 -11.72
CA GLY A 35 -2.70 -3.10 -11.30
C GLY A 35 -2.72 -3.31 -9.81
N PHE A 36 -2.24 -2.31 -9.06
CA PHE A 36 -2.21 -2.39 -7.61
C PHE A 36 -3.27 -1.49 -6.99
N ASP A 37 -4.52 -1.96 -6.98
CA ASP A 37 -5.61 -1.19 -6.42
C ASP A 37 -6.19 -1.89 -5.19
N ASN A 38 -5.33 -2.60 -4.46
CA ASN A 38 -5.75 -3.32 -3.27
C ASN A 38 -4.89 -2.95 -2.06
N VAL A 39 -5.22 -1.83 -1.43
CA VAL A 39 -4.48 -1.36 -0.28
C VAL A 39 -4.56 -2.35 0.88
N GLN A 40 -5.63 -3.14 0.89
CA GLN A 40 -5.83 -4.14 1.93
C GLN A 40 -4.81 -5.26 1.83
N PHE A 41 -4.44 -5.59 0.58
CA PHE A 41 -3.47 -6.66 0.34
C PHE A 41 -2.06 -6.14 0.53
N MET A 42 -1.80 -4.94 0.03
CA MET A 42 -0.47 -4.34 0.14
C MET A 42 0.01 -4.34 1.59
N GLY A 43 0.91 -5.26 1.90
CA GLY A 43 1.44 -5.35 3.26
C GLY A 43 1.41 -6.77 3.80
N SER A 44 2.23 -7.63 3.20
CA SER A 44 2.30 -9.03 3.62
C SER A 44 3.32 -9.80 2.78
N ASN A 45 2.96 -10.08 1.54
CA ASN A 45 3.84 -10.81 0.63
C ASN A 45 3.72 -10.28 -0.79
N VAL A 46 3.42 -9.00 -0.92
CA VAL A 46 3.28 -8.36 -2.22
C VAL A 46 3.76 -6.91 -2.18
N MET A 47 4.23 -6.42 -3.33
CA MET A 47 4.71 -5.05 -3.42
C MET A 47 5.93 -4.84 -2.53
N GLU A 48 6.86 -5.80 -2.58
CA GLU A 48 8.07 -5.71 -1.77
C GLU A 48 9.10 -4.78 -2.41
N ASP A 49 10.28 -4.70 -1.81
CA ASP A 49 11.35 -3.86 -2.33
C ASP A 49 11.61 -4.15 -3.81
N GLN A 50 11.69 -5.44 -4.13
CA GLN A 50 11.95 -5.86 -5.51
C GLN A 50 10.77 -5.51 -6.41
N ASP A 51 9.56 -5.71 -5.89
CA ASP A 51 8.35 -5.42 -6.65
C ASP A 51 8.28 -3.93 -7.02
N LEU A 52 8.87 -3.10 -6.16
CA LEU A 52 8.89 -1.66 -6.40
C LEU A 52 9.80 -1.29 -7.56
N LEU A 53 10.81 -2.13 -7.80
CA LEU A 53 11.75 -1.90 -8.88
C LEU A 53 11.19 -2.39 -10.21
N GLU A 54 10.28 -3.37 -10.13
CA GLU A 54 9.67 -3.93 -11.33
C GLU A 54 8.56 -3.02 -11.86
N ILE A 55 7.74 -2.53 -10.94
CA ILE A 55 6.63 -1.64 -11.31
C ILE A 55 7.14 -0.44 -12.09
N GLY A 56 8.39 -0.08 -11.86
CA GLY A 56 8.98 1.06 -12.56
C GLY A 56 9.80 1.94 -11.63
N ILE A 57 9.31 2.15 -10.41
CA ILE A 57 10.01 2.98 -9.44
C ILE A 57 11.45 2.52 -9.27
N LEU A 58 12.38 3.31 -9.76
CA LEU A 58 13.81 2.99 -9.66
C LEU A 58 14.45 3.72 -8.48
N ASN A 59 13.92 4.90 -8.17
CA ASN A 59 14.45 5.70 -7.07
C ASN A 59 14.52 4.87 -5.79
N SER A 60 15.72 4.45 -5.42
CA SER A 60 15.93 3.66 -4.22
C SER A 60 15.56 4.46 -2.97
N GLY A 61 15.98 5.72 -2.94
CA GLY A 61 15.68 6.57 -1.80
C GLY A 61 14.20 6.60 -1.47
N HIS A 62 13.36 6.42 -2.48
CA HIS A 62 11.91 6.43 -2.28
C HIS A 62 11.40 5.02 -2.01
N ARG A 63 12.04 4.04 -2.64
CA ARG A 63 11.64 2.64 -2.47
C ARG A 63 11.59 2.26 -0.99
N GLN A 64 12.59 2.70 -0.24
CA GLN A 64 12.66 2.40 1.19
C GLN A 64 11.52 3.07 1.94
N ARG A 65 11.33 4.38 1.70
CA ARG A 65 10.28 5.13 2.36
C ARG A 65 8.93 4.45 2.18
N ILE A 66 8.75 3.79 1.04
CA ILE A 66 7.50 3.09 0.75
C ILE A 66 7.44 1.75 1.47
N LEU A 67 8.57 1.05 1.50
CA LEU A 67 8.65 -0.25 2.17
C LEU A 67 8.13 -0.16 3.60
N GLN A 68 8.59 0.86 4.32
CA GLN A 68 8.17 1.06 5.70
C GLN A 68 6.66 1.29 5.80
N ALA A 69 6.14 2.09 4.87
CA ALA A 69 4.71 2.38 4.84
C ALA A 69 3.89 1.12 4.66
N ILE A 70 4.28 0.31 3.68
CA ILE A 70 3.58 -0.93 3.39
C ILE A 70 3.58 -1.86 4.61
N GLN A 71 4.59 -1.72 5.46
CA GLN A 71 4.72 -2.53 6.66
C GLN A 71 3.70 -2.11 7.71
N LEU A 72 3.30 -0.84 7.67
CA LEU A 72 2.33 -0.30 8.62
C LEU A 72 0.90 -0.58 8.15
N LEU A 73 0.73 -0.73 6.85
CA LEU A 73 -0.58 -1.00 6.27
C LEU A 73 -1.24 -2.19 6.96
N PRO A 74 -2.58 -2.26 6.84
CA PRO A 74 -3.36 -3.34 7.45
C PRO A 74 -3.12 -4.68 6.77
N SER A 75 -3.37 -5.77 7.51
CA SER A 75 -3.17 -7.11 6.98
C SER A 75 -3.97 -8.13 7.77
N GLY A 76 -4.49 -9.14 7.09
CA GLY A 76 -5.27 -10.17 7.75
C GLY A 76 -6.73 -9.81 7.85
N PRO A 77 -7.57 -10.78 8.26
CA PRO A 77 -9.01 -10.59 8.41
C PRO A 77 -9.35 -9.68 9.58
N SER A 78 -8.59 -9.79 10.66
CA SER A 78 -8.81 -8.98 11.85
C SER A 78 -8.75 -7.49 11.51
N SER A 79 -7.83 -7.14 10.62
CA SER A 79 -7.66 -5.75 10.21
C SER A 79 -7.46 -4.84 11.42
N GLY A 80 -6.83 -5.39 12.47
CA GLY A 80 -6.59 -4.63 13.68
C GLY A 80 -6.36 -5.52 14.88
N GLY A 1 -7.71 -21.94 18.37
CA GLY A 1 -6.90 -21.13 17.47
C GLY A 1 -7.72 -20.53 16.35
N SER A 2 -8.43 -19.44 16.65
CA SER A 2 -9.25 -18.77 15.66
C SER A 2 -8.92 -17.28 15.59
N SER A 3 -9.62 -16.57 14.71
CA SER A 3 -9.39 -15.13 14.55
C SER A 3 -10.70 -14.36 14.66
N GLY A 4 -10.62 -13.17 15.24
CA GLY A 4 -11.81 -12.35 15.40
C GLY A 4 -11.56 -11.12 16.26
N SER A 5 -12.55 -10.74 17.06
CA SER A 5 -12.44 -9.58 17.93
C SER A 5 -12.02 -8.35 17.14
N SER A 6 -12.78 -8.06 16.08
CA SER A 6 -12.49 -6.90 15.24
C SER A 6 -13.78 -6.25 14.75
N GLY A 7 -13.95 -4.97 15.07
CA GLY A 7 -15.14 -4.25 14.66
C GLY A 7 -14.83 -2.85 14.18
N PRO A 8 -14.28 -2.74 12.96
CA PRO A 8 -13.92 -1.45 12.37
C PRO A 8 -15.16 -0.64 11.98
N ARG A 9 -15.23 0.59 12.50
CA ARG A 9 -16.35 1.47 12.21
C ARG A 9 -16.00 2.46 11.10
N CYS A 10 -15.17 2.02 10.17
CA CYS A 10 -14.75 2.86 9.05
C CYS A 10 -14.08 2.03 7.96
N PRO A 11 -14.09 2.55 6.73
CA PRO A 11 -13.49 1.87 5.58
C PRO A 11 -11.97 1.85 5.65
N VAL A 12 -11.34 1.30 4.62
CA VAL A 12 -9.88 1.21 4.56
C VAL A 12 -9.31 2.23 3.59
N GLN A 13 -8.10 2.71 3.89
CA GLN A 13 -7.43 3.70 3.04
C GLN A 13 -7.14 3.11 1.67
N THR A 14 -6.88 3.99 0.70
CA THR A 14 -6.58 3.56 -0.66
C THR A 14 -5.16 3.94 -1.06
N VAL A 15 -4.65 3.32 -2.12
CA VAL A 15 -3.31 3.60 -2.60
C VAL A 15 -3.10 5.09 -2.81
N GLY A 16 -4.13 5.78 -3.29
CA GLY A 16 -4.04 7.20 -3.52
C GLY A 16 -3.70 7.98 -2.25
N GLN A 17 -4.65 8.03 -1.33
CA GLN A 17 -4.45 8.74 -0.07
C GLN A 17 -3.27 8.16 0.70
N TRP A 18 -2.99 6.88 0.46
CA TRP A 18 -1.88 6.21 1.14
C TRP A 18 -0.54 6.80 0.72
N LEU A 19 -0.43 7.18 -0.55
CA LEU A 19 0.80 7.76 -1.07
C LEU A 19 0.87 9.26 -0.74
N GLU A 20 -0.28 9.91 -0.71
CA GLU A 20 -0.36 11.33 -0.41
C GLU A 20 0.16 11.62 1.00
N SER A 21 0.06 10.61 1.87
CA SER A 21 0.50 10.75 3.25
C SER A 21 2.03 10.69 3.35
N ILE A 22 2.59 9.58 2.89
CA ILE A 22 4.03 9.38 2.91
C ILE A 22 4.75 10.56 2.26
N GLY A 23 4.14 11.13 1.23
CA GLY A 23 4.73 12.26 0.54
C GLY A 23 5.30 11.87 -0.81
N LEU A 24 4.55 11.07 -1.56
CA LEU A 24 5.00 10.63 -2.88
C LEU A 24 3.80 10.31 -3.78
N PRO A 25 3.05 11.36 -4.15
CA PRO A 25 1.88 11.23 -5.01
C PRO A 25 2.24 10.86 -6.44
N GLN A 26 3.47 11.17 -6.83
CA GLN A 26 3.94 10.87 -8.18
C GLN A 26 3.82 9.38 -8.47
N TYR A 27 3.82 8.57 -7.42
CA TYR A 27 3.71 7.12 -7.57
C TYR A 27 2.26 6.66 -7.42
N GLU A 28 1.33 7.56 -7.71
CA GLU A 28 -0.09 7.26 -7.61
C GLU A 28 -0.61 6.61 -8.90
N ASN A 29 0.03 6.94 -10.01
CA ASN A 29 -0.36 6.40 -11.31
C ASN A 29 0.45 5.14 -11.64
N HIS A 30 1.65 5.05 -11.08
CA HIS A 30 2.52 3.90 -11.32
C HIS A 30 1.81 2.60 -10.94
N LEU A 31 1.25 2.58 -9.73
CA LEU A 31 0.54 1.39 -9.25
C LEU A 31 -0.74 1.17 -10.03
N MET A 32 -1.60 2.18 -10.06
CA MET A 32 -2.87 2.10 -10.78
C MET A 32 -2.65 1.64 -12.22
N ALA A 33 -1.48 1.98 -12.78
CA ALA A 33 -1.15 1.60 -14.13
C ALA A 33 -0.62 0.17 -14.20
N ASN A 34 0.06 -0.25 -13.14
CA ASN A 34 0.62 -1.59 -13.07
C ASN A 34 -0.48 -2.64 -12.90
N GLY A 35 -1.51 -2.27 -12.16
CA GLY A 35 -2.62 -3.19 -11.92
C GLY A 35 -2.69 -3.66 -10.48
N PHE A 36 -2.39 -2.77 -9.55
CA PHE A 36 -2.41 -3.11 -8.13
C PHE A 36 -3.72 -2.65 -7.49
N ASP A 37 -3.82 -1.35 -7.26
CA ASP A 37 -5.03 -0.78 -6.65
C ASP A 37 -5.34 -1.48 -5.33
N ASN A 38 -4.31 -2.00 -4.68
CA ASN A 38 -4.48 -2.69 -3.40
C ASN A 38 -3.63 -2.04 -2.32
N VAL A 39 -4.17 -1.99 -1.10
CA VAL A 39 -3.46 -1.40 0.03
C VAL A 39 -3.12 -2.45 1.07
N GLN A 40 -4.14 -3.00 1.72
CA GLN A 40 -3.93 -4.01 2.74
C GLN A 40 -3.14 -5.19 2.19
N PHE A 41 -3.23 -5.39 0.88
CA PHE A 41 -2.51 -6.48 0.22
C PHE A 41 -1.00 -6.26 0.26
N MET A 42 -0.59 -5.01 0.10
CA MET A 42 0.82 -4.65 0.11
C MET A 42 1.49 -5.19 1.37
N GLY A 43 0.80 -5.09 2.50
CA GLY A 43 1.35 -5.57 3.75
C GLY A 43 0.97 -7.01 4.04
N SER A 44 1.60 -7.95 3.34
CA SER A 44 1.31 -9.36 3.53
C SER A 44 2.34 -10.22 2.81
N ASN A 45 2.67 -9.84 1.58
CA ASN A 45 3.65 -10.58 0.79
C ASN A 45 3.85 -9.92 -0.57
N VAL A 46 2.78 -9.35 -1.12
CA VAL A 46 2.85 -8.69 -2.42
C VAL A 46 3.28 -7.24 -2.27
N MET A 47 3.82 -6.68 -3.34
CA MET A 47 4.28 -5.29 -3.33
C MET A 47 5.43 -5.10 -2.34
N GLU A 48 6.51 -5.84 -2.56
CA GLU A 48 7.68 -5.75 -1.70
C GLU A 48 8.74 -4.84 -2.30
N ASP A 49 9.89 -4.76 -1.64
CA ASP A 49 10.99 -3.92 -2.10
C ASP A 49 11.33 -4.23 -3.56
N GLN A 50 11.10 -5.48 -3.96
CA GLN A 50 11.38 -5.91 -5.32
C GLN A 50 10.23 -5.54 -6.26
N ASP A 51 9.01 -5.80 -5.82
CA ASP A 51 7.84 -5.48 -6.63
C ASP A 51 7.78 -3.99 -6.95
N LEU A 52 8.46 -3.20 -6.13
CA LEU A 52 8.49 -1.75 -6.32
C LEU A 52 9.53 -1.36 -7.36
N LEU A 53 10.50 -2.23 -7.57
CA LEU A 53 11.56 -1.98 -8.54
C LEU A 53 11.18 -2.51 -9.91
N GLU A 54 10.30 -3.50 -9.94
CA GLU A 54 9.84 -4.08 -11.20
C GLU A 54 8.73 -3.25 -11.83
N ILE A 55 7.92 -2.62 -10.98
CA ILE A 55 6.82 -1.78 -11.45
C ILE A 55 7.34 -0.60 -12.25
N GLY A 56 8.56 -0.16 -11.94
CA GLY A 56 9.15 0.96 -12.65
C GLY A 56 9.97 1.86 -11.74
N ILE A 57 9.44 2.13 -10.55
CA ILE A 57 10.12 2.98 -9.58
C ILE A 57 11.55 2.49 -9.35
N LEU A 58 12.51 3.21 -9.95
CA LEU A 58 13.92 2.86 -9.79
C LEU A 58 14.55 3.59 -8.62
N ASN A 59 13.99 4.75 -8.29
CA ASN A 59 14.49 5.55 -7.18
C ASN A 59 14.61 4.72 -5.91
N SER A 60 15.84 4.32 -5.57
CA SER A 60 16.08 3.52 -4.39
C SER A 60 15.69 4.29 -3.12
N GLY A 61 16.20 5.50 -2.99
CA GLY A 61 15.91 6.32 -1.83
C GLY A 61 14.41 6.50 -1.62
N HIS A 62 13.66 6.42 -2.71
CA HIS A 62 12.20 6.58 -2.63
C HIS A 62 11.53 5.27 -2.22
N ARG A 63 11.97 4.17 -2.84
CA ARG A 63 11.41 2.85 -2.53
C ARG A 63 11.44 2.59 -1.03
N GLN A 64 12.56 2.91 -0.39
CA GLN A 64 12.70 2.70 1.05
C GLN A 64 11.56 3.35 1.81
N ARG A 65 11.19 4.56 1.40
CA ARG A 65 10.10 5.29 2.04
C ARG A 65 8.78 4.55 1.89
N ILE A 66 8.59 3.91 0.74
CA ILE A 66 7.37 3.16 0.47
C ILE A 66 7.32 1.89 1.30
N LEU A 67 8.45 1.19 1.39
CA LEU A 67 8.53 -0.05 2.15
C LEU A 67 8.00 0.15 3.57
N GLN A 68 8.49 1.19 4.24
CA GLN A 68 8.06 1.49 5.60
C GLN A 68 6.54 1.58 5.69
N ALA A 69 5.94 2.31 4.75
CA ALA A 69 4.49 2.47 4.72
C ALA A 69 3.79 1.13 4.61
N ILE A 70 4.29 0.27 3.72
CA ILE A 70 3.71 -1.05 3.52
C ILE A 70 3.93 -1.94 4.73
N GLN A 71 4.97 -1.64 5.50
CA GLN A 71 5.30 -2.41 6.69
C GLN A 71 4.30 -2.12 7.82
N LEU A 72 3.71 -0.93 7.78
CA LEU A 72 2.75 -0.52 8.80
C LEU A 72 1.32 -0.89 8.37
N LEU A 73 1.11 -0.97 7.06
CA LEU A 73 -0.20 -1.32 6.52
C LEU A 73 -0.74 -2.59 7.17
N PRO A 74 -2.07 -2.76 7.10
CA PRO A 74 -2.74 -3.93 7.67
C PRO A 74 -2.42 -5.22 6.90
N SER A 75 -2.41 -6.33 7.62
CA SER A 75 -2.11 -7.63 7.01
C SER A 75 -3.31 -8.57 7.14
N GLY A 76 -4.09 -8.39 8.19
CA GLY A 76 -5.25 -9.24 8.42
C GLY A 76 -6.47 -8.44 8.84
N PRO A 77 -7.52 -9.15 9.29
CA PRO A 77 -8.77 -8.52 9.73
C PRO A 77 -8.60 -7.74 11.04
N SER A 78 -7.73 -8.25 11.91
CA SER A 78 -7.49 -7.60 13.19
C SER A 78 -7.13 -6.14 13.01
N SER A 79 -7.08 -5.40 14.12
CA SER A 79 -6.76 -3.98 14.08
C SER A 79 -6.15 -3.53 15.40
N GLY A 80 -5.72 -2.27 15.44
CA GLY A 80 -5.12 -1.73 16.65
C GLY A 80 -5.07 -0.22 16.66
N GLY A 1 -11.99 0.28 29.94
CA GLY A 1 -12.38 -1.05 30.38
C GLY A 1 -11.75 -2.15 29.55
N SER A 2 -12.09 -3.39 29.86
CA SER A 2 -11.55 -4.55 29.14
C SER A 2 -12.62 -5.19 28.26
N SER A 3 -13.60 -4.39 27.85
CA SER A 3 -14.68 -4.88 27.01
C SER A 3 -14.57 -4.33 25.59
N GLY A 4 -14.06 -5.17 24.69
CA GLY A 4 -13.91 -4.75 23.30
C GLY A 4 -13.51 -5.90 22.39
N SER A 5 -14.25 -6.06 21.30
CA SER A 5 -13.97 -7.14 20.35
C SER A 5 -14.46 -6.77 18.96
N SER A 6 -15.76 -6.54 18.83
CA SER A 6 -16.35 -6.18 17.55
C SER A 6 -16.85 -4.73 17.56
N GLY A 7 -16.56 -4.00 16.49
CA GLY A 7 -16.98 -2.62 16.40
C GLY A 7 -17.30 -2.19 14.99
N PRO A 8 -17.68 -0.92 14.81
CA PRO A 8 -18.02 -0.37 13.50
C PRO A 8 -16.80 -0.23 12.59
N ARG A 9 -15.62 -0.25 13.19
CA ARG A 9 -14.38 -0.12 12.44
C ARG A 9 -14.31 1.23 11.73
N CYS A 10 -13.12 1.59 11.27
CA CYS A 10 -12.92 2.85 10.58
C CYS A 10 -12.79 2.63 9.07
N PRO A 11 -13.00 3.71 8.30
CA PRO A 11 -12.91 3.66 6.84
C PRO A 11 -11.49 3.47 6.34
N VAL A 12 -11.21 2.30 5.76
CA VAL A 12 -9.89 2.00 5.24
C VAL A 12 -9.43 3.05 4.25
N GLN A 13 -8.14 3.37 4.28
CA GLN A 13 -7.57 4.36 3.37
C GLN A 13 -7.39 3.78 1.98
N THR A 14 -7.22 4.66 0.99
CA THR A 14 -7.02 4.24 -0.39
C THR A 14 -5.60 4.50 -0.86
N VAL A 15 -5.21 3.85 -1.95
CA VAL A 15 -3.87 4.02 -2.50
C VAL A 15 -3.54 5.49 -2.71
N GLY A 16 -4.51 6.24 -3.24
CA GLY A 16 -4.30 7.65 -3.49
C GLY A 16 -3.86 8.40 -2.25
N GLN A 17 -4.73 8.44 -1.25
CA GLN A 17 -4.43 9.14 0.01
C GLN A 17 -3.21 8.52 0.68
N TRP A 18 -3.06 7.21 0.53
CA TRP A 18 -1.94 6.50 1.13
C TRP A 18 -0.61 7.09 0.66
N LEU A 19 -0.51 7.36 -0.62
CA LEU A 19 0.71 7.92 -1.20
C LEU A 19 0.89 9.37 -0.76
N GLU A 20 -0.20 10.12 -0.72
CA GLU A 20 -0.16 11.52 -0.32
C GLU A 20 0.43 11.66 1.08
N SER A 21 0.29 10.62 1.88
CA SER A 21 0.80 10.62 3.25
C SER A 21 2.32 10.57 3.26
N ILE A 22 2.88 9.48 2.75
CA ILE A 22 4.32 9.30 2.69
C ILE A 22 5.00 10.50 2.03
N GLY A 23 4.30 11.10 1.07
CA GLY A 23 4.85 12.24 0.36
C GLY A 23 5.38 11.89 -1.00
N LEU A 24 4.63 11.08 -1.74
CA LEU A 24 5.04 10.66 -3.08
C LEU A 24 3.82 10.40 -3.96
N PRO A 25 3.10 11.47 -4.30
CA PRO A 25 1.90 11.39 -5.14
C PRO A 25 2.23 11.04 -6.59
N GLN A 26 3.47 11.32 -6.99
CA GLN A 26 3.91 11.04 -8.35
C GLN A 26 3.70 9.57 -8.69
N TYR A 27 3.70 8.72 -7.67
CA TYR A 27 3.51 7.29 -7.86
C TYR A 27 2.05 6.90 -7.68
N GLU A 28 1.14 7.76 -8.14
CA GLU A 28 -0.29 7.51 -8.03
C GLU A 28 -0.79 6.68 -9.21
N ASN A 29 -0.18 6.89 -10.37
CA ASN A 29 -0.56 6.16 -11.58
C ASN A 29 0.28 4.90 -11.74
N HIS A 30 1.49 4.91 -11.18
CA HIS A 30 2.38 3.77 -11.26
C HIS A 30 1.71 2.51 -10.73
N LEU A 31 1.20 2.59 -9.51
CA LEU A 31 0.52 1.45 -8.88
C LEU A 31 -0.80 1.15 -9.59
N MET A 32 -1.63 2.18 -9.74
CA MET A 32 -2.92 2.01 -10.40
C MET A 32 -2.76 1.36 -11.76
N ALA A 33 -1.61 1.59 -12.39
CA ALA A 33 -1.33 1.03 -13.71
C ALA A 33 -0.93 -0.45 -13.60
N ASN A 34 0.05 -0.72 -12.75
CA ASN A 34 0.53 -2.09 -12.54
C ASN A 34 -0.63 -3.01 -12.16
N GLY A 35 -1.66 -2.44 -11.55
CA GLY A 35 -2.80 -3.23 -11.14
C GLY A 35 -2.92 -3.34 -9.64
N PHE A 36 -2.44 -2.32 -8.93
CA PHE A 36 -2.50 -2.30 -7.47
C PHE A 36 -3.53 -1.29 -6.98
N ASP A 37 -4.77 -1.74 -6.80
CA ASP A 37 -5.84 -0.87 -6.33
C ASP A 37 -6.26 -1.25 -4.91
N ASN A 38 -5.33 -1.83 -4.16
CA ASN A 38 -5.61 -2.24 -2.79
C ASN A 38 -4.73 -1.47 -1.81
N VAL A 39 -5.03 -1.60 -0.52
CA VAL A 39 -4.27 -0.92 0.52
C VAL A 39 -3.90 -1.87 1.64
N GLN A 40 -4.85 -2.72 2.03
CA GLN A 40 -4.63 -3.69 3.09
C GLN A 40 -3.91 -4.93 2.57
N PHE A 41 -4.08 -5.20 1.28
CA PHE A 41 -3.45 -6.36 0.65
C PHE A 41 -1.96 -6.11 0.42
N MET A 42 -1.61 -4.84 0.28
CA MET A 42 -0.21 -4.46 0.05
C MET A 42 0.69 -5.01 1.14
N GLY A 43 0.12 -5.23 2.32
CA GLY A 43 0.89 -5.75 3.44
C GLY A 43 0.71 -7.25 3.60
N SER A 44 1.12 -8.01 2.60
CA SER A 44 1.01 -9.47 2.64
C SER A 44 1.67 -10.09 1.42
N ASN A 45 2.99 -10.23 1.47
CA ASN A 45 3.74 -10.82 0.37
C ASN A 45 3.41 -10.14 -0.95
N VAL A 46 3.66 -8.83 -1.02
CA VAL A 46 3.38 -8.06 -2.22
C VAL A 46 3.88 -6.63 -2.09
N MET A 47 4.23 -6.02 -3.22
CA MET A 47 4.73 -4.65 -3.23
C MET A 47 6.04 -4.54 -2.45
N GLU A 48 6.80 -5.63 -2.42
CA GLU A 48 8.07 -5.66 -1.72
C GLU A 48 9.07 -4.69 -2.36
N ASP A 49 10.29 -4.69 -1.84
CA ASP A 49 11.34 -3.81 -2.37
C ASP A 49 11.57 -4.07 -3.85
N GLN A 50 11.86 -5.33 -4.20
CA GLN A 50 12.11 -5.70 -5.58
C GLN A 50 10.91 -5.36 -6.46
N ASP A 51 9.72 -5.58 -5.93
CA ASP A 51 8.49 -5.29 -6.67
C ASP A 51 8.42 -3.81 -7.04
N LEU A 52 8.93 -2.96 -6.16
CA LEU A 52 8.92 -1.51 -6.39
C LEU A 52 9.89 -1.14 -7.52
N LEU A 53 10.91 -1.96 -7.70
CA LEU A 53 11.90 -1.72 -8.73
C LEU A 53 11.42 -2.23 -10.09
N GLU A 54 10.56 -3.25 -10.05
CA GLU A 54 10.01 -3.83 -11.27
C GLU A 54 8.88 -2.98 -11.83
N ILE A 55 8.04 -2.47 -10.95
CA ILE A 55 6.91 -1.64 -11.36
C ILE A 55 7.39 -0.41 -12.13
N GLY A 56 8.63 0.01 -11.86
CA GLY A 56 9.18 1.16 -12.54
C GLY A 56 9.99 2.04 -11.61
N ILE A 57 9.47 2.28 -10.41
CA ILE A 57 10.16 3.11 -9.43
C ILE A 57 11.59 2.65 -9.22
N LEU A 58 12.55 3.38 -9.79
CA LEU A 58 13.95 3.04 -9.66
C LEU A 58 14.59 3.76 -8.47
N ASN A 59 14.05 4.92 -8.14
CA ASN A 59 14.56 5.71 -7.02
C ASN A 59 14.61 4.87 -5.75
N SER A 60 15.82 4.43 -5.39
CA SER A 60 16.01 3.61 -4.20
C SER A 60 15.58 4.37 -2.95
N GLY A 61 15.96 5.63 -2.86
CA GLY A 61 15.60 6.45 -1.71
C GLY A 61 14.11 6.43 -1.44
N HIS A 62 13.31 6.21 -2.48
CA HIS A 62 11.86 6.16 -2.34
C HIS A 62 11.39 4.74 -2.04
N ARG A 63 11.96 3.78 -2.76
CA ARG A 63 11.58 2.38 -2.57
C ARG A 63 11.70 1.98 -1.11
N GLN A 64 12.64 2.60 -0.39
CA GLN A 64 12.86 2.30 1.01
C GLN A 64 11.75 2.92 1.87
N ARG A 65 11.32 4.12 1.50
CA ARG A 65 10.27 4.81 2.24
C ARG A 65 8.93 4.12 2.06
N ILE A 66 8.64 3.69 0.84
CA ILE A 66 7.39 3.01 0.53
C ILE A 66 7.27 1.71 1.32
N LEU A 67 8.38 0.99 1.43
CA LEU A 67 8.40 -0.28 2.16
C LEU A 67 7.82 -0.11 3.56
N GLN A 68 8.34 0.88 4.29
CA GLN A 68 7.87 1.14 5.65
C GLN A 68 6.35 1.31 5.68
N ALA A 69 5.85 2.19 4.82
CA ALA A 69 4.41 2.45 4.75
C ALA A 69 3.63 1.16 4.51
N ILE A 70 4.14 0.32 3.61
CA ILE A 70 3.50 -0.95 3.29
C ILE A 70 3.59 -1.92 4.47
N GLN A 71 4.61 -1.74 5.30
CA GLN A 71 4.81 -2.59 6.45
C GLN A 71 3.86 -2.21 7.58
N LEU A 72 3.56 -0.92 7.69
CA LEU A 72 2.67 -0.42 8.73
C LEU A 72 1.22 -0.70 8.38
N LEU A 73 0.93 -0.81 7.08
CA LEU A 73 -0.42 -1.08 6.61
C LEU A 73 -1.01 -2.31 7.32
N PRO A 74 -2.35 -2.40 7.31
CA PRO A 74 -3.06 -3.52 7.94
C PRO A 74 -2.85 -4.83 7.19
N SER A 75 -2.44 -5.86 7.92
CA SER A 75 -2.21 -7.18 7.32
C SER A 75 -3.15 -8.21 7.92
N GLY A 76 -3.35 -8.13 9.23
CA GLY A 76 -4.24 -9.07 9.89
C GLY A 76 -3.87 -9.26 11.35
N PRO A 77 -4.66 -10.08 12.07
CA PRO A 77 -4.44 -10.36 13.48
C PRO A 77 -3.19 -11.21 13.72
N SER A 78 -2.96 -12.16 12.84
CA SER A 78 -1.80 -13.04 12.95
C SER A 78 -0.64 -12.53 12.10
N SER A 79 0.35 -11.93 12.75
CA SER A 79 1.51 -11.39 12.06
C SER A 79 2.72 -11.31 13.00
N GLY A 80 3.89 -11.05 12.44
CA GLY A 80 5.10 -10.95 13.23
C GLY A 80 5.45 -9.52 13.57
#